data_4UTA
#
_entry.id   4UTA
#
_cell.length_a   59.657
_cell.length_b   191.342
_cell.length_c   203.663
_cell.angle_alpha   90.00
_cell.angle_beta   90.00
_cell.angle_gamma   90.00
#
_symmetry.space_group_name_H-M   'P 21 21 21'
#
loop_
_entity.id
_entity.type
_entity.pdbx_description
1 polymer 'ENVELOPE GLYCOPROTEIN E'
2 polymer 'BROADLY NEUTRALIZING HUMAN ANTIBODY EDE1 C8 HEAVY CHAIN'
3 polymer 'BROADLY NEUTRALIZING HUMAN ANTIBODY EDE1 C8 LIGHT CHAIN'
4 branched beta-D-mannopyranose-(1-4)-2-acetamido-2-deoxy-beta-D-glucopyranose-(1-4)-[alpha-L-fucopyranose-(1-6)]2-acetamido-2-deoxy-beta-D-glucopyranose
5 branched alpha-D-mannopyranose-(1-3)-[alpha-D-mannopyranose-(1-6)]beta-D-mannopyranose-(1-4)-2-acetamido-2-deoxy-beta-D-glucopyranose-(1-4)-[alpha-L-fucopyranose-(1-6)]2-acetamido-2-deoxy-beta-D-glucopyranose
6 water water
#
loop_
_entity_poly.entity_id
_entity_poly.type
_entity_poly.pdbx_seq_one_letter_code
_entity_poly.pdbx_strand_id
1 'polypeptide(L)'
;MRCIGISNRDFVEGVSGGSWVDIVLEHGSCVTTMAKNKPTLDFELIKTEAKQPATLRKYCIEAKLTNTTTESRCPTQGEP
SLNEEQDKRFICKHSMVDRGWGNGCGLFGKGGIVTCAKFTCKKNMEGKIVQPENLEYTIVITPHSGEEHAVGNDTGKHGK
EIKITPQSSTTEAELTGYGTVTMECSPRTGLDFNEMVLLQMEDKAWLVHRQWFLDLPLPWLPGADTQGSNWIQKETLVTF
KNPHAKKQDVVVLGSQEGAMHTALTGATEIQMSSGNLLFTGHLKCRLRMDKLQLKGMSYSMCTGKFKIVKEIAETQHGTI
VIRVQYEGDGSPCKIPFEITDLEKRHVLGRLITVNPIVTEKDSPVNIEAEPPFGDSYIIVGVEPGQLKLNWLRPLESRGP
FEGKPIPNPLLGLDSTRTGHHHHHH
;
A,B
2 'polypeptide(L)'
;EVQLVESGGGLVQPGGSLRLSCSASGFTFSTYSMHWVRQAPGKGLEYVSAITGEGDSAFYADSVKGRFTISRDNSKNTLY
FEMNSLRPEDTAVYYCVGGYSNFYYYYTMDVWGQGTTVTVSSASTKGPSVFPLAPSSKSTSGGTAALGCLVKDYFPEPVT
VSWNSGALTSGVHTFPAVLQSSGLYSLSSVVTVPSSSLGTQTYICNVNHKPSNTKVDKRVEPKSCDKTHTCPPCPLEDDD
DKAGWSHPQFEKGGGSGGGSGGGSWSHPQFEK
;
H,I
3 'polypeptide(L)'
;RSEIVLTQSPATLSLSPGERATLSCRASQSISTFLAWYQHKPGQAPRLLIYDASTRATGVPARFSGSRSGTDFTLTISTL
EPEDFAVYYCQQRYNWPPYTFGQGTKVEIKRTVAAPSVFIFPPSDEQLKSGTASVVCLLNNFYPREAKVQWKVDNALQSG
NSQESVTEQDSKDSTYSLSSTLTLSKADYEKHKVYACEVTHQGLSSPVTKSFNRGEC
;
L,M
#
# COMPACT_ATOMS: atom_id res chain seq x y z
N MET A 1 -20.11 -45.08 -8.77
CA MET A 1 -18.69 -45.44 -8.68
C MET A 1 -17.98 -44.47 -7.74
N ARG A 2 -18.70 -43.41 -7.32
CA ARG A 2 -18.22 -42.35 -6.46
C ARG A 2 -17.90 -42.84 -5.06
N CYS A 3 -18.73 -43.72 -4.53
CA CYS A 3 -18.59 -44.30 -3.20
C CYS A 3 -17.33 -45.07 -2.99
N ILE A 4 -16.80 -45.68 -4.07
CA ILE A 4 -15.56 -46.47 -3.97
C ILE A 4 -14.44 -45.54 -3.49
N GLY A 5 -14.01 -45.73 -2.25
CA GLY A 5 -12.95 -44.92 -1.69
C GLY A 5 -13.38 -44.05 -0.52
N ILE A 6 -14.69 -43.88 -0.36
CA ILE A 6 -15.34 -43.12 0.71
C ILE A 6 -15.53 -44.10 1.85
N SER A 7 -15.00 -43.73 3.04
CA SER A 7 -15.10 -44.54 4.24
C SER A 7 -16.53 -44.62 4.74
N ASN A 8 -17.25 -43.48 4.80
CA ASN A 8 -18.62 -43.49 5.29
C ASN A 8 -19.56 -43.89 4.18
N ARG A 9 -19.54 -45.18 3.87
CA ARG A 9 -20.34 -45.78 2.80
C ARG A 9 -21.29 -46.89 3.30
N ASP A 10 -22.54 -46.89 2.77
CA ASP A 10 -23.57 -47.87 3.12
C ASP A 10 -23.95 -48.68 1.87
N PHE A 11 -24.17 -49.98 2.06
CA PHE A 11 -24.60 -50.88 1.00
C PHE A 11 -26.05 -51.26 1.28
N VAL A 12 -26.94 -50.58 0.60
CA VAL A 12 -28.35 -50.85 0.74
C VAL A 12 -28.80 -51.78 -0.39
N GLU A 13 -29.38 -52.94 -0.02
CA GLU A 13 -29.90 -53.86 -1.01
C GLU A 13 -31.40 -54.01 -0.88
N GLY A 14 -32.06 -53.87 -2.02
CA GLY A 14 -33.51 -53.98 -2.13
C GLY A 14 -33.92 -55.43 -2.24
N VAL A 15 -34.85 -55.87 -1.34
CA VAL A 15 -35.40 -57.24 -1.24
C VAL A 15 -36.05 -57.67 -2.56
N SER A 16 -35.49 -58.75 -3.19
CA SER A 16 -35.95 -59.34 -4.47
C SER A 16 -37.48 -59.57 -4.47
N GLY A 17 -38.17 -58.63 -5.09
CA GLY A 17 -39.62 -58.57 -5.18
C GLY A 17 -40.05 -57.13 -5.08
N GLY A 18 -39.77 -56.52 -3.92
CA GLY A 18 -40.08 -55.11 -3.64
C GLY A 18 -39.23 -54.12 -4.42
N SER A 19 -39.89 -53.33 -5.31
CA SER A 19 -39.29 -52.29 -6.17
C SER A 19 -38.61 -51.19 -5.36
N TRP A 20 -39.30 -50.72 -4.28
CA TRP A 20 -38.81 -49.70 -3.37
C TRP A 20 -37.59 -50.16 -2.56
N VAL A 21 -36.77 -49.18 -2.18
CA VAL A 21 -35.60 -49.34 -1.34
C VAL A 21 -35.36 -48.05 -0.59
N ASP A 22 -35.29 -48.12 0.74
CA ASP A 22 -35.11 -46.94 1.58
C ASP A 22 -33.64 -46.64 1.87
N ILE A 23 -33.19 -45.39 1.59
CA ILE A 23 -31.81 -44.92 1.82
C ILE A 23 -31.74 -43.64 2.66
N VAL A 24 -30.60 -43.40 3.34
CA VAL A 24 -30.40 -42.19 4.15
C VAL A 24 -29.17 -41.43 3.67
N LEU A 25 -29.40 -40.28 3.05
CA LEU A 25 -28.30 -39.47 2.55
C LEU A 25 -27.96 -38.33 3.52
N GLU A 26 -26.69 -38.08 3.74
CA GLU A 26 -26.17 -36.99 4.56
C GLU A 26 -24.82 -36.53 4.00
N HIS A 27 -24.29 -35.40 4.48
CA HIS A 27 -23.01 -34.91 3.99
C HIS A 27 -21.87 -35.79 4.47
N GLY A 28 -20.94 -36.02 3.56
CA GLY A 28 -19.78 -36.87 3.82
C GLY A 28 -20.10 -38.35 3.94
N SER A 29 -21.25 -38.75 3.41
CA SER A 29 -21.76 -40.10 3.37
C SER A 29 -22.19 -40.41 1.95
N CYS A 30 -21.80 -41.59 1.49
CA CYS A 30 -22.12 -42.12 0.18
C CYS A 30 -22.98 -43.37 0.36
N VAL A 31 -23.88 -43.68 -0.60
CA VAL A 31 -24.74 -44.87 -0.52
C VAL A 31 -24.74 -45.68 -1.82
N THR A 32 -24.51 -47.01 -1.71
CA THR A 32 -24.51 -47.93 -2.84
C THR A 32 -25.78 -48.79 -2.79
N THR A 33 -26.59 -48.73 -3.86
CA THR A 33 -27.84 -49.49 -3.95
C THR A 33 -27.79 -50.56 -5.01
N MET A 34 -28.29 -51.73 -4.63
CA MET A 34 -28.35 -52.91 -5.49
C MET A 34 -29.71 -53.56 -5.41
N ALA A 35 -30.12 -54.20 -6.52
CA ALA A 35 -31.39 -54.91 -6.67
C ALA A 35 -31.21 -55.91 -7.77
N LYS A 36 -31.95 -57.05 -7.68
CA LYS A 36 -31.91 -58.14 -8.66
C LYS A 36 -32.23 -57.63 -10.07
N ASN A 37 -31.29 -57.81 -11.01
CA ASN A 37 -31.36 -57.45 -12.44
C ASN A 37 -31.58 -55.94 -12.66
N LYS A 38 -31.03 -55.13 -11.74
CA LYS A 38 -31.08 -53.68 -11.79
C LYS A 38 -29.67 -53.13 -11.61
N PRO A 39 -29.34 -51.97 -12.24
CA PRO A 39 -27.98 -51.44 -12.13
C PRO A 39 -27.63 -51.00 -10.71
N THR A 40 -26.36 -51.14 -10.35
CA THR A 40 -25.91 -50.69 -9.04
C THR A 40 -25.68 -49.16 -9.12
N LEU A 41 -26.26 -48.42 -8.16
CA LEU A 41 -26.17 -46.97 -8.14
C LEU A 41 -25.55 -46.41 -6.89
N ASP A 42 -24.85 -45.27 -7.08
CA ASP A 42 -24.17 -44.53 -6.02
C ASP A 42 -24.80 -43.16 -5.80
N PHE A 43 -25.24 -42.90 -4.58
CA PHE A 43 -25.88 -41.65 -4.16
C PHE A 43 -25.04 -40.86 -3.15
N GLU A 44 -24.98 -39.54 -3.31
CA GLU A 44 -24.29 -38.62 -2.43
C GLU A 44 -25.03 -37.29 -2.34
N LEU A 45 -25.17 -36.73 -1.12
CA LEU A 45 -25.74 -35.41 -0.90
C LEU A 45 -24.56 -34.42 -1.03
N ILE A 46 -24.51 -33.70 -2.14
CA ILE A 46 -23.48 -32.79 -2.59
C ILE A 46 -23.62 -31.37 -2.00
N LYS A 47 -24.85 -30.84 -1.85
CA LYS A 47 -25.05 -29.52 -1.24
C LYS A 47 -26.46 -29.30 -0.72
N THR A 48 -26.54 -28.56 0.38
CA THR A 48 -27.73 -28.11 1.05
C THR A 48 -27.62 -26.58 0.92
N GLU A 49 -28.71 -25.87 0.48
CA GLU A 49 -28.74 -24.42 0.25
C GLU A 49 -30.05 -23.78 0.74
N ALA A 50 -29.97 -22.62 1.43
CA ALA A 50 -31.15 -21.90 1.90
C ALA A 50 -31.45 -20.84 0.87
N LYS A 51 -32.57 -21.01 0.15
CA LYS A 51 -32.93 -20.10 -0.93
C LYS A 51 -33.99 -19.13 -0.45
N GLN A 52 -34.09 -17.99 -1.18
CA GLN A 52 -35.02 -16.89 -0.82
C GLN A 52 -34.79 -16.50 0.67
N PRO A 53 -33.53 -16.10 1.06
CA PRO A 53 -33.32 -15.76 2.47
C PRO A 53 -33.59 -14.29 2.72
N ALA A 54 -34.49 -14.01 3.65
CA ALA A 54 -34.79 -12.62 3.90
C ALA A 54 -33.91 -12.13 5.02
N THR A 55 -32.96 -11.20 4.73
CA THR A 55 -32.08 -10.59 5.71
C THR A 55 -32.95 -9.90 6.74
N LEU A 56 -32.83 -10.30 7.99
CA LEU A 56 -33.62 -9.69 9.06
C LEU A 56 -32.94 -8.38 9.51
N ARG A 57 -31.66 -8.47 9.80
CA ARG A 57 -30.86 -7.38 10.34
C ARG A 57 -29.40 -7.74 10.10
N LYS A 58 -28.58 -6.73 9.89
CA LYS A 58 -27.15 -6.88 9.66
C LYS A 58 -26.42 -6.08 10.78
N TYR A 59 -25.49 -6.72 11.52
CA TYR A 59 -24.79 -6.09 12.64
C TYR A 59 -23.34 -5.78 12.39
N CYS A 60 -22.84 -4.68 12.95
CA CYS A 60 -21.42 -4.34 12.88
C CYS A 60 -20.66 -4.94 14.05
N ILE A 61 -19.61 -5.70 13.75
CA ILE A 61 -18.81 -6.37 14.79
C ILE A 61 -17.40 -5.73 14.94
N GLU A 62 -16.95 -5.00 13.93
CA GLU A 62 -15.70 -4.26 13.94
C GLU A 62 -15.88 -2.95 13.18
N ALA A 63 -15.60 -1.82 13.84
CA ALA A 63 -15.76 -0.50 13.23
C ALA A 63 -14.51 0.36 13.26
N LYS A 64 -14.52 1.46 12.51
CA LYS A 64 -13.42 2.42 12.45
C LYS A 64 -13.96 3.84 12.43
N LEU A 65 -13.34 4.70 13.26
CA LEU A 65 -13.73 6.11 13.32
C LEU A 65 -12.71 6.93 12.59
N THR A 66 -13.19 7.72 11.63
CA THR A 66 -12.39 8.60 10.76
C THR A 66 -13.02 10.01 10.77
N ASN A 67 -12.42 10.95 10.03
CA ASN A 67 -12.89 12.32 9.84
C ASN A 67 -13.31 13.08 11.13
N THR A 68 -12.55 12.88 12.25
CA THR A 68 -12.90 13.52 13.50
C THR A 68 -12.85 15.04 13.37
N THR A 69 -13.96 15.69 13.74
CA THR A 69 -14.13 17.14 13.67
C THR A 69 -14.75 17.65 14.99
N THR A 70 -14.27 18.81 15.49
CA THR A 70 -14.78 19.42 16.71
C THR A 70 -15.11 20.91 16.51
N GLU A 71 -16.16 21.39 17.19
CA GLU A 71 -16.52 22.80 17.24
C GLU A 71 -16.87 23.16 18.65
N SER A 72 -16.32 24.26 19.12
CA SER A 72 -16.64 24.79 20.45
C SER A 72 -17.16 26.22 20.34
N ARG A 73 -17.72 26.70 21.42
CA ARG A 73 -18.26 28.05 21.58
C ARG A 73 -17.74 28.61 22.86
N CYS A 74 -17.60 29.94 22.91
CA CYS A 74 -17.13 30.58 24.10
C CYS A 74 -18.24 30.60 25.15
N PRO A 75 -17.95 30.73 26.46
CA PRO A 75 -19.05 30.71 27.46
C PRO A 75 -20.11 31.73 27.17
N THR A 76 -21.42 31.39 27.38
CA THR A 76 -22.60 32.23 27.12
C THR A 76 -22.87 32.53 25.62
N GLN A 77 -22.05 31.96 24.71
CA GLN A 77 -22.18 32.20 23.26
C GLN A 77 -23.01 31.10 22.60
N GLY A 78 -23.69 30.30 23.41
CA GLY A 78 -24.57 29.24 22.94
C GLY A 78 -23.91 27.90 22.70
N GLU A 79 -24.67 27.02 22.03
CA GLU A 79 -24.33 25.63 21.69
C GLU A 79 -23.68 25.55 20.30
N PRO A 80 -22.55 24.83 20.15
CA PRO A 80 -21.95 24.70 18.82
C PRO A 80 -22.68 23.67 17.97
N SER A 81 -22.42 23.73 16.66
CA SER A 81 -23.06 22.82 15.73
C SER A 81 -22.17 22.52 14.55
N LEU A 82 -22.21 21.28 14.07
CA LEU A 82 -21.50 20.84 12.88
C LEU A 82 -22.52 20.30 11.94
N ASN A 83 -22.25 20.35 10.63
CA ASN A 83 -23.18 19.84 9.61
C ASN A 83 -23.32 18.32 9.76
N GLU A 84 -22.20 17.69 10.14
CA GLU A 84 -22.01 16.29 10.43
C GLU A 84 -23.08 15.73 11.35
N GLU A 85 -23.66 16.56 12.22
CA GLU A 85 -24.72 16.13 13.13
C GLU A 85 -25.99 15.73 12.39
N GLN A 86 -26.04 16.07 11.10
CA GLN A 86 -27.16 15.76 10.22
C GLN A 86 -26.75 14.65 9.21
N ASP A 87 -25.44 14.31 9.14
CA ASP A 87 -24.92 13.19 8.33
C ASP A 87 -25.11 11.95 9.18
N LYS A 88 -25.88 10.98 8.68
CA LYS A 88 -26.20 9.77 9.41
C LYS A 88 -25.05 8.74 9.45
N ARG A 89 -23.90 9.05 8.86
CA ARG A 89 -22.76 8.13 8.90
C ARG A 89 -21.80 8.60 9.99
N PHE A 90 -22.17 9.69 10.69
CA PHE A 90 -21.38 10.33 11.72
C PHE A 90 -21.96 10.13 13.08
N ILE A 91 -21.08 9.98 14.08
CA ILE A 91 -21.48 9.81 15.50
C ILE A 91 -21.03 11.08 16.21
N CYS A 92 -21.97 11.74 16.89
CA CYS A 92 -21.71 13.02 17.55
C CYS A 92 -22.09 13.04 19.00
N LYS A 93 -21.44 13.94 19.75
CA LYS A 93 -21.70 14.14 21.17
C LYS A 93 -21.33 15.56 21.59
N HIS A 94 -22.22 16.14 22.39
CA HIS A 94 -22.08 17.45 22.98
C HIS A 94 -21.54 17.32 24.40
N SER A 95 -20.60 18.20 24.76
CA SER A 95 -20.04 18.25 26.11
C SER A 95 -19.71 19.69 26.48
N MET A 96 -19.00 19.90 27.60
CA MET A 96 -18.60 21.21 28.10
C MET A 96 -17.13 21.20 28.34
N VAL A 97 -16.45 22.25 27.92
CA VAL A 97 -15.02 22.40 28.19
C VAL A 97 -14.76 23.71 28.94
N ASP A 98 -13.62 23.78 29.64
CA ASP A 98 -13.20 25.01 30.30
C ASP A 98 -12.66 25.92 29.19
N ARG A 99 -13.31 27.08 29.11
CA ARG A 99 -12.95 28.14 28.22
C ARG A 99 -12.47 29.32 29.06
N GLY A 100 -11.69 30.18 28.42
CA GLY A 100 -11.09 31.35 29.02
C GLY A 100 -10.10 32.03 28.10
N TRP A 101 -9.41 33.04 28.66
CA TRP A 101 -8.39 33.84 28.00
C TRP A 101 -7.30 33.07 27.27
N GLY A 102 -6.76 32.02 27.90
CA GLY A 102 -5.67 31.21 27.35
C GLY A 102 -6.05 30.22 26.27
N ASN A 103 -7.35 30.18 25.87
CA ASN A 103 -7.88 29.29 24.83
C ASN A 103 -8.89 30.04 23.93
N GLY A 104 -8.68 31.35 23.84
CA GLY A 104 -9.40 32.24 22.94
C GLY A 104 -10.75 32.83 23.30
N CYS A 105 -11.12 32.88 24.62
CA CYS A 105 -12.39 33.50 25.07
C CYS A 105 -12.17 34.67 25.95
N GLY A 106 -12.95 35.70 25.72
CA GLY A 106 -12.93 36.88 26.59
C GLY A 106 -13.43 36.60 28.02
N LEU A 107 -14.37 35.64 28.18
CA LEU A 107 -14.93 35.24 29.47
C LEU A 107 -14.39 33.88 29.86
N PHE A 108 -14.42 33.57 31.18
CA PHE A 108 -14.01 32.29 31.74
C PHE A 108 -15.26 31.54 32.16
N GLY A 109 -15.40 30.33 31.62
CA GLY A 109 -16.51 29.46 31.96
C GLY A 109 -16.54 28.18 31.18
N LYS A 110 -17.67 27.49 31.22
CA LYS A 110 -17.85 26.24 30.52
C LYS A 110 -18.41 26.51 29.15
N GLY A 111 -17.56 26.36 28.15
CA GLY A 111 -17.95 26.54 26.77
C GLY A 111 -18.38 25.21 26.20
N GLY A 112 -19.50 25.20 25.50
CA GLY A 112 -20.03 24.01 24.84
C GLY A 112 -19.13 23.49 23.75
N ILE A 113 -19.00 22.16 23.66
CA ILE A 113 -18.18 21.48 22.67
C ILE A 113 -19.03 20.45 21.97
N VAL A 114 -18.64 20.06 20.75
CA VAL A 114 -19.27 19.03 19.95
C VAL A 114 -18.23 18.29 19.09
N THR A 115 -18.20 16.95 19.21
CA THR A 115 -17.25 16.11 18.50
C THR A 115 -18.03 15.12 17.65
N CYS A 116 -17.65 15.05 16.35
CA CYS A 116 -18.24 14.19 15.33
C CYS A 116 -17.17 13.37 14.70
N ALA A 117 -17.47 12.08 14.44
CA ALA A 117 -16.55 11.20 13.73
C ALA A 117 -17.33 10.26 12.84
N LYS A 118 -16.70 9.82 11.74
CA LYS A 118 -17.34 8.95 10.76
C LYS A 118 -17.21 7.52 11.11
N PHE A 119 -18.36 6.90 11.40
CA PHE A 119 -18.48 5.48 11.73
C PHE A 119 -18.49 4.62 10.45
N THR A 120 -17.43 3.84 10.26
CA THR A 120 -17.23 2.99 9.09
C THR A 120 -17.14 1.54 9.56
N CYS A 121 -18.01 0.67 9.03
CA CYS A 121 -17.98 -0.73 9.41
C CYS A 121 -16.94 -1.51 8.64
N LYS A 122 -16.14 -2.26 9.36
CA LYS A 122 -15.06 -3.05 8.79
C LYS A 122 -15.47 -4.54 8.65
N LYS A 123 -16.39 -5.03 9.51
CA LYS A 123 -16.78 -6.43 9.48
C LYS A 123 -18.24 -6.57 9.92
N ASN A 124 -19.05 -7.41 9.25
CA ASN A 124 -20.43 -7.58 9.73
C ASN A 124 -20.90 -9.02 9.74
N MET A 125 -22.01 -9.22 10.38
CA MET A 125 -22.72 -10.47 10.42
C MET A 125 -24.14 -10.22 10.03
N GLU A 126 -24.70 -11.07 9.14
CA GLU A 126 -26.10 -10.91 8.79
C GLU A 126 -26.90 -12.09 9.24
N GLY A 127 -28.07 -11.77 9.77
CA GLY A 127 -29.07 -12.71 10.24
C GLY A 127 -30.14 -12.86 9.18
N LYS A 128 -30.41 -14.11 8.78
CA LYS A 128 -31.37 -14.40 7.71
C LYS A 128 -32.51 -15.27 8.15
N ILE A 129 -33.69 -14.91 7.68
CA ILE A 129 -34.90 -15.70 7.94
C ILE A 129 -35.03 -16.63 6.75
N VAL A 130 -35.07 -17.92 7.04
CA VAL A 130 -35.15 -18.94 6.01
C VAL A 130 -36.44 -19.80 6.19
N GLN A 131 -37.17 -20.00 5.09
CA GLN A 131 -38.41 -20.79 5.13
C GLN A 131 -37.99 -22.25 4.95
N PRO A 132 -38.47 -23.18 5.82
CA PRO A 132 -38.03 -24.58 5.73
C PRO A 132 -38.15 -25.21 4.34
N GLU A 133 -39.27 -24.96 3.67
CA GLU A 133 -39.62 -25.40 2.32
C GLU A 133 -38.71 -24.81 1.26
N ASN A 134 -37.90 -23.79 1.58
CA ASN A 134 -37.02 -23.12 0.63
C ASN A 134 -35.57 -23.66 0.69
N LEU A 135 -35.40 -24.75 1.46
CA LEU A 135 -34.16 -25.45 1.66
C LEU A 135 -33.90 -26.42 0.54
N GLU A 136 -33.10 -26.08 -0.41
CA GLU A 136 -32.83 -26.96 -1.54
C GLU A 136 -31.67 -27.95 -1.28
N TYR A 137 -31.89 -29.22 -1.64
CA TYR A 137 -30.89 -30.29 -1.54
C TYR A 137 -30.40 -30.71 -2.91
N THR A 138 -29.13 -31.02 -3.05
CA THR A 138 -28.56 -31.48 -4.31
C THR A 138 -27.95 -32.87 -4.14
N ILE A 139 -28.59 -33.87 -4.74
CA ILE A 139 -28.21 -35.29 -4.74
C ILE A 139 -27.57 -35.64 -6.05
N VAL A 140 -26.47 -36.42 -6.03
CA VAL A 140 -25.77 -36.87 -7.25
C VAL A 140 -25.90 -38.38 -7.38
N ILE A 141 -26.52 -38.84 -8.48
CA ILE A 141 -26.67 -40.27 -8.75
C ILE A 141 -25.65 -40.73 -9.79
N THR A 142 -24.72 -41.59 -9.37
CA THR A 142 -23.70 -42.11 -10.28
C THR A 142 -23.84 -43.62 -10.45
N PRO A 143 -24.16 -44.09 -11.69
CA PRO A 143 -24.27 -45.53 -11.90
C PRO A 143 -22.91 -46.24 -11.92
N HIS A 144 -22.92 -47.54 -11.55
CA HIS A 144 -21.74 -48.42 -11.55
C HIS A 144 -21.52 -48.92 -12.96
N SER A 145 -20.95 -48.02 -13.77
CA SER A 145 -20.64 -48.25 -15.16
C SER A 145 -19.22 -48.79 -15.37
N GLY A 146 -18.46 -49.07 -14.31
CA GLY A 146 -17.07 -49.55 -14.46
C GLY A 146 -16.12 -48.52 -15.03
N GLU A 147 -16.64 -47.41 -15.55
CA GLU A 147 -15.83 -46.36 -16.12
C GLU A 147 -15.33 -45.44 -14.98
N GLU A 148 -14.12 -44.89 -15.11
CA GLU A 148 -13.48 -44.05 -14.07
C GLU A 148 -14.28 -42.75 -13.68
N HIS A 149 -14.18 -42.35 -12.38
CA HIS A 149 -14.72 -41.11 -11.80
C HIS A 149 -13.49 -40.19 -11.57
N LYS A 157 -18.96 -35.18 -8.15
CA LYS A 157 -19.95 -34.24 -8.70
C LYS A 157 -20.15 -34.45 -10.24
N HIS A 158 -20.00 -35.72 -10.73
CA HIS A 158 -19.95 -36.02 -12.16
C HIS A 158 -21.00 -37.03 -12.73
N GLY A 159 -22.06 -37.37 -11.97
CA GLY A 159 -23.21 -38.21 -12.39
C GLY A 159 -24.42 -37.32 -12.70
N LYS A 160 -25.67 -37.83 -12.70
CA LYS A 160 -26.87 -36.97 -12.90
C LYS A 160 -27.23 -36.26 -11.60
N GLU A 161 -27.15 -34.93 -11.62
CA GLU A 161 -27.50 -34.09 -10.48
C GLU A 161 -29.04 -34.01 -10.35
N ILE A 162 -29.57 -33.97 -9.14
CA ILE A 162 -31.00 -33.87 -8.91
C ILE A 162 -31.32 -33.00 -7.68
N LYS A 163 -32.32 -32.12 -7.77
CA LYS A 163 -32.67 -31.18 -6.71
C LYS A 163 -33.99 -31.47 -6.06
N ILE A 164 -34.04 -31.42 -4.76
CA ILE A 164 -35.25 -31.65 -3.99
C ILE A 164 -35.46 -30.54 -2.94
N THR A 165 -36.68 -30.36 -2.47
CA THR A 165 -36.96 -29.38 -1.40
C THR A 165 -38.00 -30.02 -0.50
N PRO A 166 -38.09 -29.72 0.82
CA PRO A 166 -39.16 -30.33 1.65
C PRO A 166 -40.56 -30.36 1.02
N GLN A 167 -40.88 -29.40 0.10
CA GLN A 167 -42.12 -29.36 -0.69
C GLN A 167 -41.99 -30.36 -1.85
N SER A 168 -41.02 -30.08 -2.78
CA SER A 168 -40.77 -30.91 -3.96
C SER A 168 -39.87 -32.10 -3.60
N SER A 169 -40.31 -32.82 -2.56
CA SER A 169 -39.68 -34.00 -1.97
C SER A 169 -39.50 -35.20 -2.95
N THR A 170 -40.43 -35.39 -3.93
CA THR A 170 -40.41 -36.50 -4.89
C THR A 170 -40.05 -36.07 -6.33
N THR A 171 -39.01 -36.71 -6.95
CA THR A 171 -38.50 -36.43 -8.31
C THR A 171 -38.13 -37.71 -9.02
N GLU A 172 -38.44 -37.78 -10.31
CA GLU A 172 -38.10 -38.89 -11.20
C GLU A 172 -36.83 -38.37 -11.88
N ALA A 173 -35.72 -39.13 -11.86
CA ALA A 173 -34.51 -38.68 -12.54
C ALA A 173 -34.06 -39.68 -13.58
N GLU A 174 -33.82 -39.20 -14.80
CA GLU A 174 -33.40 -40.01 -15.94
C GLU A 174 -31.89 -40.16 -16.02
N LEU A 175 -31.42 -41.41 -16.19
CA LEU A 175 -30.01 -41.79 -16.33
C LEU A 175 -29.76 -42.34 -17.73
N THR A 176 -28.93 -41.64 -18.54
CA THR A 176 -28.68 -41.95 -19.95
C THR A 176 -28.08 -43.35 -20.14
N GLY A 177 -28.96 -44.27 -20.53
CA GLY A 177 -28.64 -45.65 -20.81
C GLY A 177 -29.15 -46.63 -19.79
N TYR A 178 -29.76 -46.14 -18.71
CA TYR A 178 -30.25 -47.01 -17.64
C TYR A 178 -31.75 -46.80 -17.35
N GLY A 179 -32.34 -45.78 -17.97
CA GLY A 179 -33.74 -45.45 -17.76
C GLY A 179 -33.93 -44.42 -16.66
N THR A 180 -35.09 -44.44 -16.00
CA THR A 180 -35.41 -43.47 -14.97
C THR A 180 -35.46 -44.10 -13.57
N VAL A 181 -35.22 -43.27 -12.55
CA VAL A 181 -35.26 -43.66 -11.15
C VAL A 181 -36.15 -42.68 -10.38
N THR A 182 -37.15 -43.21 -9.70
CA THR A 182 -38.07 -42.40 -8.92
C THR A 182 -37.50 -42.31 -7.50
N MET A 183 -37.35 -41.07 -6.99
CA MET A 183 -36.82 -40.77 -5.66
C MET A 183 -37.89 -40.04 -4.86
N GLU A 184 -38.31 -40.55 -3.70
CA GLU A 184 -39.35 -39.92 -2.85
C GLU A 184 -38.71 -39.60 -1.47
N CYS A 185 -38.21 -38.36 -1.35
CA CYS A 185 -37.43 -37.89 -0.19
C CYS A 185 -38.23 -37.17 0.85
N SER A 186 -37.96 -37.49 2.11
CA SER A 186 -38.57 -36.89 3.30
C SER A 186 -37.52 -36.06 4.05
N PRO A 187 -37.88 -34.80 4.39
CA PRO A 187 -36.94 -33.93 5.11
C PRO A 187 -36.72 -34.29 6.58
N ARG A 188 -35.46 -34.35 7.04
CA ARG A 188 -35.23 -34.62 8.47
C ARG A 188 -34.12 -33.70 9.00
N THR A 189 -34.39 -32.40 9.11
CA THR A 189 -33.41 -31.42 9.62
C THR A 189 -33.31 -31.52 11.16
N GLY A 190 -32.29 -30.88 11.73
CA GLY A 190 -32.06 -30.89 13.17
C GLY A 190 -32.95 -29.93 13.95
N LEU A 191 -33.03 -28.67 13.51
CA LEU A 191 -33.81 -27.62 14.16
C LEU A 191 -34.83 -27.00 13.19
N ASP A 192 -35.94 -26.57 13.78
CA ASP A 192 -37.03 -25.91 13.10
C ASP A 192 -36.52 -24.50 12.72
N PHE A 193 -36.61 -24.18 11.45
CA PHE A 193 -36.17 -22.89 10.93
C PHE A 193 -37.08 -21.75 11.34
N ASN A 194 -38.20 -22.08 12.00
CA ASN A 194 -39.20 -21.11 12.43
C ASN A 194 -38.85 -20.59 13.81
N GLU A 195 -38.61 -19.28 13.88
CA GLU A 195 -38.18 -18.49 15.05
C GLU A 195 -36.67 -18.59 15.27
N MET A 196 -36.02 -19.27 14.32
CA MET A 196 -34.59 -19.40 14.24
C MET A 196 -34.12 -18.44 13.14
N VAL A 197 -32.93 -17.89 13.34
CA VAL A 197 -32.26 -16.95 12.43
C VAL A 197 -30.94 -17.60 12.07
N LEU A 198 -30.61 -17.62 10.76
CA LEU A 198 -29.36 -18.20 10.27
C LEU A 198 -28.30 -17.10 10.32
N LEU A 199 -27.57 -17.04 11.45
CA LEU A 199 -26.52 -16.06 11.69
C LEU A 199 -25.26 -16.37 10.94
N GLN A 200 -24.97 -15.65 9.89
CA GLN A 200 -23.74 -15.81 9.14
C GLN A 200 -22.70 -14.73 9.43
N MET A 201 -21.55 -15.21 9.90
CA MET A 201 -20.35 -14.44 10.18
C MET A 201 -19.20 -14.94 9.26
N GLU A 202 -18.91 -14.21 8.17
CA GLU A 202 -17.86 -14.57 7.23
C GLU A 202 -18.06 -15.99 6.72
N ASP A 203 -17.19 -16.94 7.18
CA ASP A 203 -17.13 -18.35 6.79
C ASP A 203 -17.71 -19.25 7.86
N LYS A 204 -18.09 -18.68 8.99
CA LYS A 204 -18.74 -19.44 10.05
C LYS A 204 -20.26 -19.10 9.99
N ALA A 205 -21.14 -19.95 10.53
CA ALA A 205 -22.59 -19.75 10.50
C ALA A 205 -23.25 -20.56 11.59
N TRP A 206 -24.41 -20.12 12.09
CA TRP A 206 -25.11 -20.74 13.23
C TRP A 206 -26.59 -20.52 13.09
N LEU A 207 -27.39 -21.24 13.87
CA LEU A 207 -28.82 -21.09 13.85
C LEU A 207 -29.23 -20.70 15.22
N VAL A 208 -29.80 -19.49 15.37
CA VAL A 208 -30.08 -18.91 16.67
C VAL A 208 -31.48 -18.32 16.83
N HIS A 209 -31.93 -18.19 18.09
CA HIS A 209 -33.22 -17.61 18.48
C HIS A 209 -33.38 -16.16 18.04
N ARG A 210 -34.52 -15.86 17.47
CA ARG A 210 -34.87 -14.55 16.93
C ARG A 210 -34.75 -13.43 17.94
N GLN A 211 -35.42 -13.59 19.11
CA GLN A 211 -35.34 -12.56 20.15
C GLN A 211 -33.92 -12.27 20.63
N TRP A 212 -33.10 -13.32 20.82
CA TRP A 212 -31.71 -13.18 21.20
C TRP A 212 -31.00 -12.33 20.14
N PHE A 213 -31.18 -12.71 18.87
CA PHE A 213 -30.59 -12.00 17.77
C PHE A 213 -30.92 -10.52 17.82
N LEU A 214 -32.21 -10.15 17.85
CA LEU A 214 -32.65 -8.74 17.87
C LEU A 214 -32.12 -7.95 19.09
N ASP A 215 -32.01 -8.62 20.25
CA ASP A 215 -31.50 -8.06 21.50
C ASP A 215 -29.94 -7.95 21.62
N LEU A 216 -29.16 -8.16 20.53
CA LEU A 216 -27.70 -8.00 20.55
C LEU A 216 -27.35 -6.53 20.63
N PRO A 217 -26.46 -6.14 21.60
CA PRO A 217 -26.06 -4.72 21.74
C PRO A 217 -24.95 -4.30 20.76
N LEU A 218 -25.30 -4.21 19.48
CA LEU A 218 -24.31 -3.85 18.47
C LEU A 218 -24.93 -2.91 17.44
N PRO A 219 -24.15 -2.11 16.70
CA PRO A 219 -24.76 -1.27 15.68
C PRO A 219 -25.36 -2.14 14.57
N TRP A 220 -26.54 -1.76 14.05
CA TRP A 220 -27.21 -2.56 13.02
C TRP A 220 -27.83 -1.78 11.90
N LEU A 221 -28.14 -2.47 10.80
CA LEU A 221 -28.86 -1.95 9.61
C LEU A 221 -30.06 -2.85 9.39
N PRO A 222 -31.27 -2.30 9.18
CA PRO A 222 -32.43 -3.18 9.04
C PRO A 222 -32.39 -4.01 7.77
N GLY A 223 -33.18 -5.09 7.77
CA GLY A 223 -33.28 -6.00 6.64
C GLY A 223 -33.61 -5.26 5.36
N ALA A 224 -34.48 -4.21 5.48
CA ALA A 224 -34.86 -3.33 4.36
C ALA A 224 -33.59 -2.61 3.77
N ASP A 225 -32.83 -1.93 4.66
CA ASP A 225 -31.58 -1.23 4.30
C ASP A 225 -30.41 -2.19 4.36
N THR A 226 -30.05 -2.76 3.23
CA THR A 226 -28.91 -3.67 3.13
C THR A 226 -27.65 -2.85 2.73
N GLN A 227 -27.80 -2.01 1.69
CA GLN A 227 -26.79 -1.16 1.10
C GLN A 227 -26.24 -0.04 2.02
N GLY A 228 -27.05 0.38 2.98
CA GLY A 228 -26.85 1.50 3.87
C GLY A 228 -25.55 1.61 4.61
N SER A 229 -25.32 2.83 5.10
CA SER A 229 -24.16 3.28 5.87
C SER A 229 -24.64 3.98 7.18
N ASN A 230 -25.97 4.06 7.37
CA ASN A 230 -26.57 4.68 8.54
C ASN A 230 -26.86 3.69 9.66
N TRP A 231 -25.79 3.14 10.21
CA TRP A 231 -25.81 2.17 11.28
C TRP A 231 -26.54 2.68 12.52
N ILE A 232 -27.57 1.98 12.94
CA ILE A 232 -28.36 2.30 14.15
C ILE A 232 -27.55 1.82 15.36
N GLN A 233 -27.71 2.46 16.54
CA GLN A 233 -27.03 2.14 17.79
C GLN A 233 -25.46 2.24 17.70
N LYS A 234 -24.88 3.16 16.83
CA LYS A 234 -23.41 3.31 16.72
C LYS A 234 -22.73 3.39 18.09
N GLU A 235 -23.46 3.93 19.09
CA GLU A 235 -23.10 4.13 20.50
C GLU A 235 -22.54 2.88 21.14
N THR A 236 -23.00 1.71 20.69
CA THR A 236 -22.63 0.42 21.27
C THR A 236 -21.16 0.07 20.99
N LEU A 237 -20.54 0.71 19.99
CA LEU A 237 -19.13 0.48 19.67
C LEU A 237 -18.32 1.79 19.76
N VAL A 238 -18.96 2.89 20.19
CA VAL A 238 -18.31 4.20 20.27
C VAL A 238 -18.45 4.73 21.67
N THR A 239 -17.38 5.42 22.14
CA THR A 239 -17.28 6.01 23.48
C THR A 239 -16.70 7.40 23.43
N PHE A 240 -17.36 8.35 24.12
CA PHE A 240 -16.89 9.71 24.22
C PHE A 240 -16.31 9.96 25.63
N LYS A 241 -15.04 10.42 25.69
CA LYS A 241 -14.35 10.67 26.96
C LYS A 241 -13.94 12.13 27.18
N ASN A 242 -14.44 12.74 28.26
CA ASN A 242 -14.07 14.11 28.63
C ASN A 242 -14.00 14.19 30.14
N PRO A 243 -12.92 13.65 30.75
CA PRO A 243 -12.83 13.63 32.23
C PRO A 243 -12.35 14.91 32.94
N HIS A 244 -11.57 15.78 32.24
CA HIS A 244 -10.97 16.96 32.85
C HIS A 244 -11.48 18.31 32.28
N ALA A 245 -12.54 18.29 31.48
CA ALA A 245 -13.12 19.46 30.81
C ALA A 245 -12.08 20.20 29.97
N LYS A 246 -11.08 19.49 29.48
CA LYS A 246 -10.04 20.07 28.64
C LYS A 246 -10.27 19.66 27.15
N LYS A 247 -10.80 18.43 26.91
CA LYS A 247 -10.93 17.87 25.59
C LYS A 247 -11.90 16.68 25.60
N GLN A 248 -12.64 16.51 24.49
CA GLN A 248 -13.51 15.39 24.31
C GLN A 248 -12.84 14.44 23.32
N ASP A 249 -12.81 13.14 23.67
CA ASP A 249 -12.19 12.11 22.83
C ASP A 249 -13.20 11.10 22.38
N VAL A 250 -13.06 10.67 21.12
CA VAL A 250 -13.94 9.68 20.54
C VAL A 250 -13.15 8.38 20.29
N VAL A 251 -13.61 7.30 20.94
CA VAL A 251 -12.90 6.01 20.88
C VAL A 251 -13.79 4.82 20.41
N VAL A 252 -13.25 4.05 19.45
CA VAL A 252 -13.81 2.81 18.90
C VAL A 252 -13.69 1.72 19.93
N LEU A 253 -14.65 0.81 20.00
CA LEU A 253 -14.66 -0.18 21.06
C LEU A 253 -14.01 -1.52 20.75
N GLY A 254 -13.43 -1.72 19.58
CA GLY A 254 -12.71 -2.97 19.35
C GLY A 254 -13.53 -4.17 18.96
N SER A 255 -12.97 -4.96 18.02
CA SER A 255 -13.64 -6.10 17.40
C SER A 255 -14.34 -7.03 18.34
N GLN A 256 -15.60 -7.31 18.01
CA GLN A 256 -16.51 -8.16 18.77
C GLN A 256 -16.60 -9.54 18.12
N GLU A 257 -15.67 -9.86 17.16
CA GLU A 257 -15.63 -11.09 16.42
C GLU A 257 -15.51 -12.32 17.32
N GLY A 258 -14.43 -12.40 18.09
CA GLY A 258 -14.17 -13.48 19.02
C GLY A 258 -15.19 -13.52 20.14
N ALA A 259 -15.64 -12.31 20.55
CA ALA A 259 -16.66 -12.11 21.59
C ALA A 259 -17.94 -12.81 21.18
N MET A 260 -18.33 -12.60 19.90
CA MET A 260 -19.50 -13.19 19.27
C MET A 260 -19.38 -14.70 19.25
N HIS A 261 -18.22 -15.24 18.76
CA HIS A 261 -17.97 -16.68 18.75
C HIS A 261 -18.21 -17.31 20.13
N THR A 262 -17.72 -16.68 21.19
CA THR A 262 -17.86 -17.16 22.55
C THR A 262 -19.32 -17.13 22.96
N ALA A 263 -20.07 -16.05 22.57
CA ALA A 263 -21.49 -15.91 22.90
C ALA A 263 -22.32 -17.00 22.21
N LEU A 264 -21.83 -17.46 21.03
CA LEU A 264 -22.44 -18.45 20.16
C LEU A 264 -21.98 -19.89 20.46
N THR A 265 -21.48 -20.14 21.68
CA THR A 265 -21.06 -21.49 22.09
C THR A 265 -22.29 -22.44 22.21
N GLY A 266 -23.28 -22.03 23.00
CA GLY A 266 -24.50 -22.81 23.20
C GLY A 266 -25.53 -22.61 22.11
N ALA A 267 -25.05 -22.52 20.86
CA ALA A 267 -25.84 -22.38 19.65
C ALA A 267 -25.48 -23.48 18.67
N THR A 268 -26.45 -23.79 17.79
CA THR A 268 -26.33 -24.80 16.75
C THR A 268 -25.39 -24.29 15.67
N GLU A 269 -24.16 -24.79 15.62
CA GLU A 269 -23.22 -24.33 14.60
C GLU A 269 -23.51 -25.00 13.26
N ILE A 270 -23.32 -24.28 12.16
CA ILE A 270 -23.45 -24.76 10.79
C ILE A 270 -22.09 -24.57 10.11
N GLN A 271 -21.63 -25.59 9.37
CA GLN A 271 -20.32 -25.48 8.73
C GLN A 271 -20.40 -24.91 7.36
N MET A 272 -19.28 -24.36 6.87
CA MET A 272 -19.18 -23.82 5.52
C MET A 272 -17.90 -24.29 4.86
N SER A 273 -17.96 -25.54 4.33
CA SER A 273 -16.89 -26.14 3.54
C SER A 273 -17.16 -25.66 2.12
N SER A 274 -16.14 -25.03 1.51
CA SER A 274 -16.13 -24.46 0.17
C SER A 274 -17.28 -23.43 -0.05
N GLY A 275 -17.40 -22.55 0.95
CA GLY A 275 -18.33 -21.44 1.04
C GLY A 275 -19.80 -21.78 0.97
N ASN A 276 -20.18 -23.05 1.27
CA ASN A 276 -21.59 -23.43 1.24
C ASN A 276 -22.07 -24.13 2.53
N LEU A 277 -23.38 -24.09 2.72
CA LEU A 277 -24.15 -24.54 3.88
C LEU A 277 -24.21 -26.05 4.00
N LEU A 278 -23.36 -26.57 4.87
CA LEU A 278 -23.32 -27.98 5.24
C LEU A 278 -24.16 -28.16 6.54
N PHE A 279 -25.40 -28.67 6.37
CA PHE A 279 -26.43 -28.85 7.42
C PHE A 279 -26.51 -30.25 7.98
N THR A 280 -26.80 -30.31 9.32
CA THR A 280 -26.89 -31.40 10.33
C THR A 280 -27.80 -32.56 9.94
N GLY A 281 -28.88 -32.18 9.27
CA GLY A 281 -29.91 -33.11 8.92
C GLY A 281 -29.52 -34.14 7.88
N HIS A 282 -30.38 -35.13 7.79
CA HIS A 282 -30.27 -36.17 6.79
C HIS A 282 -31.58 -36.23 5.98
N LEU A 283 -31.49 -36.80 4.79
CA LEU A 283 -32.62 -36.93 3.87
C LEU A 283 -32.98 -38.39 3.76
N LYS A 284 -34.15 -38.76 4.29
CA LYS A 284 -34.60 -40.15 4.23
C LYS A 284 -35.39 -40.33 2.94
N CYS A 285 -34.82 -41.03 1.96
CA CYS A 285 -35.50 -41.25 0.68
C CYS A 285 -36.02 -42.65 0.48
N ARG A 286 -36.92 -42.80 -0.48
CA ARG A 286 -37.46 -44.07 -0.94
C ARG A 286 -37.14 -44.11 -2.42
N LEU A 287 -36.69 -45.27 -2.89
CA LEU A 287 -36.25 -45.42 -4.26
C LEU A 287 -36.96 -46.50 -5.01
N ARG A 288 -37.60 -46.12 -6.13
CA ARG A 288 -38.31 -47.03 -7.01
C ARG A 288 -37.46 -47.22 -8.25
N MET A 289 -37.15 -48.48 -8.54
CA MET A 289 -36.24 -48.90 -9.59
C MET A 289 -36.88 -49.71 -10.71
N ASP A 290 -38.23 -49.76 -10.73
CA ASP A 290 -38.98 -50.49 -11.74
C ASP A 290 -38.77 -49.94 -13.16
N LYS A 291 -38.48 -48.64 -13.28
CA LYS A 291 -38.21 -48.01 -14.58
C LYS A 291 -36.72 -48.02 -14.95
N LEU A 292 -35.88 -48.62 -14.08
CA LEU A 292 -34.44 -48.77 -14.30
C LEU A 292 -34.15 -50.08 -15.02
N GLN A 293 -33.15 -50.06 -15.89
CA GLN A 293 -32.73 -51.20 -16.68
C GLN A 293 -31.21 -51.27 -16.82
N LEU A 294 -30.67 -52.49 -16.85
CA LEU A 294 -29.25 -52.76 -17.00
C LEU A 294 -28.77 -52.37 -18.40
N LYS A 295 -27.74 -51.50 -18.50
CA LYS A 295 -27.20 -51.08 -19.81
C LYS A 295 -26.29 -52.17 -20.28
N GLY A 296 -26.92 -53.00 -23.28
CA GLY A 296 -25.97 -53.70 -22.43
C GLY A 296 -26.38 -55.12 -22.06
N MET A 297 -27.63 -55.28 -21.57
CA MET A 297 -28.21 -56.58 -21.26
C MET A 297 -28.48 -57.36 -22.58
N SER A 298 -28.44 -56.64 -23.72
CA SER A 298 -28.63 -57.13 -25.09
C SER A 298 -27.30 -57.44 -25.80
N TYR A 299 -26.16 -56.94 -25.26
CA TYR A 299 -24.83 -57.17 -25.85
C TYR A 299 -24.41 -58.62 -25.68
N SER A 300 -23.54 -59.08 -26.57
CA SER A 300 -23.02 -60.45 -26.54
C SER A 300 -21.80 -60.54 -25.63
N MET A 301 -21.38 -61.76 -25.22
CA MET A 301 -20.24 -62.01 -24.34
C MET A 301 -18.91 -61.73 -25.02
N CYS A 302 -17.95 -61.15 -24.27
CA CYS A 302 -16.62 -60.87 -24.78
C CYS A 302 -15.92 -62.19 -25.06
N THR A 303 -15.22 -62.24 -26.20
CA THR A 303 -14.52 -63.43 -26.67
C THR A 303 -13.02 -63.40 -26.36
N GLY A 304 -12.41 -62.23 -26.54
CA GLY A 304 -10.98 -61.99 -26.34
C GLY A 304 -10.45 -62.17 -24.92
N LYS A 305 -9.17 -61.81 -24.75
CA LYS A 305 -8.47 -61.91 -23.45
C LYS A 305 -8.41 -60.53 -22.78
N PHE A 306 -8.27 -60.55 -21.44
CA PHE A 306 -8.22 -59.35 -20.60
C PHE A 306 -6.87 -59.15 -19.93
N LYS A 307 -6.45 -57.90 -19.77
CA LYS A 307 -5.18 -57.55 -19.13
C LYS A 307 -5.44 -56.82 -17.80
N ILE A 308 -4.55 -57.01 -16.81
CA ILE A 308 -4.67 -56.39 -15.48
C ILE A 308 -3.88 -55.09 -15.43
N VAL A 309 -4.60 -53.98 -15.65
CA VAL A 309 -4.11 -52.59 -15.73
C VAL A 309 -3.50 -52.10 -14.39
N LYS A 310 -4.15 -52.40 -13.28
CA LYS A 310 -3.76 -51.98 -11.93
C LYS A 310 -3.94 -53.19 -11.02
N GLU A 311 -2.97 -53.49 -10.17
CA GLU A 311 -3.06 -54.56 -9.15
C GLU A 311 -4.38 -54.45 -8.32
N ILE A 312 -5.10 -55.56 -8.16
CA ILE A 312 -6.36 -55.67 -7.41
C ILE A 312 -6.19 -55.01 -6.04
N ALA A 313 -7.09 -54.07 -5.71
CA ALA A 313 -7.02 -53.31 -4.47
C ALA A 313 -8.26 -53.51 -3.62
N GLU A 314 -8.10 -53.57 -2.29
CA GLU A 314 -9.23 -53.76 -1.39
C GLU A 314 -9.73 -52.42 -0.83
N THR A 315 -11.06 -52.25 -0.81
CA THR A 315 -11.69 -51.05 -0.26
C THR A 315 -11.85 -51.23 1.22
N GLN A 316 -12.23 -50.14 1.92
CA GLN A 316 -12.41 -50.14 3.37
C GLN A 316 -13.53 -51.11 3.85
N HIS A 317 -14.40 -51.59 2.95
CA HIS A 317 -15.51 -52.45 3.31
C HIS A 317 -15.37 -53.89 2.84
N GLY A 318 -14.11 -54.29 2.65
CA GLY A 318 -13.76 -55.65 2.26
C GLY A 318 -13.90 -55.99 0.79
N THR A 319 -14.62 -55.13 0.04
CA THR A 319 -14.83 -55.32 -1.40
C THR A 319 -13.51 -55.07 -2.15
N ILE A 320 -13.42 -55.57 -3.38
CA ILE A 320 -12.22 -55.41 -4.17
C ILE A 320 -12.52 -54.75 -5.50
N VAL A 321 -11.52 -54.05 -6.04
CA VAL A 321 -11.60 -53.32 -7.30
C VAL A 321 -10.51 -53.80 -8.24
N ILE A 322 -10.95 -54.16 -9.43
CA ILE A 322 -10.12 -54.70 -10.49
C ILE A 322 -10.20 -53.80 -11.70
N ARG A 323 -9.04 -53.29 -12.15
CA ARG A 323 -9.04 -52.49 -13.34
C ARG A 323 -8.42 -53.32 -14.43
N VAL A 324 -9.23 -53.60 -15.48
CA VAL A 324 -8.89 -54.48 -16.62
C VAL A 324 -9.14 -53.82 -17.97
N GLN A 325 -8.32 -54.19 -18.98
CA GLN A 325 -8.42 -53.72 -20.37
C GLN A 325 -8.72 -54.88 -21.32
N GLY A 330 -14.73 -58.03 -30.15
CA GLY A 330 -16.17 -58.10 -29.90
C GLY A 330 -16.87 -56.82 -29.42
N SER A 331 -16.16 -55.96 -28.66
CA SER A 331 -16.63 -54.70 -28.07
C SER A 331 -17.55 -53.83 -28.97
N PRO A 332 -18.69 -53.25 -28.45
CA PRO A 332 -19.19 -53.33 -27.07
C PRO A 332 -19.70 -54.72 -26.70
N CYS A 333 -19.18 -55.27 -25.59
CA CYS A 333 -19.51 -56.61 -25.15
C CYS A 333 -19.52 -56.78 -23.61
N LYS A 334 -20.28 -57.78 -23.10
CA LYS A 334 -20.35 -58.13 -21.67
C LYS A 334 -19.05 -58.85 -21.21
N ILE A 335 -18.40 -58.34 -20.15
CA ILE A 335 -17.19 -58.95 -19.60
C ILE A 335 -17.59 -60.20 -18.80
N PRO A 336 -17.02 -61.39 -19.13
CA PRO A 336 -17.33 -62.59 -18.34
C PRO A 336 -16.58 -62.52 -16.99
N PHE A 337 -17.30 -62.68 -15.89
CA PHE A 337 -16.70 -62.55 -14.56
C PHE A 337 -17.22 -63.58 -13.57
N GLU A 338 -16.32 -64.11 -12.72
CA GLU A 338 -16.66 -65.09 -11.68
C GLU A 338 -15.66 -65.11 -10.53
N ILE A 339 -16.17 -65.34 -9.33
CA ILE A 339 -15.38 -65.46 -8.09
C ILE A 339 -15.65 -66.82 -7.51
N THR A 340 -15.15 -67.85 -8.18
CA THR A 340 -15.32 -69.24 -7.75
C THR A 340 -14.21 -69.64 -6.71
N ASP A 341 -14.31 -70.87 -6.15
CA ASP A 341 -13.40 -71.46 -5.16
C ASP A 341 -11.99 -71.66 -5.71
N VAL A 347 -19.42 -70.97 -7.67
CA VAL A 347 -19.44 -69.51 -7.55
C VAL A 347 -19.53 -69.11 -6.07
N LEU A 348 -18.69 -68.14 -5.61
CA LEU A 348 -18.72 -67.78 -4.19
C LEU A 348 -19.10 -66.32 -3.89
N GLY A 349 -18.23 -65.36 -4.23
CA GLY A 349 -18.51 -63.96 -3.99
C GLY A 349 -19.48 -63.34 -4.98
N ARG A 350 -20.07 -62.16 -4.61
CA ARG A 350 -21.02 -61.39 -5.44
C ARG A 350 -20.39 -60.20 -6.19
N LEU A 351 -21.05 -59.73 -7.24
CA LEU A 351 -20.61 -58.59 -8.02
C LEU A 351 -21.33 -57.31 -7.56
N ILE A 352 -20.56 -56.19 -7.43
CA ILE A 352 -21.13 -54.88 -7.10
C ILE A 352 -21.37 -54.16 -8.41
N THR A 353 -20.34 -54.05 -9.29
CA THR A 353 -20.47 -53.45 -10.63
C THR A 353 -21.18 -54.48 -11.55
N VAL A 354 -22.49 -54.72 -11.33
CA VAL A 354 -23.28 -55.69 -12.10
C VAL A 354 -23.29 -55.38 -13.61
N ASN A 355 -23.37 -56.47 -14.43
CA ASN A 355 -23.35 -56.49 -15.90
C ASN A 355 -22.16 -55.67 -16.43
N PRO A 356 -20.89 -56.05 -16.07
CA PRO A 356 -19.74 -55.28 -16.55
C PRO A 356 -19.61 -55.35 -18.05
N ILE A 357 -19.51 -54.19 -18.73
CA ILE A 357 -19.43 -54.14 -20.19
C ILE A 357 -18.22 -53.34 -20.69
N VAL A 358 -17.74 -53.67 -21.89
CA VAL A 358 -16.63 -52.96 -22.56
C VAL A 358 -17.29 -52.06 -23.56
N THR A 359 -16.79 -50.82 -23.68
CA THR A 359 -17.30 -49.80 -24.57
C THR A 359 -16.32 -49.65 -25.74
N GLU A 360 -15.01 -49.56 -25.42
CA GLU A 360 -13.87 -49.47 -26.33
C GLU A 360 -12.75 -50.31 -25.72
N LYS A 361 -11.95 -51.03 -26.55
CA LYS A 361 -10.81 -51.85 -26.09
C LYS A 361 -9.78 -51.01 -25.32
N ASP A 362 -9.55 -49.77 -25.80
CA ASP A 362 -8.63 -48.75 -25.27
C ASP A 362 -8.96 -48.33 -23.82
N SER A 363 -10.26 -48.11 -23.52
CA SER A 363 -10.75 -47.69 -22.21
C SER A 363 -10.88 -48.86 -21.22
N PRO A 364 -10.06 -48.89 -20.14
CA PRO A 364 -10.17 -49.98 -19.14
C PRO A 364 -11.42 -49.86 -18.30
N VAL A 365 -11.77 -50.96 -17.62
CA VAL A 365 -12.97 -51.07 -16.83
C VAL A 365 -12.61 -51.39 -15.38
N ASN A 366 -13.35 -50.78 -14.47
CA ASN A 366 -13.24 -50.95 -13.04
C ASN A 366 -14.41 -51.80 -12.55
N ILE A 367 -14.09 -52.97 -12.03
CA ILE A 367 -15.12 -53.84 -11.51
C ILE A 367 -14.93 -53.98 -10.04
N GLU A 368 -16.02 -53.73 -9.31
CA GLU A 368 -16.07 -53.85 -7.86
C GLU A 368 -16.89 -55.07 -7.53
N ALA A 369 -16.31 -55.98 -6.73
CA ALA A 369 -16.94 -57.22 -6.31
C ALA A 369 -16.61 -57.51 -4.89
N GLU A 370 -17.49 -58.27 -4.23
CA GLU A 370 -17.30 -58.70 -2.86
C GLU A 370 -16.70 -60.12 -2.85
N PRO A 371 -15.38 -60.28 -2.57
CA PRO A 371 -14.81 -61.63 -2.53
C PRO A 371 -15.26 -62.40 -1.28
N PRO A 372 -15.23 -63.78 -1.29
CA PRO A 372 -15.63 -64.50 -0.08
C PRO A 372 -14.51 -64.52 0.98
N PHE A 373 -14.89 -64.80 2.24
CA PHE A 373 -13.93 -64.89 3.33
C PHE A 373 -12.96 -66.01 3.10
N GLY A 374 -11.67 -65.65 3.12
CA GLY A 374 -10.56 -66.55 2.89
C GLY A 374 -10.09 -66.55 1.45
N ASP A 375 -9.57 -67.70 1.01
CA ASP A 375 -9.04 -67.83 -0.34
C ASP A 375 -10.11 -68.01 -1.38
N SER A 376 -9.93 -67.26 -2.46
CA SER A 376 -10.84 -67.15 -3.59
C SER A 376 -10.09 -67.03 -4.88
N TYR A 377 -10.81 -67.22 -5.99
CA TYR A 377 -10.24 -67.14 -7.33
C TYR A 377 -11.08 -66.19 -8.19
N ILE A 378 -10.44 -65.11 -8.66
CA ILE A 378 -11.09 -64.10 -9.50
C ILE A 378 -10.78 -64.45 -10.93
N ILE A 379 -11.80 -64.94 -11.60
CA ILE A 379 -11.69 -65.34 -12.99
C ILE A 379 -12.43 -64.35 -13.89
N VAL A 380 -11.66 -63.71 -14.75
CA VAL A 380 -12.13 -62.72 -15.70
C VAL A 380 -11.78 -63.23 -17.10
N LEU A 387 -7.91 -65.02 -17.34
CA LEU A 387 -7.25 -64.59 -16.11
C LEU A 387 -7.81 -65.34 -14.91
N LYS A 388 -6.91 -65.96 -14.12
CA LYS A 388 -7.28 -66.71 -12.91
C LYS A 388 -6.50 -66.14 -11.71
N LEU A 389 -6.97 -64.99 -11.20
CA LEU A 389 -6.36 -64.23 -10.11
C LEU A 389 -6.74 -64.77 -8.74
N ASN A 390 -5.89 -64.54 -7.74
CA ASN A 390 -6.11 -65.07 -6.39
C ASN A 390 -6.32 -64.00 -5.33
N TRP A 391 -7.31 -64.22 -4.45
CA TRP A 391 -7.60 -63.31 -3.34
C TRP A 391 -7.61 -64.02 -1.99
N LEU A 392 -7.39 -63.25 -0.90
CA LEU A 392 -7.37 -63.69 0.49
C LEU A 392 -8.09 -62.66 1.38
N ARG A 393 -9.36 -62.89 1.74
CA ARG A 393 -10.11 -61.98 2.60
C ARG A 393 -10.12 -62.53 4.06
N PRO A 394 -9.11 -62.13 4.88
CA PRO A 394 -9.00 -62.63 6.26
C PRO A 394 -10.19 -62.36 7.18
N LEU A 395 -10.40 -63.27 8.17
CA LEU A 395 -11.48 -63.24 9.16
C LEU A 395 -11.68 -61.88 9.85
N MET B 1 -0.21 30.83 38.47
CA MET B 1 -1.14 31.54 37.59
C MET B 1 -1.81 30.56 36.65
N ARG B 2 -1.29 29.30 36.65
CA ARG B 2 -1.78 28.22 35.82
C ARG B 2 -3.22 27.82 36.12
N CYS B 3 -3.60 27.82 37.41
CA CYS B 3 -4.93 27.45 37.85
C CYS B 3 -6.01 28.32 37.34
N ILE B 4 -5.69 29.60 37.05
CA ILE B 4 -6.70 30.55 36.56
C ILE B 4 -7.25 30.04 35.24
N GLY B 5 -8.52 29.60 35.28
CA GLY B 5 -9.19 29.06 34.10
C GLY B 5 -9.52 27.58 34.19
N ILE B 6 -8.92 26.91 35.16
CA ILE B 6 -9.15 25.50 35.41
C ILE B 6 -10.36 25.41 36.34
N SER B 7 -11.41 24.71 35.91
CA SER B 7 -12.61 24.49 36.70
C SER B 7 -12.32 23.61 37.94
N ASN B 8 -11.53 22.50 37.81
CA ASN B 8 -11.27 21.68 38.98
C ASN B 8 -10.11 22.27 39.74
N ARG B 9 -10.40 23.39 40.46
CA ARG B 9 -9.42 24.15 41.20
C ARG B 9 -9.79 24.24 42.70
N ASP B 10 -8.76 24.15 43.58
CA ASP B 10 -8.90 24.24 45.02
C ASP B 10 -8.12 25.42 45.53
N PHE B 11 -8.66 26.14 46.52
CA PHE B 11 -8.01 27.29 47.18
C PHE B 11 -7.67 26.91 48.61
N VAL B 12 -6.47 26.42 48.80
CA VAL B 12 -6.05 25.95 50.09
C VAL B 12 -5.33 27.06 50.80
N GLU B 13 -5.79 27.38 52.02
CA GLU B 13 -5.15 28.41 52.84
C GLU B 13 -4.59 27.84 54.10
N GLY B 14 -3.35 28.23 54.40
CA GLY B 14 -2.61 27.80 55.58
C GLY B 14 -3.18 28.35 56.87
N VAL B 15 -3.44 27.41 57.86
CA VAL B 15 -3.98 27.64 59.23
C VAL B 15 -3.12 28.69 59.95
N SER B 16 -3.78 29.79 60.38
CA SER B 16 -3.19 30.96 61.05
C SER B 16 -2.18 30.59 62.16
N GLY B 17 -0.90 30.53 61.78
CA GLY B 17 0.20 30.18 62.65
C GLY B 17 1.09 29.12 62.03
N GLY B 18 0.50 27.94 61.84
CA GLY B 18 1.13 26.74 61.28
C GLY B 18 1.69 26.90 59.87
N SER B 19 3.02 26.69 59.75
CA SER B 19 3.81 26.79 58.50
C SER B 19 3.32 25.81 57.42
N TRP B 20 3.01 24.55 57.87
CA TRP B 20 2.53 23.48 57.00
C TRP B 20 1.13 23.76 56.47
N VAL B 21 0.85 23.23 55.28
CA VAL B 21 -0.42 23.29 54.59
C VAL B 21 -0.58 22.02 53.74
N ASP B 22 -1.65 21.26 53.97
CA ASP B 22 -1.88 20.01 53.25
C ASP B 22 -2.69 20.23 51.99
N ILE B 23 -2.20 19.70 50.83
CA ILE B 23 -2.86 19.80 49.51
C ILE B 23 -3.03 18.41 48.86
N VAL B 24 -3.95 18.28 47.90
CA VAL B 24 -4.18 17.03 47.17
C VAL B 24 -4.07 17.28 45.67
N LEU B 25 -3.03 16.73 45.05
CA LEU B 25 -2.83 16.92 43.63
C LEU B 25 -3.30 15.71 42.85
N GLU B 26 -3.98 15.91 41.72
CA GLU B 26 -4.43 14.87 40.81
C GLU B 26 -4.44 15.39 39.39
N HIS B 27 -4.56 14.49 38.40
CA HIS B 27 -4.59 14.92 37.01
C HIS B 27 -5.86 15.71 36.69
N GLY B 28 -5.69 16.80 35.94
CA GLY B 28 -6.76 17.71 35.57
C GLY B 28 -7.36 18.52 36.71
N SER B 29 -6.59 18.68 37.78
CA SER B 29 -6.87 19.40 38.99
C SER B 29 -5.67 20.30 39.29
N CYS B 30 -5.97 21.53 39.62
CA CYS B 30 -5.01 22.55 39.96
C CYS B 30 -5.24 22.98 41.40
N VAL B 31 -4.18 23.42 42.12
CA VAL B 31 -4.31 23.87 43.52
C VAL B 31 -3.64 25.23 43.74
N THR B 32 -4.39 26.18 44.35
CA THR B 32 -3.90 27.51 44.68
C THR B 32 -3.68 27.58 46.18
N THR B 33 -2.44 27.90 46.62
CA THR B 33 -2.09 28.00 48.04
C THR B 33 -1.78 29.42 48.44
N MET B 34 -2.29 29.79 49.62
CA MET B 34 -2.12 31.12 50.21
C MET B 34 -1.80 30.99 51.69
N ALA B 35 -1.02 31.94 52.19
CA ALA B 35 -0.60 32.07 53.58
C ALA B 35 -0.27 33.51 53.83
N LYS B 36 -0.51 34.00 55.06
CA LYS B 36 -0.26 35.40 55.46
C LYS B 36 1.19 35.80 55.22
N ASN B 37 1.38 36.84 54.38
CA ASN B 37 2.66 37.44 54.01
C ASN B 37 3.57 36.46 53.27
N LYS B 38 2.94 35.54 52.52
CA LYS B 38 3.63 34.53 51.71
C LYS B 38 3.06 34.59 50.29
N PRO B 39 3.87 34.29 49.26
CA PRO B 39 3.35 34.35 47.89
C PRO B 39 2.31 33.29 47.59
N THR B 40 1.35 33.63 46.71
CA THR B 40 0.35 32.67 46.32
C THR B 40 0.97 31.74 45.24
N LEU B 41 0.83 30.43 45.44
CA LEU B 41 1.40 29.43 44.52
C LEU B 41 0.37 28.51 43.91
N ASP B 42 0.65 28.09 42.66
CA ASP B 42 -0.18 27.20 41.88
C ASP B 42 0.53 25.87 41.62
N PHE B 43 -0.11 24.77 42.03
CA PHE B 43 0.38 23.40 41.88
C PHE B 43 -0.49 22.59 40.91
N GLU B 44 0.15 21.78 40.06
CA GLU B 44 -0.50 20.90 39.12
C GLU B 44 0.35 19.63 38.90
N LEU B 45 -0.29 18.45 38.97
CA LEU B 45 0.32 17.16 38.66
C LEU B 45 0.25 17.01 37.13
N ILE B 46 1.40 17.15 36.48
CA ILE B 46 1.61 17.15 35.04
C ILE B 46 1.79 15.73 34.45
N LYS B 47 2.44 14.81 35.18
CA LYS B 47 2.59 13.43 34.70
C LYS B 47 2.94 12.47 35.82
N THR B 48 2.45 11.25 35.68
CA THR B 48 2.68 10.09 36.54
C THR B 48 3.36 9.11 35.55
N GLU B 49 4.47 8.44 35.94
CA GLU B 49 5.20 7.46 35.11
C GLU B 49 5.63 6.20 35.92
N ALA B 50 5.37 4.96 35.38
CA ALA B 50 5.76 3.72 36.05
C ALA B 50 7.13 3.35 35.51
N LYS B 51 8.16 3.46 36.36
CA LYS B 51 9.51 3.21 35.91
C LYS B 51 9.97 1.80 36.35
N GLN B 52 10.99 1.25 35.63
CA GLN B 52 11.48 -0.09 35.89
C GLN B 52 10.28 -1.10 35.86
N PRO B 53 9.51 -1.20 34.73
CA PRO B 53 8.37 -2.12 34.72
C PRO B 53 8.78 -3.49 34.20
N ALA B 54 8.54 -4.52 35.00
CA ALA B 54 8.93 -5.84 34.58
C ALA B 54 7.77 -6.54 33.93
N THR B 55 7.87 -6.79 32.63
CA THR B 55 6.87 -7.55 31.87
C THR B 55 6.68 -8.94 32.47
N LEU B 56 5.48 -9.24 32.92
CA LEU B 56 5.17 -10.55 33.49
C LEU B 56 4.90 -11.57 32.37
N ARG B 57 4.03 -11.21 31.44
CA ARG B 57 3.53 -12.07 30.36
C ARG B 57 2.92 -11.16 29.32
N LYS B 58 2.99 -11.55 28.08
CA LYS B 58 2.45 -10.82 26.94
C LYS B 58 1.44 -11.74 26.24
N TYR B 59 0.17 -11.27 26.02
CA TYR B 59 -0.88 -12.10 25.40
C TYR B 59 -1.29 -11.66 24.00
N CYS B 60 -1.63 -12.64 23.18
CA CYS B 60 -2.14 -12.36 21.84
C CYS B 60 -3.65 -12.24 21.88
N ILE B 61 -4.18 -11.10 21.35
CA ILE B 61 -5.63 -10.89 21.34
C ILE B 61 -6.20 -11.00 19.88
N GLU B 62 -5.36 -10.85 18.88
CA GLU B 62 -5.73 -11.02 17.48
C GLU B 62 -4.57 -11.71 16.72
N ALA B 63 -4.87 -12.86 16.05
CA ALA B 63 -3.83 -13.59 15.32
C ALA B 63 -4.18 -13.82 13.84
N LYS B 64 -3.17 -14.24 13.05
CA LYS B 64 -3.31 -14.58 11.64
C LYS B 64 -2.54 -15.85 11.32
N LEU B 65 -3.17 -16.74 10.55
CA LEU B 65 -2.49 -17.95 10.11
C LEU B 65 -2.06 -17.78 8.68
N THR B 66 -0.80 -18.06 8.42
CA THR B 66 -0.18 -17.94 7.10
C THR B 66 0.62 -19.23 6.80
N ASN B 67 1.26 -19.30 5.61
CA ASN B 67 2.15 -20.39 5.20
C ASN B 67 1.59 -21.81 5.42
N THR B 68 0.28 -22.02 5.16
CA THR B 68 -0.34 -23.32 5.37
C THR B 68 0.33 -24.34 4.47
N THR B 69 0.72 -25.47 5.08
CA THR B 69 1.38 -26.59 4.42
C THR B 69 0.78 -27.91 4.94
N THR B 70 0.57 -28.87 4.04
CA THR B 70 0.01 -30.17 4.38
C THR B 70 0.85 -31.27 3.76
N GLU B 71 0.92 -32.43 4.44
CA GLU B 71 1.54 -33.64 3.91
C GLU B 71 0.70 -34.79 4.29
N SER B 72 0.45 -35.67 3.35
CA SER B 72 -0.28 -36.90 3.61
C SER B 72 0.56 -38.12 3.17
N ARG B 73 0.14 -39.28 3.62
CA ARG B 73 0.77 -40.56 3.31
C ARG B 73 -0.31 -41.48 2.85
N CYS B 74 0.08 -42.44 2.02
CA CYS B 74 -0.84 -43.44 1.53
C CYS B 74 -1.18 -44.44 2.62
N PRO B 75 -2.32 -45.15 2.55
CA PRO B 75 -2.67 -46.09 3.64
C PRO B 75 -1.57 -47.09 3.92
N THR B 76 -1.28 -47.40 5.21
CA THR B 76 -0.23 -48.33 5.68
C THR B 76 1.20 -47.86 5.43
N GLN B 77 1.39 -46.64 4.90
CA GLN B 77 2.71 -46.08 4.59
C GLN B 77 3.21 -45.20 5.75
N GLY B 78 2.55 -45.32 6.90
CA GLY B 78 2.95 -44.57 8.09
C GLY B 78 2.38 -43.17 8.21
N GLU B 79 2.94 -42.43 9.17
CA GLU B 79 2.54 -41.08 9.56
C GLU B 79 3.34 -40.01 8.82
N PRO B 80 2.69 -38.99 8.25
CA PRO B 80 3.47 -37.94 7.56
C PRO B 80 4.14 -37.00 8.55
N SER B 81 5.09 -36.21 8.04
CA SER B 81 5.83 -35.27 8.87
C SER B 81 6.29 -34.10 8.05
N LEU B 82 6.27 -32.92 8.66
CA LEU B 82 6.72 -31.67 8.05
C LEU B 82 7.73 -31.12 8.94
N ASN B 83 8.69 -30.34 8.39
CA ASN B 83 9.77 -29.72 9.18
C ASN B 83 9.19 -28.70 10.15
N GLU B 84 8.12 -28.05 9.70
CA GLU B 84 7.31 -27.08 10.38
C GLU B 84 6.86 -27.55 11.73
N GLU B 85 6.74 -28.86 11.92
CA GLU B 85 6.35 -29.45 13.21
C GLU B 85 7.36 -29.19 14.30
N GLN B 86 8.55 -28.80 13.89
CA GLN B 86 9.68 -28.53 14.78
C GLN B 86 9.95 -27.02 14.86
N ASP B 87 9.27 -26.23 14.03
CA ASP B 87 9.31 -24.77 14.05
C ASP B 87 8.24 -24.35 15.07
N LYS B 88 8.69 -23.64 16.13
CA LYS B 88 7.82 -23.21 17.20
C LYS B 88 6.92 -22.00 16.83
N ARG B 89 7.01 -21.50 15.60
CA ARG B 89 6.09 -20.40 15.19
C ARG B 89 4.87 -20.99 14.42
N PHE B 90 4.87 -22.32 14.29
CA PHE B 90 3.89 -23.08 13.54
C PHE B 90 2.97 -23.86 14.46
N ILE B 91 1.67 -23.95 14.08
CA ILE B 91 0.65 -24.74 14.80
C ILE B 91 0.30 -25.89 13.89
N CYS B 92 0.42 -27.12 14.41
CA CYS B 92 0.23 -28.35 13.61
C CYS B 92 -0.74 -29.31 14.20
N LYS B 93 -1.30 -30.17 13.35
CA LYS B 93 -2.27 -31.20 13.76
C LYS B 93 -2.30 -32.36 12.79
N HIS B 94 -2.33 -33.58 13.37
CA HIS B 94 -2.40 -34.84 12.66
C HIS B 94 -3.83 -35.35 12.60
N SER B 95 -4.23 -35.88 11.44
CA SER B 95 -5.57 -36.44 11.26
C SER B 95 -5.51 -37.60 10.25
N MET B 96 -6.66 -38.10 9.82
CA MET B 96 -6.74 -39.21 8.85
C MET B 96 -7.64 -38.78 7.73
N VAL B 97 -7.26 -39.11 6.50
CA VAL B 97 -8.10 -38.83 5.35
C VAL B 97 -8.35 -40.12 4.55
N ASP B 98 -9.45 -40.16 3.78
CA ASP B 98 -9.74 -41.26 2.87
C ASP B 98 -8.79 -41.10 1.68
N ARG B 99 -7.98 -42.15 1.47
CA ARG B 99 -7.02 -42.27 0.39
C ARG B 99 -7.47 -43.41 -0.52
N GLY B 100 -6.99 -43.36 -1.75
CA GLY B 100 -7.25 -44.33 -2.79
C GLY B 100 -6.72 -43.89 -4.14
N TRP B 101 -7.10 -44.67 -5.18
CA TRP B 101 -6.70 -44.47 -6.56
C TRP B 101 -6.90 -43.07 -7.13
N GLY B 102 -8.03 -42.45 -6.83
CA GLY B 102 -8.39 -41.14 -7.35
C GLY B 102 -7.69 -39.96 -6.72
N ASN B 103 -6.92 -40.22 -5.63
CA ASN B 103 -6.18 -39.18 -4.93
C ASN B 103 -4.68 -39.58 -4.73
N GLY B 104 -4.19 -40.42 -5.68
CA GLY B 104 -2.79 -40.83 -5.77
C GLY B 104 -2.24 -41.97 -4.94
N CYS B 105 -3.10 -42.93 -4.51
CA CYS B 105 -2.66 -44.11 -3.75
C CYS B 105 -3.01 -45.38 -4.44
N GLY B 106 -2.08 -46.32 -4.37
CA GLY B 106 -2.28 -47.68 -4.86
C GLY B 106 -3.31 -48.45 -4.06
N LEU B 107 -3.40 -48.20 -2.74
CA LEU B 107 -4.37 -48.86 -1.83
C LEU B 107 -5.48 -47.90 -1.43
N PHE B 108 -6.64 -48.45 -0.99
CA PHE B 108 -7.78 -47.69 -0.47
C PHE B 108 -7.83 -47.87 1.04
N GLY B 109 -7.75 -46.75 1.75
CA GLY B 109 -7.84 -46.74 3.20
C GLY B 109 -7.69 -45.36 3.80
N LYS B 110 -7.49 -45.31 5.11
CA LYS B 110 -7.29 -44.07 5.82
C LYS B 110 -5.82 -43.71 5.83
N GLY B 111 -5.47 -42.70 5.08
CA GLY B 111 -4.10 -42.20 5.03
C GLY B 111 -3.92 -41.05 6.01
N GLY B 112 -2.85 -41.07 6.78
CA GLY B 112 -2.54 -40.01 7.70
C GLY B 112 -2.28 -38.67 7.03
N ILE B 113 -2.74 -37.57 7.65
CA ILE B 113 -2.54 -36.21 7.17
C ILE B 113 -1.95 -35.37 8.29
N VAL B 114 -1.27 -34.28 7.93
CA VAL B 114 -0.71 -33.29 8.84
C VAL B 114 -0.78 -31.88 8.24
N THR B 115 -1.37 -30.94 8.99
CA THR B 115 -1.54 -29.55 8.54
C THR B 115 -0.84 -28.62 9.53
N CYS B 116 0.02 -27.74 8.98
CA CYS B 116 0.83 -26.77 9.70
C CYS B 116 0.57 -25.42 9.18
N ALA B 117 0.45 -24.44 10.09
CA ALA B 117 0.30 -23.06 9.66
C ALA B 117 1.06 -22.13 10.62
N LYS B 118 1.53 -20.98 10.11
CA LYS B 118 2.30 -20.02 10.85
C LYS B 118 1.43 -19.08 11.62
N PHE B 119 1.50 -19.18 12.96
CA PHE B 119 0.77 -18.34 13.89
C PHE B 119 1.50 -17.00 14.05
N THR B 120 0.86 -15.93 13.61
CA THR B 120 1.42 -14.59 13.67
C THR B 120 0.49 -13.69 14.45
N CYS B 121 1.02 -13.01 15.48
CA CYS B 121 0.23 -12.11 16.29
C CYS B 121 0.08 -10.73 15.68
N LYS B 122 -1.12 -10.25 15.64
CA LYS B 122 -1.45 -8.97 15.04
C LYS B 122 -1.69 -7.90 16.07
N LYS B 123 -2.06 -8.30 17.33
CA LYS B 123 -2.33 -7.35 18.38
C LYS B 123 -2.05 -7.98 19.71
N ASN B 124 -1.32 -7.29 20.60
CA ASN B 124 -1.11 -7.89 21.92
C ASN B 124 -1.33 -6.92 23.05
N MET B 125 -1.37 -7.49 24.25
CA MET B 125 -1.46 -6.77 25.50
C MET B 125 -0.39 -7.33 26.40
N GLU B 126 0.36 -6.43 27.09
CA GLU B 126 1.36 -6.89 28.04
C GLU B 126 1.00 -6.48 29.41
N GLY B 127 1.21 -7.44 30.31
CA GLY B 127 1.00 -7.28 31.74
C GLY B 127 2.32 -6.94 32.40
N LYS B 128 2.38 -5.80 33.13
CA LYS B 128 3.60 -5.33 33.79
C LYS B 128 3.49 -5.28 35.28
N ILE B 129 4.59 -5.70 35.93
CA ILE B 129 4.68 -5.63 37.36
C ILE B 129 5.39 -4.33 37.63
N VAL B 130 4.73 -3.50 38.42
CA VAL B 130 5.27 -2.20 38.79
C VAL B 130 5.44 -2.10 40.33
N GLN B 131 6.65 -1.64 40.76
CA GLN B 131 6.99 -1.50 42.17
C GLN B 131 6.45 -0.13 42.55
N PRO B 132 5.64 -0.06 43.64
CA PRO B 132 5.00 1.21 44.01
C PRO B 132 5.91 2.41 44.04
N GLU B 133 7.08 2.21 44.68
CA GLU B 133 8.16 3.17 44.82
C GLU B 133 8.78 3.59 43.54
N ASN B 134 8.49 2.90 42.44
CA ASN B 134 9.11 3.22 41.15
C ASN B 134 8.22 4.14 40.28
N LEU B 135 7.12 4.60 40.88
CA LEU B 135 6.15 5.48 40.29
C LEU B 135 6.58 6.92 40.38
N GLU B 136 7.09 7.49 39.33
CA GLU B 136 7.55 8.87 39.36
C GLU B 136 6.45 9.87 39.05
N TYR B 137 6.34 10.94 39.88
CA TYR B 137 5.37 12.01 39.68
C TYR B 137 6.05 13.31 39.25
N THR B 138 5.42 14.09 38.39
CA THR B 138 5.95 15.38 37.95
C THR B 138 4.96 16.48 38.31
N ILE B 139 5.32 17.30 39.31
CA ILE B 139 4.54 18.42 39.82
C ILE B 139 5.11 19.73 39.27
N VAL B 140 4.25 20.68 38.86
CA VAL B 140 4.68 21.99 38.37
C VAL B 140 4.21 23.08 39.36
N ILE B 141 5.16 23.85 39.91
CA ILE B 141 4.85 24.92 40.84
C ILE B 141 4.98 26.25 40.13
N THR B 142 3.87 26.96 39.96
CA THR B 142 3.85 28.26 39.32
C THR B 142 3.43 29.38 40.30
N PRO B 143 4.33 30.35 40.59
CA PRO B 143 3.94 31.44 41.50
C PRO B 143 2.99 32.46 40.87
N HIS B 144 2.18 33.14 41.70
CA HIS B 144 1.25 34.19 41.28
C HIS B 144 2.00 35.50 41.10
N SER B 145 2.70 35.57 39.97
CA SER B 145 3.57 36.67 39.56
C SER B 145 2.85 37.72 38.68
N GLY B 146 1.54 37.61 38.48
CA GLY B 146 0.86 38.56 37.60
C GLY B 146 1.21 38.41 36.12
N GLU B 147 2.29 37.68 35.81
CA GLU B 147 2.75 37.42 34.45
C GLU B 147 1.87 36.35 33.80
N GLU B 148 1.71 36.37 32.45
CA GLU B 148 0.81 35.50 31.67
C GLU B 148 0.95 33.98 31.99
N HIS B 149 -0.26 33.32 32.13
CA HIS B 149 -0.61 31.96 32.59
C HIS B 149 0.34 30.81 32.16
N HIS B 158 8.01 30.08 33.38
CA HIS B 158 7.86 30.64 34.74
C HIS B 158 7.68 29.59 35.88
N GLY B 159 7.31 28.35 35.53
CA GLY B 159 7.03 27.26 36.47
C GLY B 159 8.12 26.22 36.68
N LYS B 160 8.51 26.01 37.96
CA LYS B 160 9.54 25.05 38.36
C LYS B 160 8.98 23.63 38.40
N GLU B 161 9.50 22.75 37.54
CA GLU B 161 9.13 21.33 37.51
C GLU B 161 9.78 20.61 38.71
N ILE B 162 9.12 19.64 39.32
CA ILE B 162 9.69 18.90 40.44
C ILE B 162 9.28 17.42 40.36
N LYS B 163 10.23 16.50 40.56
CA LYS B 163 9.92 15.05 40.51
C LYS B 163 9.99 14.40 41.88
N ILE B 164 9.00 13.60 42.18
CA ILE B 164 8.87 12.91 43.46
C ILE B 164 8.57 11.41 43.19
N THR B 165 8.82 10.56 44.16
CA THR B 165 8.46 9.15 44.05
C THR B 165 8.01 8.72 45.44
N PRO B 166 7.12 7.71 45.62
CA PRO B 166 6.77 7.28 47.01
C PRO B 166 7.95 7.11 47.99
N GLN B 167 9.18 6.88 47.47
CA GLN B 167 10.43 6.81 48.25
C GLN B 167 10.93 8.24 48.47
N SER B 168 11.30 8.94 47.35
CA SER B 168 11.79 10.33 47.37
C SER B 168 10.60 11.31 47.45
N SER B 169 9.74 11.04 48.44
CA SER B 169 8.51 11.72 48.78
C SER B 169 8.67 13.19 49.14
N THR B 170 9.80 13.55 49.82
CA THR B 170 10.12 14.90 50.32
C THR B 170 11.24 15.60 49.52
N THR B 171 10.91 16.77 48.93
CA THR B 171 11.80 17.59 48.10
C THR B 171 11.59 19.07 48.43
N GLU B 172 12.69 19.79 48.47
CA GLU B 172 12.71 21.23 48.69
C GLU B 172 12.80 21.76 47.27
N ALA B 173 11.95 22.71 46.87
CA ALA B 173 12.07 23.26 45.52
C ALA B 173 12.23 24.77 45.57
N GLU B 174 13.28 25.26 44.89
CA GLU B 174 13.61 26.68 44.86
C GLU B 174 12.90 27.40 43.73
N LEU B 175 12.27 28.53 44.07
CA LEU B 175 11.54 29.40 43.14
C LEU B 175 12.26 30.73 43.02
N THR B 176 12.76 31.05 41.81
CA THR B 176 13.57 32.23 41.52
C THR B 176 12.82 33.55 41.85
N GLY B 177 13.20 34.08 43.01
CA GLY B 177 12.70 35.35 43.53
C GLY B 177 11.77 35.19 44.70
N TYR B 178 11.43 33.95 45.07
CA TYR B 178 10.47 33.69 46.16
C TYR B 178 11.06 32.82 47.25
N GLY B 179 12.23 32.28 47.01
CA GLY B 179 12.87 31.41 47.99
C GLY B 179 12.56 29.96 47.73
N THR B 180 12.59 29.16 48.79
CA THR B 180 12.38 27.73 48.65
C THR B 180 11.07 27.30 49.31
N VAL B 181 10.52 26.20 48.80
CA VAL B 181 9.32 25.60 49.32
C VAL B 181 9.59 24.10 49.59
N THR B 182 9.32 23.67 50.81
CA THR B 182 9.51 22.28 51.19
C THR B 182 8.19 21.55 50.92
N MET B 183 8.26 20.44 50.16
CA MET B 183 7.13 19.58 49.78
C MET B 183 7.34 18.19 50.36
N GLU B 184 6.40 17.68 51.13
CA GLU B 184 6.51 16.36 51.74
C GLU B 184 5.27 15.54 51.30
N CYS B 185 5.42 14.80 50.18
CA CYS B 185 4.36 14.05 49.49
C CYS B 185 4.24 12.61 49.94
N SER B 186 3.00 12.12 50.10
CA SER B 186 2.73 10.81 50.67
C SER B 186 2.66 9.64 49.70
N PRO B 187 3.22 8.48 50.14
CA PRO B 187 3.05 7.24 49.37
C PRO B 187 1.67 6.72 49.75
N ARG B 188 0.63 7.47 49.38
CA ARG B 188 -0.76 7.14 49.69
C ARG B 188 -1.66 7.48 48.52
N THR B 189 -1.38 6.86 47.37
CA THR B 189 -2.20 7.01 46.17
C THR B 189 -3.40 6.04 46.30
N GLY B 190 -4.36 6.15 45.39
CA GLY B 190 -5.48 5.21 45.37
C GLY B 190 -5.10 3.99 44.54
N LEU B 191 -3.80 3.60 44.64
CA LEU B 191 -3.18 2.54 43.86
C LEU B 191 -2.33 1.55 44.64
N ASP B 192 -2.86 0.33 44.79
CA ASP B 192 -2.18 -0.80 45.44
C ASP B 192 -1.55 -1.57 44.29
N PHE B 193 -0.27 -1.31 43.98
CA PHE B 193 0.41 -1.97 42.88
C PHE B 193 0.83 -3.36 43.25
N ASN B 194 0.58 -3.73 44.50
CA ASN B 194 0.93 -5.01 45.07
C ASN B 194 -0.17 -6.02 44.77
N GLU B 195 0.17 -7.06 43.97
CA GLU B 195 -0.66 -8.15 43.44
C GLU B 195 -1.58 -7.68 42.29
N MET B 196 -1.30 -6.46 41.83
CA MET B 196 -1.93 -5.86 40.70
C MET B 196 -0.90 -5.97 39.57
N VAL B 197 -1.42 -6.05 38.34
CA VAL B 197 -0.68 -6.10 37.09
C VAL B 197 -1.21 -4.91 36.28
N LEU B 198 -0.29 -4.14 35.65
CA LEU B 198 -0.67 -3.02 34.81
C LEU B 198 -0.87 -3.56 33.41
N LEU B 199 -2.13 -3.88 33.07
CA LEU B 199 -2.47 -4.43 31.77
C LEU B 199 -2.56 -3.36 30.70
N GLN B 200 -1.61 -3.34 29.79
CA GLN B 200 -1.59 -2.38 28.71
C GLN B 200 -1.93 -2.96 27.34
N MET B 201 -2.96 -2.38 26.74
CA MET B 201 -3.51 -2.69 25.43
C MET B 201 -3.43 -1.45 24.55
N GLU B 202 -2.46 -1.37 23.66
CA GLU B 202 -2.28 -0.24 22.74
C GLU B 202 -2.20 1.08 23.50
N ASP B 203 -3.27 1.89 23.44
CA ASP B 203 -3.45 3.20 24.06
C ASP B 203 -4.31 3.15 25.32
N LYS B 204 -4.93 2.02 25.59
CA LYS B 204 -5.76 1.81 26.76
C LYS B 204 -4.88 1.06 27.80
N ALA B 205 -5.23 1.12 29.08
CA ALA B 205 -4.49 0.46 30.15
C ALA B 205 -5.36 0.32 31.38
N TRP B 206 -5.12 -0.70 32.22
CA TRP B 206 -5.93 -1.01 33.40
C TRP B 206 -5.08 -1.66 34.46
N LEU B 207 -5.60 -1.75 35.67
CA LEU B 207 -4.86 -2.36 36.74
C LEU B 207 -5.68 -3.52 37.23
N VAL B 208 -5.12 -4.73 37.09
CA VAL B 208 -5.86 -5.97 37.36
C VAL B 208 -5.16 -6.98 38.24
N HIS B 209 -5.95 -7.89 38.81
CA HIS B 209 -5.54 -8.98 39.68
C HIS B 209 -4.59 -9.95 39.00
N ARG B 210 -3.48 -10.28 39.65
CA ARG B 210 -2.43 -11.15 39.11
C ARG B 210 -2.93 -12.51 38.72
N GLN B 211 -3.62 -13.20 39.63
CA GLN B 211 -4.12 -14.53 39.29
C GLN B 211 -5.08 -14.53 38.09
N TRP B 212 -6.01 -13.55 38.01
CA TRP B 212 -6.89 -13.41 36.87
C TRP B 212 -6.04 -13.27 35.60
N PHE B 213 -5.07 -12.36 35.62
CA PHE B 213 -4.19 -12.16 34.49
C PHE B 213 -3.54 -13.49 34.01
N LEU B 214 -2.86 -14.23 34.90
CA LEU B 214 -2.21 -15.49 34.55
C LEU B 214 -3.18 -16.59 34.06
N ASP B 215 -4.42 -16.56 34.58
CA ASP B 215 -5.48 -17.51 34.21
C ASP B 215 -6.21 -17.21 32.86
N LEU B 216 -5.78 -16.20 32.06
CA LEU B 216 -6.42 -15.87 30.78
C LEU B 216 -6.15 -16.94 29.73
N PRO B 217 -7.20 -17.47 29.05
CA PRO B 217 -6.99 -18.51 28.00
C PRO B 217 -6.67 -17.91 26.62
N LEU B 218 -5.48 -17.34 26.51
CA LEU B 218 -5.03 -16.75 25.26
C LEU B 218 -3.58 -17.13 25.00
N PRO B 219 -3.10 -17.10 23.73
CA PRO B 219 -1.70 -17.42 23.50
C PRO B 219 -0.82 -16.37 24.17
N TRP B 220 0.27 -16.79 24.80
CA TRP B 220 1.17 -15.88 25.51
C TRP B 220 2.65 -16.11 25.30
N LEU B 221 3.45 -15.12 25.64
CA LEU B 221 4.92 -15.16 25.62
C LEU B 221 5.37 -14.80 27.02
N PRO B 222 6.30 -15.54 27.63
CA PRO B 222 6.70 -15.21 29.00
C PRO B 222 7.44 -13.88 29.08
N GLY B 223 7.52 -13.34 30.29
CA GLY B 223 8.19 -12.07 30.55
C GLY B 223 9.61 -12.13 30.05
N ALA B 224 10.22 -13.32 30.26
CA ALA B 224 11.57 -13.65 29.86
C ALA B 224 11.78 -13.60 28.33
N ASP B 225 10.78 -13.95 27.48
CA ASP B 225 10.96 -14.02 26.05
C ASP B 225 11.04 -12.68 25.34
N THR B 226 12.36 -12.41 24.98
CA THR B 226 13.08 -11.33 24.28
C THR B 226 12.54 -11.14 22.85
N GLN B 227 11.26 -10.70 22.75
CA GLN B 227 10.54 -10.42 21.50
C GLN B 227 10.41 -11.70 20.59
N GLY B 228 10.09 -12.79 21.29
CA GLY B 228 9.83 -14.10 20.71
C GLY B 228 8.61 -14.13 19.82
N SER B 229 8.51 -15.26 19.10
CA SER B 229 7.50 -15.58 18.12
C SER B 229 6.89 -16.95 18.46
N ASN B 230 7.43 -17.63 19.52
CA ASN B 230 6.96 -18.94 19.99
C ASN B 230 5.85 -18.79 21.03
N TRP B 231 4.69 -18.33 20.57
CA TRP B 231 3.50 -18.14 21.39
C TRP B 231 3.03 -19.46 22.02
N ILE B 232 2.91 -19.49 23.34
CA ILE B 232 2.43 -20.63 24.11
C ILE B 232 0.90 -20.61 24.04
N GLN B 233 0.22 -21.78 24.15
CA GLN B 233 -1.21 -21.97 24.06
C GLN B 233 -1.80 -21.47 22.69
N LYS B 234 -1.07 -21.58 21.56
CA LYS B 234 -1.60 -21.09 20.26
C LYS B 234 -3.04 -21.62 19.99
N GLU B 235 -3.32 -22.83 20.53
CA GLU B 235 -4.55 -23.59 20.44
C GLU B 235 -5.77 -22.77 20.81
N THR B 236 -5.59 -21.81 21.72
CA THR B 236 -6.67 -20.97 22.25
C THR B 236 -7.27 -20.07 21.17
N LEU B 237 -6.55 -19.82 20.08
CA LEU B 237 -7.01 -18.99 18.97
C LEU B 237 -7.01 -19.75 17.64
N VAL B 238 -6.67 -21.04 17.66
CA VAL B 238 -6.60 -21.87 16.45
C VAL B 238 -7.48 -23.09 16.59
N THR B 239 -8.08 -23.50 15.43
CA THR B 239 -9.00 -24.64 15.32
C THR B 239 -8.73 -25.48 14.08
N PHE B 240 -8.65 -26.81 14.27
CA PHE B 240 -8.51 -27.76 13.16
C PHE B 240 -9.81 -28.51 12.90
N LYS B 241 -10.29 -28.47 11.65
CA LYS B 241 -11.56 -29.11 11.25
C LYS B 241 -11.41 -30.20 10.16
N ASN B 242 -11.79 -31.44 10.46
CA ASN B 242 -11.81 -32.53 9.48
C ASN B 242 -13.00 -33.43 9.74
N PRO B 243 -14.20 -32.98 9.29
CA PRO B 243 -15.41 -33.74 9.59
C PRO B 243 -15.77 -34.93 8.68
N HIS B 244 -15.31 -34.91 7.40
CA HIS B 244 -15.68 -35.93 6.40
C HIS B 244 -14.54 -36.78 5.89
N ALA B 245 -13.36 -36.68 6.51
CA ALA B 245 -12.14 -37.42 6.15
C ALA B 245 -11.74 -37.11 4.72
N LYS B 246 -12.07 -35.92 4.23
CA LYS B 246 -11.73 -35.48 2.89
C LYS B 246 -10.60 -34.44 2.94
N LYS B 247 -10.59 -33.62 4.01
CA LYS B 247 -9.70 -32.48 4.13
C LYS B 247 -9.61 -31.97 5.56
N GLN B 248 -8.43 -31.51 5.97
CA GLN B 248 -8.25 -30.88 7.27
C GLN B 248 -8.10 -29.39 7.03
N ASP B 249 -8.81 -28.60 7.85
CA ASP B 249 -8.81 -27.13 7.75
C ASP B 249 -8.27 -26.47 9.01
N VAL B 250 -7.50 -25.40 8.82
CA VAL B 250 -6.97 -24.63 9.93
C VAL B 250 -7.60 -23.22 9.97
N VAL B 251 -8.24 -22.92 11.07
CA VAL B 251 -8.96 -21.66 11.19
C VAL B 251 -8.63 -20.83 12.47
N VAL B 252 -8.36 -19.52 12.25
CA VAL B 252 -8.11 -18.49 13.27
C VAL B 252 -9.41 -18.18 14.00
N LEU B 253 -9.31 -17.84 15.28
CA LEU B 253 -10.50 -17.68 16.07
C LEU B 253 -11.03 -16.25 16.26
N GLY B 254 -10.49 -15.24 15.60
CA GLY B 254 -11.07 -13.91 15.69
C GLY B 254 -10.83 -13.07 16.95
N SER B 255 -10.58 -11.74 16.69
CA SER B 255 -10.13 -10.74 17.64
C SER B 255 -10.86 -10.76 18.94
N GLN B 256 -10.06 -10.77 20.02
CA GLN B 256 -10.54 -10.81 21.40
C GLN B 256 -10.45 -9.42 22.01
N GLU B 257 -10.17 -8.39 21.16
CA GLU B 257 -9.98 -6.99 21.57
C GLU B 257 -11.16 -6.44 22.35
N GLY B 258 -12.35 -6.44 21.73
CA GLY B 258 -13.58 -5.97 22.34
C GLY B 258 -13.99 -6.85 23.50
N ALA B 259 -13.71 -8.15 23.37
CA ALA B 259 -14.02 -9.15 24.39
C ALA B 259 -13.25 -8.80 25.66
N MET B 260 -11.94 -8.44 25.47
CA MET B 260 -11.05 -8.05 26.56
C MET B 260 -11.56 -6.82 27.23
N HIS B 261 -11.88 -5.75 26.44
CA HIS B 261 -12.45 -4.52 26.96
C HIS B 261 -13.66 -4.82 27.88
N THR B 262 -14.57 -5.72 27.45
CA THR B 262 -15.75 -6.09 28.22
C THR B 262 -15.35 -6.77 29.52
N ALA B 263 -14.31 -7.61 29.46
CA ALA B 263 -13.86 -8.36 30.65
C ALA B 263 -13.24 -7.40 31.66
N LEU B 264 -12.71 -6.31 31.14
CA LEU B 264 -12.02 -5.29 31.87
C LEU B 264 -12.93 -4.12 32.31
N THR B 265 -14.26 -4.31 32.34
CA THR B 265 -15.14 -3.19 32.72
C THR B 265 -15.05 -2.94 34.23
N GLY B 266 -15.18 -4.01 35.02
CA GLY B 266 -15.08 -3.96 36.48
C GLY B 266 -13.65 -3.95 36.99
N ALA B 267 -12.78 -3.20 36.27
CA ALA B 267 -11.36 -3.02 36.55
C ALA B 267 -11.08 -1.56 36.57
N THR B 268 -10.02 -1.19 37.29
CA THR B 268 -9.54 0.17 37.43
C THR B 268 -8.93 0.61 36.09
N GLU B 269 -9.64 1.44 35.31
CA GLU B 269 -9.10 1.86 34.02
C GLU B 269 -8.12 2.98 34.22
N ILE B 270 -7.04 3.00 33.43
CA ILE B 270 -6.00 4.02 33.42
C ILE B 270 -6.02 4.67 32.05
N GLN B 271 -6.03 6.02 31.98
CA GLN B 271 -6.04 6.70 30.69
C GLN B 271 -4.64 6.99 30.22
N MET B 272 -4.53 7.20 28.91
CA MET B 272 -3.24 7.47 28.27
C MET B 272 -3.38 8.61 27.28
N SER B 273 -3.30 9.84 27.80
CA SER B 273 -3.27 11.09 27.02
C SER B 273 -1.80 11.27 26.62
N SER B 274 -1.53 11.43 25.30
CA SER B 274 -0.20 11.58 24.70
C SER B 274 0.77 10.42 25.06
N GLY B 275 0.23 9.18 24.99
CA GLY B 275 0.92 7.92 25.26
C GLY B 275 1.53 7.75 26.64
N ASN B 276 1.01 8.47 27.67
CA ASN B 276 1.54 8.32 29.02
C ASN B 276 0.44 8.10 30.09
N LEU B 277 0.84 7.52 31.26
CA LEU B 277 0.00 7.17 32.44
C LEU B 277 -0.57 8.45 33.08
N LEU B 278 -1.74 8.90 32.62
CA LEU B 278 -2.29 10.16 33.09
C LEU B 278 -3.63 9.97 33.74
N PHE B 279 -3.68 9.09 34.73
CA PHE B 279 -4.88 8.75 35.48
C PHE B 279 -4.52 8.09 36.80
N THR B 280 -5.57 7.86 37.63
CA THR B 280 -5.80 7.19 38.94
C THR B 280 -4.79 7.59 40.07
N GLY B 281 -3.74 8.33 39.70
CA GLY B 281 -2.77 8.83 40.65
C GLY B 281 -3.23 10.14 41.23
N HIS B 282 -3.15 10.25 42.60
CA HIS B 282 -3.36 11.42 43.45
C HIS B 282 -2.40 11.41 44.61
N LEU B 283 -1.75 12.54 44.80
CA LEU B 283 -0.68 12.73 45.73
C LEU B 283 -1.08 13.65 46.86
N LYS B 284 -1.03 13.14 48.09
CA LYS B 284 -1.36 13.97 49.23
C LYS B 284 -0.07 14.56 49.74
N CYS B 285 0.14 15.88 49.55
CA CYS B 285 1.38 16.54 50.00
C CYS B 285 1.20 17.45 51.19
N ARG B 286 2.30 17.77 51.86
CA ARG B 286 2.38 18.73 52.96
C ARG B 286 3.34 19.81 52.50
N LEU B 287 3.01 21.06 52.75
CA LEU B 287 3.81 22.17 52.27
C LEU B 287 4.27 23.10 53.36
N ARG B 288 5.58 23.30 53.45
CA ARG B 288 6.22 24.21 54.40
C ARG B 288 6.66 25.43 53.64
N MET B 289 6.18 26.61 54.11
CA MET B 289 6.36 27.90 53.46
C MET B 289 7.19 28.91 54.23
N ASP B 290 7.84 28.44 55.32
CA ASP B 290 8.71 29.26 56.17
C ASP B 290 9.94 29.83 55.43
N LYS B 291 10.43 29.10 54.39
CA LYS B 291 11.57 29.56 53.60
C LYS B 291 11.14 30.37 52.36
N LEU B 292 9.80 30.56 52.20
CA LEU B 292 9.22 31.35 51.11
C LEU B 292 9.12 32.81 51.51
N GLN B 293 9.30 33.70 50.53
CA GLN B 293 9.27 35.14 50.73
C GLN B 293 8.62 35.85 49.57
N LEU B 294 7.91 36.93 49.86
CA LEU B 294 7.25 37.75 48.86
C LEU B 294 8.27 38.51 48.02
N LYS B 295 8.26 38.32 46.68
CA LYS B 295 9.18 39.00 45.75
C LYS B 295 8.80 40.46 45.62
N GLY B 296 9.80 41.33 45.74
CA GLY B 296 9.59 42.76 45.64
C GLY B 296 8.95 43.35 46.88
N MET B 297 9.13 42.67 48.05
CA MET B 297 8.61 43.14 49.33
C MET B 297 9.43 44.35 49.79
N SER B 298 10.59 44.57 49.11
CA SER B 298 11.52 45.68 49.31
C SER B 298 11.24 46.87 48.38
N TYR B 299 10.49 46.66 47.26
CA TYR B 299 10.15 47.71 46.27
C TYR B 299 9.21 48.75 46.89
N SER B 300 9.24 49.99 46.36
CA SER B 300 8.36 51.06 46.84
C SER B 300 7.04 51.06 46.08
N MET B 301 6.01 51.77 46.61
CA MET B 301 4.66 51.88 46.03
C MET B 301 4.62 52.66 44.74
N CYS B 302 3.73 52.24 43.83
CA CYS B 302 3.61 52.88 42.51
C CYS B 302 2.96 54.22 42.69
N THR B 303 3.52 55.24 42.00
CA THR B 303 3.06 56.62 42.08
C THR B 303 2.13 56.97 40.91
N GLY B 304 2.50 56.54 39.71
CA GLY B 304 1.77 56.82 38.47
C GLY B 304 0.37 56.25 38.36
N LYS B 305 -0.19 56.38 37.15
CA LYS B 305 -1.56 55.97 36.81
C LYS B 305 -1.57 54.59 36.14
N PHE B 306 -2.70 53.86 36.25
CA PHE B 306 -2.88 52.53 35.64
C PHE B 306 -3.97 52.51 34.60
N LYS B 307 -3.80 51.67 33.57
CA LYS B 307 -4.81 51.52 32.51
C LYS B 307 -5.39 50.10 32.49
N ILE B 308 -6.65 49.96 32.10
CA ILE B 308 -7.34 48.66 32.02
C ILE B 308 -7.21 48.10 30.60
N VAL B 309 -6.24 47.21 30.42
CA VAL B 309 -5.89 46.61 29.14
C VAL B 309 -6.96 45.63 28.59
N LYS B 310 -7.60 44.87 29.46
CA LYS B 310 -8.64 43.91 29.10
C LYS B 310 -9.75 44.06 30.13
N GLU B 311 -11.01 44.12 29.68
CA GLU B 311 -12.20 44.17 30.53
C GLU B 311 -12.13 43.11 31.67
N ILE B 312 -12.42 43.51 32.91
CA ILE B 312 -12.43 42.64 34.09
C ILE B 312 -13.31 41.42 33.83
N ALA B 313 -12.77 40.21 34.02
CA ALA B 313 -13.49 38.98 33.75
C ALA B 313 -13.59 38.10 34.98
N GLU B 314 -14.74 37.43 35.15
CA GLU B 314 -14.95 36.55 36.30
C GLU B 314 -14.62 35.07 35.94
N THR B 315 -13.88 34.41 36.85
CA THR B 315 -13.50 33.01 36.71
C THR B 315 -14.63 32.17 37.22
N GLN B 316 -14.55 30.84 36.97
CA GLN B 316 -15.56 29.86 37.40
C GLN B 316 -15.76 29.81 38.93
N HIS B 317 -14.83 30.34 39.72
CA HIS B 317 -14.93 30.27 41.18
C HIS B 317 -15.26 31.60 41.84
N GLY B 318 -15.87 32.51 41.07
CA GLY B 318 -16.27 33.82 41.57
C GLY B 318 -15.19 34.88 41.64
N THR B 319 -13.93 34.44 41.51
CA THR B 319 -12.79 35.36 41.54
C THR B 319 -12.75 36.17 40.24
N ILE B 320 -12.05 37.30 40.27
CA ILE B 320 -11.97 38.18 39.12
C ILE B 320 -10.52 38.41 38.71
N VAL B 321 -10.32 38.61 37.40
CA VAL B 321 -9.01 38.81 36.79
C VAL B 321 -8.99 40.13 36.08
N ILE B 322 -8.01 40.93 36.45
CA ILE B 322 -7.80 42.27 35.94
C ILE B 322 -6.46 42.38 35.27
N ARG B 323 -6.47 42.71 33.97
CA ARG B 323 -5.23 42.95 33.29
C ARG B 323 -5.06 44.45 33.15
N VAL B 324 -3.99 44.97 33.81
CA VAL B 324 -3.65 46.40 33.88
C VAL B 324 -2.22 46.69 33.44
N GLN B 325 -1.98 47.90 32.89
CA GLN B 325 -0.67 48.40 32.45
C GLN B 325 -0.27 49.69 33.23
N TYR B 326 1.02 49.83 33.63
CA TYR B 326 1.53 51.02 34.34
C TYR B 326 1.85 52.18 33.36
N GLU B 327 1.26 53.37 33.62
CA GLU B 327 1.45 54.63 32.86
C GLU B 327 2.48 55.56 33.56
N GLY B 328 2.67 55.42 34.89
CA GLY B 328 3.62 56.15 35.71
C GLY B 328 5.06 55.79 35.40
N ASP B 329 6.04 56.12 36.30
CA ASP B 329 7.43 55.81 35.94
C ASP B 329 8.28 55.06 37.01
N GLY B 330 7.74 54.88 38.20
CA GLY B 330 8.39 54.25 39.35
C GLY B 330 8.93 52.84 39.22
N SER B 331 8.41 52.05 38.24
CA SER B 331 8.73 50.64 37.97
C SER B 331 10.26 50.28 38.02
N PRO B 332 10.68 49.13 38.64
CA PRO B 332 9.85 48.11 39.33
C PRO B 332 9.28 48.61 40.64
N CYS B 333 7.97 48.45 40.79
CA CYS B 333 7.27 48.97 41.94
C CYS B 333 5.99 48.18 42.30
N LYS B 334 5.57 48.23 43.59
CA LYS B 334 4.35 47.58 44.11
C LYS B 334 3.08 48.29 43.63
N ILE B 335 2.15 47.54 43.00
CA ILE B 335 0.88 48.09 42.54
C ILE B 335 -0.05 48.27 43.76
N PRO B 336 -0.58 49.51 43.98
CA PRO B 336 -1.53 49.71 45.09
C PRO B 336 -2.87 49.14 44.68
N PHE B 337 -3.41 48.23 45.48
CA PHE B 337 -4.66 47.56 45.13
C PHE B 337 -5.54 47.41 46.33
N GLU B 338 -6.85 47.66 46.11
CA GLU B 338 -7.88 47.56 47.15
C GLU B 338 -9.28 47.24 46.61
N ILE B 339 -10.01 46.44 47.39
CA ILE B 339 -11.40 46.02 47.22
C ILE B 339 -11.90 45.86 48.67
N LYS B 344 -17.21 50.85 50.36
CA LYS B 344 -16.73 52.25 50.31
C LYS B 344 -15.87 52.68 51.54
N ARG B 345 -14.58 53.01 51.26
CA ARG B 345 -13.47 53.41 52.14
C ARG B 345 -12.89 52.23 53.00
N HIS B 346 -13.75 51.35 53.58
CA HIS B 346 -13.31 50.16 54.34
C HIS B 346 -13.02 48.92 53.42
N VAL B 347 -11.91 48.16 53.71
CA VAL B 347 -11.46 46.98 52.95
C VAL B 347 -12.53 45.87 52.98
N LEU B 348 -12.80 45.22 51.81
CA LEU B 348 -13.84 44.18 51.73
C LEU B 348 -13.29 42.79 51.25
N GLY B 349 -13.04 42.64 49.95
CA GLY B 349 -12.56 41.37 49.40
C GLY B 349 -11.08 41.14 49.61
N ARG B 350 -10.61 39.92 49.26
CA ARG B 350 -9.20 39.51 49.37
C ARG B 350 -8.44 39.42 48.02
N LEU B 351 -7.10 39.50 48.07
CA LEU B 351 -6.24 39.39 46.90
C LEU B 351 -5.73 37.97 46.79
N ILE B 352 -5.72 37.42 45.55
CA ILE B 352 -5.17 36.09 45.25
C ILE B 352 -3.72 36.30 44.78
N THR B 353 -3.50 37.17 43.77
CA THR B 353 -2.18 37.53 43.26
C THR B 353 -1.55 38.51 44.27
N VAL B 354 -1.17 38.02 45.46
CA VAL B 354 -0.59 38.84 46.53
C VAL B 354 0.72 39.54 46.05
N ASN B 355 0.98 40.75 46.64
CA ASN B 355 2.08 41.69 46.39
C ASN B 355 2.24 41.93 44.87
N PRO B 356 1.19 42.46 44.20
CA PRO B 356 1.29 42.67 42.74
C PRO B 356 2.35 43.73 42.45
N ILE B 357 3.31 43.40 41.55
CA ILE B 357 4.41 44.29 41.21
C ILE B 357 4.52 44.54 39.70
N VAL B 358 5.03 45.73 39.31
CA VAL B 358 5.28 46.08 37.90
C VAL B 358 6.76 45.80 37.68
N THR B 359 7.10 45.22 36.53
CA THR B 359 8.47 44.90 36.15
C THR B 359 8.91 45.91 35.08
N GLU B 360 8.04 46.11 34.07
CA GLU B 360 8.21 47.04 32.95
C GLU B 360 6.85 47.68 32.70
N LYS B 361 6.82 48.98 32.34
CA LYS B 361 5.59 49.72 32.03
C LYS B 361 4.84 49.08 30.87
N ASP B 362 5.60 48.58 29.88
CA ASP B 362 5.13 47.93 28.64
C ASP B 362 4.37 46.62 28.89
N SER B 363 4.87 45.77 29.81
CA SER B 363 4.28 44.49 30.17
C SER B 363 3.10 44.62 31.16
N PRO B 364 1.84 44.28 30.74
CA PRO B 364 0.71 44.38 31.67
C PRO B 364 0.74 43.28 32.74
N VAL B 365 -0.01 43.48 33.82
CA VAL B 365 -0.07 42.58 34.96
C VAL B 365 -1.49 42.04 35.13
N ASN B 366 -1.58 40.75 35.48
CA ASN B 366 -2.81 40.05 35.73
C ASN B 366 -2.99 39.90 37.23
N ILE B 367 -4.01 40.58 37.77
CA ILE B 367 -4.25 40.45 39.19
C ILE B 367 -5.56 39.73 39.39
N GLU B 368 -5.49 38.66 40.19
CA GLU B 368 -6.63 37.83 40.55
C GLU B 368 -6.98 38.14 41.99
N ALA B 369 -8.24 38.50 42.20
CA ALA B 369 -8.76 38.86 43.51
C ALA B 369 -10.15 38.30 43.67
N GLU B 370 -10.54 38.04 44.93
CA GLU B 370 -11.86 37.57 45.27
C GLU B 370 -12.72 38.80 45.66
N PRO B 371 -13.65 39.26 44.79
CA PRO B 371 -14.50 40.37 45.19
C PRO B 371 -15.54 39.96 46.26
N PRO B 372 -16.09 40.88 47.09
CA PRO B 372 -17.13 40.46 48.06
C PRO B 372 -18.50 40.30 47.37
N PHE B 373 -19.41 39.56 48.03
CA PHE B 373 -20.77 39.35 47.53
C PHE B 373 -21.53 40.65 47.46
N GLY B 374 -22.05 40.93 46.28
CA GLY B 374 -22.78 42.15 45.97
C GLY B 374 -21.90 43.20 45.34
N ASP B 375 -22.25 44.47 45.59
CA ASP B 375 -21.50 45.57 45.03
C ASP B 375 -20.23 45.88 45.78
N SER B 376 -19.18 46.09 44.99
CA SER B 376 -17.82 46.33 45.41
C SER B 376 -17.14 47.35 44.52
N TYR B 377 -16.00 47.87 44.99
CA TYR B 377 -15.22 48.85 44.26
C TYR B 377 -13.76 48.37 44.14
N ILE B 378 -13.30 48.19 42.90
CA ILE B 378 -11.94 47.76 42.61
C ILE B 378 -11.13 49.01 42.37
N ILE B 379 -10.28 49.34 43.35
CA ILE B 379 -9.44 50.52 43.28
C ILE B 379 -8.00 50.10 43.07
N VAL B 380 -7.48 50.50 41.92
CA VAL B 380 -6.12 50.22 41.49
C VAL B 380 -5.40 51.51 41.30
N GLY B 381 -4.26 51.59 41.99
CA GLY B 381 -3.37 52.73 41.97
C GLY B 381 -3.68 53.79 43.01
N VAL B 382 -3.05 54.96 42.81
CA VAL B 382 -3.21 56.17 43.63
C VAL B 382 -3.43 57.37 42.71
N GLU B 383 -4.09 58.42 43.25
CA GLU B 383 -4.45 59.68 42.58
C GLU B 383 -3.24 60.43 41.93
N PRO B 384 -3.41 61.15 40.81
CA PRO B 384 -4.63 61.36 40.02
C PRO B 384 -4.91 60.13 39.14
N GLY B 385 -6.10 60.07 38.52
CA GLY B 385 -6.50 58.98 37.63
C GLY B 385 -6.45 57.57 38.22
N GLN B 386 -6.58 57.49 39.56
CA GLN B 386 -6.62 56.26 40.32
C GLN B 386 -7.92 55.60 39.92
N LEU B 387 -7.81 54.43 39.30
CA LEU B 387 -8.94 53.64 38.80
C LEU B 387 -9.88 53.22 39.91
N LYS B 388 -11.18 53.54 39.75
CA LYS B 388 -12.24 53.19 40.71
C LYS B 388 -13.32 52.41 39.97
N LEU B 389 -13.03 51.12 39.72
CA LEU B 389 -13.88 50.18 38.98
C LEU B 389 -14.96 49.54 39.84
N ASN B 390 -16.09 49.16 39.22
CA ASN B 390 -17.23 48.61 39.95
C ASN B 390 -17.52 47.13 39.63
N TRP B 391 -17.74 46.33 40.71
CA TRP B 391 -18.08 44.91 40.59
C TRP B 391 -19.41 44.56 41.29
N LEU B 392 -20.05 43.50 40.81
CA LEU B 392 -21.33 42.99 41.29
C LEU B 392 -21.26 41.45 41.37
N ARG B 393 -21.07 40.91 42.56
CA ARG B 393 -21.01 39.46 42.70
C ARG B 393 -22.36 38.97 43.29
N PRO B 394 -23.40 38.68 42.43
CA PRO B 394 -24.71 38.26 42.96
C PRO B 394 -24.72 36.96 43.75
N LEU B 395 -25.70 36.83 44.69
CA LEU B 395 -25.83 35.63 45.53
C LEU B 395 -26.53 34.48 44.76
N GLU B 396 -26.28 33.22 45.18
CA GLU B 396 -26.74 32.04 44.44
C GLU B 396 -27.77 31.13 45.18
N SER B 397 -28.93 30.80 44.50
CA SER B 397 -30.12 30.02 44.92
C SER B 397 -30.06 28.47 44.77
N ARG B 398 -29.84 27.77 45.91
CA ARG B 398 -29.74 26.30 46.04
C ARG B 398 -28.81 25.61 45.01
N VAL C 2 -9.88 -23.58 -23.01
CA VAL C 2 -9.10 -23.89 -21.80
C VAL C 2 -7.66 -23.47 -21.98
N GLN C 3 -7.21 -22.46 -21.23
CA GLN C 3 -5.86 -21.93 -21.40
C GLN C 3 -5.32 -21.25 -20.17
N LEU C 4 -3.98 -21.08 -20.17
CA LEU C 4 -3.22 -20.41 -19.12
C LEU C 4 -2.29 -19.42 -19.78
N VAL C 5 -2.39 -18.14 -19.43
CA VAL C 5 -1.50 -17.17 -20.04
C VAL C 5 -0.60 -16.56 -18.98
N GLU C 6 0.70 -16.70 -19.15
CA GLU C 6 1.66 -16.22 -18.18
C GLU C 6 2.25 -14.90 -18.54
N SER C 7 2.70 -14.15 -17.53
CA SER C 7 3.35 -12.85 -17.71
C SER C 7 4.20 -12.49 -16.50
N GLY C 8 5.03 -11.47 -16.67
CA GLY C 8 5.79 -10.96 -15.56
C GLY C 8 7.25 -11.32 -15.54
N GLY C 9 7.63 -12.12 -16.50
CA GLY C 9 9.02 -12.52 -16.64
C GLY C 9 9.85 -11.31 -17.04
N GLY C 10 11.13 -11.35 -16.76
CA GLY C 10 12.03 -10.25 -17.09
C GLY C 10 13.38 -10.40 -16.46
N LEU C 11 14.19 -9.36 -16.63
CA LEU C 11 15.53 -9.31 -16.10
C LEU C 11 15.43 -8.72 -14.71
N VAL C 12 16.14 -9.36 -13.80
CA VAL C 12 16.20 -8.98 -12.42
C VAL C 12 17.65 -9.13 -11.96
N GLN C 13 18.06 -8.28 -11.04
CA GLN C 13 19.38 -8.35 -10.49
C GLN C 13 19.36 -9.41 -9.42
N PRO C 14 20.52 -10.06 -9.20
CA PRO C 14 20.66 -11.04 -8.09
C PRO C 14 20.27 -10.42 -6.75
N GLY C 15 19.89 -11.28 -5.79
CA GLY C 15 19.36 -10.82 -4.51
C GLY C 15 18.01 -10.13 -4.70
N GLY C 16 17.69 -9.73 -5.93
CA GLY C 16 16.46 -9.05 -6.32
C GLY C 16 15.19 -9.88 -6.22
N SER C 17 14.05 -9.28 -6.61
CA SER C 17 12.73 -9.90 -6.51
C SER C 17 11.88 -9.68 -7.76
N LEU C 18 10.83 -10.49 -7.96
CA LEU C 18 9.94 -10.49 -9.14
C LEU C 18 8.61 -11.23 -8.88
N ARG C 19 7.54 -10.84 -9.54
CA ARG C 19 6.27 -11.53 -9.37
C ARG C 19 5.77 -12.00 -10.73
N LEU C 20 5.52 -13.31 -10.86
CA LEU C 20 4.94 -13.87 -12.09
C LEU C 20 3.43 -14.04 -11.96
N SER C 21 2.72 -13.90 -13.10
CA SER C 21 1.28 -14.08 -13.16
C SER C 21 0.89 -15.15 -14.15
N CYS C 22 -0.27 -15.75 -13.95
CA CYS C 22 -0.77 -16.83 -14.78
C CYS C 22 -2.30 -16.72 -14.79
N SER C 23 -2.84 -16.16 -15.88
CA SER C 23 -4.27 -15.95 -16.00
C SER C 23 -4.96 -17.12 -16.67
N ALA C 24 -5.91 -17.67 -15.94
CA ALA C 24 -6.69 -18.84 -16.32
C ALA C 24 -8.01 -18.46 -16.94
N SER C 25 -8.34 -19.16 -18.06
CA SER C 25 -9.57 -18.99 -18.84
C SER C 25 -10.10 -20.32 -19.35
N GLY C 26 -11.39 -20.37 -19.63
CA GLY C 26 -12.02 -21.56 -20.18
C GLY C 26 -12.44 -22.64 -19.20
N PHE C 27 -12.28 -22.39 -17.90
CA PHE C 27 -12.66 -23.37 -16.86
C PHE C 27 -12.91 -22.72 -15.49
N THR C 28 -13.48 -23.50 -14.58
CA THR C 28 -13.71 -23.05 -13.20
C THR C 28 -12.38 -23.14 -12.42
N PHE C 29 -11.61 -22.03 -12.44
CA PHE C 29 -10.29 -21.92 -11.82
C PHE C 29 -10.17 -22.48 -10.40
N SER C 30 -11.23 -22.35 -9.58
CA SER C 30 -11.28 -22.88 -8.22
C SER C 30 -11.21 -24.41 -8.14
N THR C 31 -11.62 -25.11 -9.20
CA THR C 31 -11.63 -26.58 -9.27
C THR C 31 -10.27 -27.24 -9.67
N TYR C 32 -9.24 -26.41 -9.89
CA TYR C 32 -7.93 -26.85 -10.35
C TYR C 32 -6.78 -26.57 -9.41
N SER C 33 -6.02 -27.61 -9.05
CA SER C 33 -4.76 -27.44 -8.33
C SER C 33 -3.87 -26.84 -9.41
N MET C 34 -3.12 -25.80 -9.07
CA MET C 34 -2.27 -25.07 -10.01
C MET C 34 -0.86 -25.27 -9.56
N HIS C 35 0.08 -25.26 -10.51
CA HIS C 35 1.47 -25.62 -10.23
C HIS C 35 2.43 -24.75 -11.06
N TRP C 36 3.67 -24.59 -10.57
CA TRP C 36 4.73 -23.88 -11.26
C TRP C 36 5.87 -24.89 -11.54
N VAL C 37 6.22 -25.00 -12.83
CA VAL C 37 7.30 -25.85 -13.35
C VAL C 37 8.27 -24.94 -14.09
N ARG C 38 9.56 -25.11 -13.86
CA ARG C 38 10.58 -24.31 -14.54
C ARG C 38 11.59 -25.18 -15.31
N GLN C 39 12.28 -24.56 -16.29
CA GLN C 39 13.31 -25.22 -17.08
C GLN C 39 14.41 -24.23 -17.37
N ALA C 40 15.55 -24.45 -16.73
CA ALA C 40 16.72 -23.62 -16.87
C ALA C 40 17.33 -23.93 -18.24
N PRO C 41 18.12 -22.98 -18.81
CA PRO C 41 18.73 -23.24 -20.13
C PRO C 41 19.65 -24.46 -20.11
N GLY C 42 19.35 -25.38 -21.04
CA GLY C 42 20.06 -26.65 -21.19
C GLY C 42 19.72 -27.72 -20.17
N LYS C 43 18.80 -27.42 -19.21
CA LYS C 43 18.42 -28.35 -18.16
C LYS C 43 17.03 -28.89 -18.40
N GLY C 44 16.61 -29.82 -17.56
CA GLY C 44 15.29 -30.42 -17.68
C GLY C 44 14.22 -29.69 -16.88
N LEU C 45 13.00 -30.21 -16.95
CA LEU C 45 11.86 -29.67 -16.21
C LEU C 45 12.07 -29.94 -14.75
N GLU C 46 11.87 -28.92 -13.88
CA GLU C 46 11.99 -29.01 -12.43
C GLU C 46 10.65 -28.61 -11.85
N TYR C 47 9.97 -29.53 -11.13
CA TYR C 47 8.69 -29.20 -10.47
C TYR C 47 9.06 -28.41 -9.24
N VAL C 48 8.52 -27.17 -9.14
CA VAL C 48 8.96 -26.24 -8.12
C VAL C 48 7.91 -26.01 -7.03
N SER C 49 6.66 -25.71 -7.40
CA SER C 49 5.66 -25.40 -6.35
C SER C 49 4.25 -25.76 -6.78
N ALA C 50 3.35 -25.88 -5.78
CA ALA C 50 1.94 -26.19 -6.04
C ALA C 50 1.04 -25.58 -4.98
N ILE C 51 -0.22 -25.31 -5.36
CA ILE C 51 -1.25 -24.70 -4.52
C ILE C 51 -2.59 -25.39 -4.74
N THR C 52 -3.34 -25.63 -3.66
CA THR C 52 -4.66 -26.25 -3.65
C THR C 52 -5.62 -25.39 -4.49
N GLY C 53 -6.68 -26.01 -4.97
CA GLY C 53 -7.72 -25.32 -5.73
C GLY C 53 -8.31 -24.17 -4.96
N GLU C 54 -8.53 -24.36 -3.65
CA GLU C 54 -9.09 -23.32 -2.77
C GLU C 54 -8.08 -22.28 -2.19
N GLY C 55 -6.77 -22.42 -2.46
CA GLY C 55 -5.72 -21.55 -1.93
C GLY C 55 -5.29 -21.91 -0.51
N ASP C 56 -6.05 -22.80 0.16
CA ASP C 56 -5.84 -23.33 1.51
C ASP C 56 -4.38 -23.63 1.89
N SER C 57 -3.66 -24.41 1.03
CA SER C 57 -2.37 -25.04 1.29
C SER C 57 -1.44 -24.87 0.09
N ALA C 58 -0.13 -24.83 0.36
CA ALA C 58 0.91 -24.60 -0.64
C ALA C 58 2.05 -25.56 -0.42
N PHE C 59 2.70 -25.95 -1.52
CA PHE C 59 3.87 -26.80 -1.53
C PHE C 59 5.00 -26.09 -2.29
N TYR C 60 6.23 -26.27 -1.80
CA TYR C 60 7.43 -25.72 -2.40
C TYR C 60 8.55 -26.72 -2.31
N ALA C 61 9.23 -26.93 -3.43
CA ALA C 61 10.40 -27.81 -3.54
C ALA C 61 11.56 -27.13 -2.80
N ASP C 62 12.46 -27.88 -2.14
CA ASP C 62 13.56 -27.26 -1.38
C ASP C 62 14.30 -26.18 -2.17
N SER C 63 14.52 -26.46 -3.45
CA SER C 63 15.18 -25.59 -4.44
C SER C 63 14.65 -24.16 -4.45
N VAL C 64 13.46 -23.95 -3.88
CA VAL C 64 12.80 -22.67 -3.91
C VAL C 64 12.20 -22.29 -2.58
N LYS C 65 11.95 -23.28 -1.71
CA LYS C 65 11.25 -23.19 -0.43
C LYS C 65 11.36 -21.84 0.29
N GLY C 66 12.54 -21.43 0.66
CA GLY C 66 12.63 -20.18 1.41
C GLY C 66 12.20 -18.91 0.70
N ARG C 67 12.61 -18.78 -0.56
CA ARG C 67 12.48 -17.56 -1.35
C ARG C 67 11.23 -17.37 -2.17
N PHE C 68 10.57 -18.45 -2.56
CA PHE C 68 9.41 -18.33 -3.45
C PHE C 68 8.09 -18.58 -2.76
N THR C 69 7.08 -17.76 -3.12
CA THR C 69 5.74 -17.88 -2.53
C THR C 69 4.67 -17.99 -3.61
N ILE C 70 3.96 -19.12 -3.66
CA ILE C 70 2.87 -19.36 -4.61
C ILE C 70 1.59 -18.82 -3.94
N SER C 71 0.65 -18.29 -4.73
CA SER C 71 -0.63 -17.72 -4.27
C SER C 71 -1.63 -17.71 -5.43
N ARG C 72 -2.92 -17.45 -5.17
CA ARG C 72 -3.94 -17.45 -6.22
C ARG C 72 -5.19 -16.58 -5.90
N ASP C 73 -5.78 -15.97 -6.96
CA ASP C 73 -7.01 -15.18 -6.87
C ASP C 73 -8.12 -15.78 -7.72
N ASN C 74 -9.08 -16.45 -7.12
CA ASN C 74 -10.15 -17.11 -7.87
C ASN C 74 -11.22 -16.17 -8.43
N SER C 75 -11.23 -14.92 -7.97
CA SER C 75 -12.15 -13.89 -8.47
C SER C 75 -11.53 -13.35 -9.77
N LYS C 76 -10.21 -13.08 -9.72
CA LYS C 76 -9.40 -12.61 -10.82
C LYS C 76 -8.81 -13.76 -11.64
N ASN C 77 -9.20 -15.03 -11.37
CA ASN C 77 -8.69 -16.22 -12.08
C ASN C 77 -7.17 -16.19 -12.31
N THR C 78 -6.39 -15.88 -11.29
CA THR C 78 -4.97 -15.72 -11.52
C THR C 78 -4.08 -16.41 -10.49
N LEU C 79 -3.03 -17.07 -10.97
CA LEU C 79 -2.04 -17.73 -10.14
C LEU C 79 -0.83 -16.81 -10.10
N TYR C 80 -0.14 -16.76 -8.97
CA TYR C 80 1.03 -15.91 -8.86
C TYR C 80 2.19 -16.67 -8.31
N PHE C 81 3.36 -16.31 -8.81
CA PHE C 81 4.59 -16.79 -8.23
C PHE C 81 5.32 -15.54 -7.82
N GLU C 82 4.85 -14.94 -6.74
CA GLU C 82 5.52 -13.80 -6.13
C GLU C 82 6.89 -14.38 -5.73
N MET C 83 7.87 -14.11 -6.56
CA MET C 83 9.23 -14.63 -6.47
C MET C 83 10.17 -13.61 -5.93
N ASN C 84 10.64 -13.78 -4.70
CA ASN C 84 11.57 -12.84 -4.06
C ASN C 84 12.90 -13.49 -3.88
N SER C 85 13.94 -12.71 -3.50
CA SER C 85 15.32 -13.19 -3.23
C SER C 85 15.96 -13.93 -4.41
N LEU C 86 15.61 -13.54 -5.63
CA LEU C 86 16.05 -14.18 -6.85
C LEU C 86 17.53 -14.29 -6.94
N ARG C 87 18.01 -15.46 -7.43
CA ARG C 87 19.44 -15.77 -7.66
C ARG C 87 19.65 -16.16 -9.14
N PRO C 88 20.92 -16.12 -9.65
CA PRO C 88 21.14 -16.45 -11.07
C PRO C 88 20.63 -17.83 -11.50
N GLU C 89 20.63 -18.81 -10.57
CA GLU C 89 20.17 -20.18 -10.79
C GLU C 89 18.67 -20.29 -10.94
N ASP C 90 17.91 -19.22 -10.69
CA ASP C 90 16.46 -19.24 -10.91
C ASP C 90 16.16 -18.73 -12.31
N THR C 91 17.22 -18.51 -13.11
CA THR C 91 17.08 -18.09 -14.53
C THR C 91 16.51 -19.29 -15.29
N ALA C 92 15.33 -19.15 -15.87
CA ALA C 92 14.61 -20.27 -16.49
C ALA C 92 13.34 -19.78 -17.12
N VAL C 93 12.70 -20.67 -17.88
CA VAL C 93 11.38 -20.46 -18.44
C VAL C 93 10.49 -21.04 -17.35
N TYR C 94 9.52 -20.26 -16.91
CA TYR C 94 8.59 -20.67 -15.87
C TYR C 94 7.27 -20.95 -16.52
N TYR C 95 6.70 -22.14 -16.29
CA TYR C 95 5.41 -22.54 -16.81
C TYR C 95 4.44 -22.73 -15.66
N CYS C 96 3.17 -22.38 -15.88
CA CYS C 96 2.15 -22.76 -14.93
C CYS C 96 1.41 -23.89 -15.56
N VAL C 97 0.92 -24.79 -14.72
CA VAL C 97 0.25 -26.03 -15.11
C VAL C 97 -0.95 -26.11 -14.19
N GLY C 98 -2.02 -26.69 -14.67
CA GLY C 98 -3.20 -26.83 -13.85
C GLY C 98 -3.88 -28.12 -14.19
N GLY C 99 -4.54 -28.71 -13.21
CA GLY C 99 -5.31 -29.92 -13.40
C GLY C 99 -6.51 -29.97 -12.47
N TYR C 100 -7.66 -30.46 -12.96
CA TYR C 100 -8.85 -30.62 -12.10
C TYR C 100 -8.51 -31.49 -10.89
N SER C 101 -8.63 -30.90 -9.73
CA SER C 101 -8.29 -31.56 -8.50
C SER C 101 -9.50 -31.65 -7.58
N ASN C 102 -9.65 -32.82 -6.99
CA ASN C 102 -10.69 -33.21 -6.02
C ASN C 102 -9.99 -33.53 -4.65
N PHE C 103 -8.64 -33.51 -4.59
CA PHE C 103 -7.86 -33.80 -3.37
C PHE C 103 -6.54 -33.10 -3.45
N TYR C 104 -6.43 -32.01 -2.69
CA TYR C 104 -5.25 -31.15 -2.52
C TYR C 104 -4.60 -30.73 -3.81
N TYR C 105 -3.37 -31.25 -4.10
CA TYR C 105 -2.58 -30.89 -5.28
C TYR C 105 -2.62 -31.95 -6.40
N TYR C 106 -3.31 -33.09 -6.20
CA TYR C 106 -3.36 -34.21 -7.12
C TYR C 106 -4.17 -33.92 -8.34
N TYR C 107 -3.69 -34.41 -9.49
CA TYR C 107 -4.31 -34.23 -10.79
C TYR C 107 -3.90 -35.36 -11.77
N THR C 108 -4.63 -35.48 -12.92
CA THR C 108 -4.36 -36.49 -13.97
C THR C 108 -4.08 -35.75 -15.25
N MET C 109 -5.11 -35.23 -15.90
CA MET C 109 -4.90 -34.44 -17.09
C MET C 109 -4.61 -33.00 -16.66
N ASP C 110 -3.68 -32.38 -17.35
CA ASP C 110 -3.26 -31.02 -17.07
C ASP C 110 -3.50 -30.04 -18.24
N VAL C 111 -3.07 -28.77 -18.06
CA VAL C 111 -3.15 -27.63 -18.96
C VAL C 111 -1.85 -26.91 -18.71
N TRP C 112 -1.13 -26.52 -19.73
CA TRP C 112 0.12 -25.76 -19.58
C TRP C 112 0.04 -24.42 -20.29
N GLY C 113 0.68 -23.43 -19.72
CA GLY C 113 0.79 -22.11 -20.33
C GLY C 113 1.94 -22.19 -21.30
N GLN C 114 2.27 -21.08 -21.94
CA GLN C 114 3.32 -21.04 -22.96
C GLN C 114 4.75 -20.79 -22.41
N GLY C 115 4.86 -20.41 -21.14
CA GLY C 115 6.11 -20.09 -20.49
C GLY C 115 6.45 -18.60 -20.45
N THR C 116 7.24 -18.20 -19.42
CA THR C 116 7.77 -16.84 -19.30
C THR C 116 9.22 -16.88 -18.86
N THR C 117 10.06 -16.17 -19.57
CA THR C 117 11.47 -16.19 -19.24
C THR C 117 11.83 -15.24 -18.11
N VAL C 118 12.53 -15.78 -17.13
CA VAL C 118 13.05 -15.03 -16.01
C VAL C 118 14.57 -15.06 -16.07
N THR C 119 15.18 -13.87 -16.16
CA THR C 119 16.63 -13.75 -16.21
C THR C 119 17.13 -13.05 -14.97
N VAL C 120 17.94 -13.74 -14.17
CA VAL C 120 18.51 -13.16 -12.96
C VAL C 120 19.97 -12.91 -13.24
N SER C 121 20.33 -11.66 -13.44
CA SER C 121 21.71 -11.31 -13.73
C SER C 121 22.01 -9.92 -13.28
N SER C 122 23.28 -9.66 -12.99
CA SER C 122 23.75 -8.35 -12.57
C SER C 122 24.18 -7.47 -13.75
N ALA C 123 24.63 -8.06 -14.87
CA ALA C 123 25.03 -7.28 -16.06
C ALA C 123 23.96 -6.27 -16.52
N SER C 124 24.39 -5.12 -17.08
CA SER C 124 23.47 -4.08 -17.55
C SER C 124 23.09 -4.39 -18.98
N THR C 125 21.92 -3.89 -19.44
CA THR C 125 21.48 -4.05 -20.83
C THR C 125 22.56 -3.45 -21.70
N LYS C 126 23.05 -4.23 -22.67
CA LYS C 126 24.14 -3.82 -23.55
C LYS C 126 23.94 -4.40 -24.92
N GLY C 127 24.08 -3.54 -25.92
CA GLY C 127 23.95 -3.93 -27.31
C GLY C 127 25.15 -4.72 -27.80
N PRO C 128 24.96 -5.56 -28.85
CA PRO C 128 26.09 -6.33 -29.38
C PRO C 128 27.00 -5.52 -30.28
N SER C 129 28.25 -5.98 -30.41
CA SER C 129 29.20 -5.43 -31.36
C SER C 129 29.16 -6.52 -32.44
N VAL C 130 28.92 -6.14 -33.69
CA VAL C 130 28.78 -7.08 -34.80
C VAL C 130 30.00 -7.02 -35.73
N PHE C 131 30.70 -8.16 -35.88
CA PHE C 131 31.88 -8.29 -36.73
C PHE C 131 31.68 -9.28 -37.85
N PRO C 132 32.25 -9.02 -39.05
CA PRO C 132 32.08 -10.00 -40.12
C PRO C 132 33.00 -11.20 -39.94
N LEU C 133 32.52 -12.36 -40.41
CA LEU C 133 33.28 -13.61 -40.51
C LEU C 133 33.37 -13.76 -42.00
N ALA C 134 34.30 -13.02 -42.61
CA ALA C 134 34.48 -12.89 -44.04
C ALA C 134 34.72 -14.18 -44.77
N PRO C 135 34.15 -14.27 -45.98
CA PRO C 135 34.44 -15.43 -46.80
C PRO C 135 35.92 -15.45 -47.20
N SER C 136 36.44 -16.61 -47.68
CA SER C 136 37.76 -16.59 -48.29
C SER C 136 37.53 -16.44 -49.80
N SER C 137 38.05 -15.33 -50.35
CA SER C 137 37.97 -14.89 -51.74
C SER C 137 38.27 -16.00 -52.77
N LYS C 138 39.23 -16.89 -52.42
CA LYS C 138 39.75 -18.06 -53.17
C LYS C 138 38.64 -19.00 -53.64
N SER C 139 38.83 -19.70 -54.80
CA SER C 139 37.86 -20.68 -55.31
C SER C 139 38.20 -22.09 -54.80
N THR C 140 37.34 -22.66 -53.93
CA THR C 140 37.53 -23.98 -53.32
C THR C 140 36.96 -25.09 -54.20
N SER C 141 37.44 -26.34 -53.96
CA SER C 141 37.07 -27.59 -54.59
C SER C 141 35.57 -27.85 -54.55
N GLY C 142 34.97 -27.75 -53.37
CA GLY C 142 33.53 -27.95 -53.21
C GLY C 142 32.71 -26.87 -53.89
N GLY C 143 33.33 -25.70 -54.15
CA GLY C 143 32.70 -24.54 -54.80
C GLY C 143 31.73 -23.81 -53.89
N THR C 144 31.84 -24.13 -52.58
CA THR C 144 31.05 -23.56 -51.48
C THR C 144 31.93 -22.71 -50.59
N ALA C 145 31.42 -21.54 -50.24
CA ALA C 145 32.05 -20.61 -49.34
C ALA C 145 31.15 -20.44 -48.12
N ALA C 146 31.77 -20.09 -46.99
CA ALA C 146 31.07 -19.81 -45.75
C ALA C 146 31.44 -18.43 -45.25
N LEU C 147 30.44 -17.70 -44.80
CA LEU C 147 30.64 -16.42 -44.17
C LEU C 147 29.62 -16.24 -43.07
N GLY C 148 29.79 -15.21 -42.27
CA GLY C 148 28.85 -14.96 -41.19
C GLY C 148 29.09 -13.68 -40.44
N CYS C 149 28.49 -13.59 -39.26
CA CYS C 149 28.61 -12.45 -38.36
C CYS C 149 28.80 -12.97 -36.96
N LEU C 150 29.71 -12.33 -36.22
CA LEU C 150 29.93 -12.61 -34.82
C LEU C 150 29.21 -11.50 -34.08
N VAL C 151 28.25 -11.87 -33.23
CA VAL C 151 27.41 -10.96 -32.46
C VAL C 151 27.89 -11.08 -31.03
N LYS C 152 28.85 -10.24 -30.65
CA LYS C 152 29.55 -10.33 -29.38
C LYS C 152 29.19 -9.26 -28.33
N ASP C 153 29.14 -9.71 -27.05
CA ASP C 153 29.00 -8.89 -25.84
C ASP C 153 27.66 -8.14 -25.69
N TYR C 154 26.55 -8.87 -25.71
CA TYR C 154 25.24 -8.28 -25.51
C TYR C 154 24.52 -8.87 -24.31
N PHE C 155 23.56 -8.13 -23.79
CA PHE C 155 22.76 -8.56 -22.66
C PHE C 155 21.48 -7.75 -22.62
N PRO C 156 20.32 -8.39 -22.39
CA PRO C 156 20.09 -9.82 -22.17
C PRO C 156 19.78 -10.52 -23.48
N GLU C 157 19.23 -11.73 -23.39
CA GLU C 157 18.71 -12.39 -24.58
C GLU C 157 17.36 -11.74 -24.84
N PRO C 158 16.83 -11.81 -26.07
CA PRO C 158 17.38 -12.48 -27.24
C PRO C 158 17.88 -11.50 -28.28
N VAL C 159 18.55 -12.03 -29.29
CA VAL C 159 19.00 -11.24 -30.43
C VAL C 159 18.44 -11.94 -31.67
N THR C 160 18.07 -11.19 -32.70
CA THR C 160 17.59 -11.80 -33.95
C THR C 160 18.52 -11.45 -35.09
N VAL C 161 18.84 -12.44 -35.91
CA VAL C 161 19.72 -12.25 -37.05
C VAL C 161 19.00 -12.74 -38.30
N SER C 162 19.06 -11.94 -39.36
CA SER C 162 18.56 -12.31 -40.67
C SER C 162 19.68 -11.97 -41.67
N TRP C 163 19.54 -12.47 -42.91
CA TRP C 163 20.53 -12.24 -43.95
C TRP C 163 19.89 -11.59 -45.13
N ASN C 164 20.53 -10.51 -45.65
CA ASN C 164 20.02 -9.72 -46.77
C ASN C 164 18.54 -9.39 -46.59
N SER C 165 18.16 -9.02 -45.36
CA SER C 165 16.80 -8.70 -44.96
C SER C 165 15.79 -9.80 -45.34
N GLY C 166 16.09 -11.03 -44.89
CA GLY C 166 15.23 -12.19 -45.05
C GLY C 166 15.26 -12.88 -46.40
N ALA C 167 15.99 -12.32 -47.37
CA ALA C 167 16.10 -12.91 -48.70
C ALA C 167 16.91 -14.21 -48.69
N LEU C 168 17.95 -14.27 -47.83
CA LEU C 168 18.80 -15.44 -47.71
C LEU C 168 18.40 -16.24 -46.47
N THR C 169 17.80 -17.42 -46.69
CA THR C 169 17.36 -18.26 -45.59
C THR C 169 18.01 -19.61 -45.66
N SER C 170 18.09 -20.18 -46.87
CA SER C 170 18.67 -21.50 -47.04
C SER C 170 20.16 -21.48 -46.77
N GLY C 171 20.62 -22.43 -45.99
CA GLY C 171 22.02 -22.57 -45.63
C GLY C 171 22.47 -21.72 -44.46
N VAL C 172 21.50 -21.07 -43.77
CA VAL C 172 21.76 -20.22 -42.61
C VAL C 172 21.75 -21.04 -41.31
N HIS C 173 22.78 -20.84 -40.47
CA HIS C 173 22.87 -21.42 -39.15
C HIS C 173 23.18 -20.32 -38.14
N THR C 174 22.19 -19.94 -37.34
CA THR C 174 22.37 -19.00 -36.25
C THR C 174 22.55 -19.84 -34.98
N PHE C 175 23.74 -19.81 -34.43
CA PHE C 175 24.06 -20.63 -33.27
C PHE C 175 23.47 -20.09 -31.99
N PRO C 176 23.08 -21.03 -31.07
CA PRO C 176 22.60 -20.61 -29.76
C PRO C 176 23.64 -19.76 -29.03
N ALA C 177 23.18 -18.71 -28.35
CA ALA C 177 24.04 -17.80 -27.61
C ALA C 177 24.74 -18.54 -26.50
N VAL C 178 25.93 -18.09 -26.19
CA VAL C 178 26.73 -18.64 -25.12
C VAL C 178 27.08 -17.50 -24.16
N LEU C 179 26.90 -17.74 -22.86
CA LEU C 179 27.24 -16.77 -21.85
C LEU C 179 28.75 -16.78 -21.60
N GLN C 180 29.40 -15.62 -21.78
CA GLN C 180 30.84 -15.50 -21.52
C GLN C 180 31.06 -15.33 -20.00
N SER C 181 32.31 -15.49 -19.54
CA SER C 181 32.67 -15.30 -18.14
C SER C 181 32.52 -13.83 -17.75
N SER C 182 32.34 -12.97 -18.77
CA SER C 182 32.11 -11.55 -18.67
C SER C 182 30.68 -11.29 -18.18
N GLY C 183 29.81 -12.28 -18.37
CA GLY C 183 28.40 -12.17 -18.05
C GLY C 183 27.60 -11.68 -19.24
N LEU C 184 28.27 -11.53 -20.40
CA LEU C 184 27.61 -11.11 -21.64
C LEU C 184 27.53 -12.27 -22.62
N TYR C 185 26.50 -12.24 -23.46
CA TYR C 185 26.29 -13.28 -24.46
C TYR C 185 27.10 -12.98 -25.69
N SER C 186 27.31 -14.01 -26.52
CA SER C 186 27.98 -13.94 -27.80
C SER C 186 27.50 -15.11 -28.68
N LEU C 187 27.25 -14.86 -29.95
CA LEU C 187 26.83 -15.90 -30.89
C LEU C 187 27.31 -15.57 -32.27
N SER C 188 27.27 -16.54 -33.17
CA SER C 188 27.61 -16.34 -34.57
C SER C 188 26.47 -16.82 -35.44
N SER C 189 26.23 -16.14 -36.55
CA SER C 189 25.24 -16.58 -37.52
C SER C 189 26.04 -16.79 -38.78
N VAL C 190 25.94 -17.97 -39.41
CA VAL C 190 26.70 -18.27 -40.62
C VAL C 190 25.79 -18.63 -41.76
N VAL C 191 26.36 -18.70 -42.98
CA VAL C 191 25.69 -19.13 -44.21
C VAL C 191 26.71 -19.73 -45.19
N THR C 192 26.32 -20.79 -45.90
CA THR C 192 27.17 -21.36 -46.97
C THR C 192 26.54 -20.98 -48.30
N VAL C 193 27.40 -20.53 -49.24
CA VAL C 193 27.03 -20.03 -50.56
C VAL C 193 28.05 -20.48 -51.62
N PRO C 194 27.71 -20.49 -52.92
CA PRO C 194 28.71 -20.82 -53.94
C PRO C 194 29.82 -19.77 -53.98
N SER C 195 31.07 -20.22 -54.18
CA SER C 195 32.21 -19.31 -54.24
C SER C 195 31.98 -18.27 -55.36
N SER C 196 31.33 -18.71 -56.45
CA SER C 196 31.00 -17.90 -57.62
C SER C 196 30.10 -16.70 -57.29
N SER C 197 29.28 -16.85 -56.26
CA SER C 197 28.35 -15.80 -55.84
C SER C 197 29.01 -14.67 -55.05
N LEU C 198 30.23 -14.89 -54.55
CA LEU C 198 30.91 -13.88 -53.74
C LEU C 198 31.23 -12.62 -54.52
N GLY C 199 31.41 -12.77 -55.82
CA GLY C 199 31.69 -11.65 -56.70
C GLY C 199 30.43 -11.03 -57.26
N THR C 200 29.28 -11.73 -57.15
CA THR C 200 28.03 -11.27 -57.75
C THR C 200 26.92 -10.90 -56.76
N GLN C 201 27.04 -11.33 -55.49
CA GLN C 201 26.03 -11.06 -54.48
C GLN C 201 26.64 -10.51 -53.22
N THR C 202 26.05 -9.42 -52.73
CA THR C 202 26.45 -8.77 -51.48
C THR C 202 25.77 -9.52 -50.34
N TYR C 203 26.49 -9.72 -49.22
CA TYR C 203 25.99 -10.42 -48.04
C TYR C 203 26.06 -9.55 -46.83
N ILE C 204 24.88 -9.27 -46.26
CA ILE C 204 24.70 -8.41 -45.10
C ILE C 204 23.86 -9.08 -44.03
N CYS C 205 24.39 -9.20 -42.82
CA CYS C 205 23.55 -9.73 -41.75
C CYS C 205 22.88 -8.57 -41.08
N ASN C 206 21.61 -8.75 -40.74
CA ASN C 206 20.81 -7.74 -40.07
C ASN C 206 20.55 -8.22 -38.65
N VAL C 207 21.21 -7.58 -37.68
CA VAL C 207 21.14 -7.93 -36.28
C VAL C 207 20.26 -6.93 -35.54
N ASN C 208 19.38 -7.43 -34.67
CA ASN C 208 18.49 -6.58 -33.90
C ASN C 208 18.42 -7.08 -32.46
N HIS C 209 18.89 -6.25 -31.53
CA HIS C 209 18.86 -6.55 -30.10
C HIS C 209 17.92 -5.55 -29.47
N LYS C 210 16.62 -5.84 -29.60
CA LYS C 210 15.53 -4.97 -29.14
C LYS C 210 15.69 -4.45 -27.70
N PRO C 211 16.17 -5.26 -26.72
CA PRO C 211 16.34 -4.72 -25.37
C PRO C 211 17.23 -3.47 -25.24
N SER C 212 18.22 -3.30 -26.14
CA SER C 212 19.14 -2.17 -26.11
C SER C 212 18.95 -1.19 -27.27
N ASN C 213 17.86 -1.36 -28.05
CA ASN C 213 17.58 -0.58 -29.26
C ASN C 213 18.77 -0.62 -30.22
N THR C 214 19.45 -1.78 -30.32
CA THR C 214 20.58 -1.91 -31.23
C THR C 214 20.12 -2.60 -32.51
N LYS C 215 20.20 -1.89 -33.64
CA LYS C 215 19.94 -2.45 -34.96
C LYS C 215 21.23 -2.24 -35.77
N VAL C 216 21.81 -3.32 -36.29
CA VAL C 216 23.07 -3.27 -37.02
C VAL C 216 22.99 -4.15 -38.26
N ASP C 217 23.48 -3.62 -39.38
CA ASP C 217 23.59 -4.34 -40.65
C ASP C 217 25.09 -4.40 -41.00
N LYS C 218 25.69 -5.60 -41.07
CA LYS C 218 27.11 -5.75 -41.40
C LYS C 218 27.28 -6.50 -42.67
N ARG C 219 28.19 -6.00 -43.55
CA ARG C 219 28.52 -6.67 -44.80
C ARG C 219 29.70 -7.63 -44.57
N VAL C 220 29.53 -8.88 -45.02
CA VAL C 220 30.53 -9.92 -44.92
C VAL C 220 31.12 -10.14 -46.30
N GLU C 221 32.39 -9.78 -46.44
CA GLU C 221 33.05 -9.83 -47.73
C GLU C 221 34.49 -10.29 -47.73
N PRO C 222 34.91 -10.81 -48.89
CA PRO C 222 36.28 -11.32 -49.08
C PRO C 222 37.44 -10.57 -48.43
N VAL D 2 14.25 26.25 15.56
CA VAL D 2 12.79 26.13 15.35
C VAL D 2 12.45 26.48 13.90
N GLN D 3 12.04 25.48 13.12
CA GLN D 3 11.74 25.69 11.71
C GLN D 3 10.73 24.72 11.14
N LEU D 4 10.17 25.11 9.98
CA LEU D 4 9.24 24.31 9.21
C LEU D 4 9.70 24.31 7.76
N VAL D 5 9.95 23.12 7.20
CA VAL D 5 10.37 23.05 5.80
C VAL D 5 9.31 22.36 4.96
N GLU D 6 8.79 23.07 3.97
CA GLU D 6 7.74 22.54 3.13
C GLU D 6 8.27 22.01 1.85
N SER D 7 7.53 21.05 1.23
CA SER D 7 7.87 20.41 -0.04
C SER D 7 6.66 19.77 -0.69
N GLY D 8 6.82 19.39 -1.94
CA GLY D 8 5.77 18.69 -2.66
C GLY D 8 4.98 19.54 -3.64
N GLY D 9 5.29 20.82 -3.68
CA GLY D 9 4.62 21.72 -4.61
C GLY D 9 5.05 21.42 -6.03
N GLY D 10 4.18 21.73 -6.97
CA GLY D 10 4.48 21.50 -8.38
C GLY D 10 3.30 21.75 -9.28
N LEU D 11 3.48 21.40 -10.57
CA LEU D 11 2.45 21.54 -11.57
C LEU D 11 1.59 20.30 -11.53
N VAL D 12 0.29 20.53 -11.57
CA VAL D 12 -0.73 19.50 -11.57
C VAL D 12 -1.81 19.89 -12.54
N GLN D 13 -2.42 18.92 -13.15
CA GLN D 13 -3.46 19.19 -14.10
C GLN D 13 -4.74 19.34 -13.32
N PRO D 14 -5.71 20.12 -13.86
CA PRO D 14 -7.03 20.24 -13.21
C PRO D 14 -7.70 18.88 -12.98
N GLY D 15 -8.58 18.80 -11.99
CA GLY D 15 -9.21 17.55 -11.57
C GLY D 15 -8.20 16.62 -10.89
N GLY D 16 -6.91 16.91 -11.10
CA GLY D 16 -5.78 16.17 -10.56
C GLY D 16 -5.58 16.20 -9.06
N SER D 17 -4.53 15.54 -8.56
CA SER D 17 -4.24 15.43 -7.13
C SER D 17 -2.74 15.65 -6.80
N LEU D 18 -2.40 15.97 -5.53
CA LEU D 18 -1.05 16.26 -5.04
C LEU D 18 -0.95 16.15 -3.52
N ARG D 19 0.23 15.86 -2.98
CA ARG D 19 0.41 15.80 -1.53
C ARG D 19 1.56 16.71 -1.12
N LEU D 20 1.29 17.63 -0.18
CA LEU D 20 2.29 18.55 0.38
C LEU D 20 2.82 18.04 1.71
N SER D 21 4.09 18.32 1.99
CA SER D 21 4.74 17.94 3.24
C SER D 21 5.31 19.16 3.95
N CYS D 22 5.48 19.05 5.25
CA CYS D 22 6.00 20.12 6.09
C CYS D 22 6.77 19.44 7.24
N SER D 23 8.09 19.44 7.14
CA SER D 23 8.94 18.82 8.16
C SER D 23 9.34 19.81 9.24
N ALA D 24 8.99 19.45 10.47
CA ALA D 24 9.20 20.24 11.66
C ALA D 24 10.44 19.83 12.40
N SER D 25 11.20 20.84 12.85
CA SER D 25 12.44 20.68 13.59
C SER D 25 12.60 21.76 14.66
N GLY D 26 13.38 21.45 15.70
CA GLY D 26 13.70 22.39 16.77
C GLY D 26 12.71 22.51 17.91
N PHE D 27 11.67 21.65 17.92
CA PHE D 27 10.63 21.67 18.97
C PHE D 27 9.89 20.32 19.09
N THR D 28 9.09 20.17 20.15
CA THR D 28 8.27 18.98 20.36
C THR D 28 7.03 19.12 19.43
N PHE D 29 7.10 18.55 18.20
CA PHE D 29 6.06 18.60 17.18
C PHE D 29 4.66 18.28 17.69
N SER D 30 4.54 17.32 18.62
CA SER D 30 3.26 16.96 19.22
C SER D 30 2.57 18.08 20.00
N THR D 31 3.34 19.09 20.51
CA THR D 31 2.84 20.20 21.31
C THR D 31 2.34 21.41 20.50
N TYR D 32 2.36 21.28 19.17
CA TYR D 32 1.97 22.34 18.26
C TYR D 32 0.78 22.05 17.35
N SER D 33 -0.24 22.92 17.39
CA SER D 33 -1.35 22.85 16.44
C SER D 33 -0.69 23.33 15.16
N MET D 34 -0.92 22.61 14.07
CA MET D 34 -0.31 22.90 12.78
C MET D 34 -1.41 23.31 11.84
N HIS D 35 -1.08 24.23 10.91
CA HIS D 35 -2.08 24.86 10.05
C HIS D 35 -1.53 25.05 8.65
N TRP D 36 -2.44 25.14 7.67
CA TRP D 36 -2.09 25.41 6.29
C TRP D 36 -2.78 26.73 5.91
N VAL D 37 -1.96 27.67 5.42
CA VAL D 37 -2.35 29.00 4.95
C VAL D 37 -1.86 29.10 3.50
N ARG D 38 -2.73 29.57 2.60
CA ARG D 38 -2.35 29.75 1.20
C ARG D 38 -2.51 31.19 0.73
N GLN D 39 -1.77 31.56 -0.33
CA GLN D 39 -1.86 32.88 -0.94
C GLN D 39 -1.78 32.73 -2.43
N ALA D 40 -2.91 32.97 -3.10
CA ALA D 40 -2.99 32.90 -4.55
C ALA D 40 -2.25 34.13 -5.13
N PRO D 41 -1.74 34.05 -6.37
CA PRO D 41 -1.01 35.21 -6.91
C PRO D 41 -1.90 36.45 -6.99
N GLY D 42 -1.42 37.53 -6.39
CA GLY D 42 -2.11 38.81 -6.33
C GLY D 42 -3.24 38.91 -5.31
N LYS D 43 -3.50 37.81 -4.55
CA LYS D 43 -4.56 37.75 -3.53
C LYS D 43 -3.93 37.74 -2.15
N GLY D 44 -4.77 37.81 -1.12
CA GLY D 44 -4.29 37.80 0.26
C GLY D 44 -4.18 36.40 0.83
N LEU D 45 -3.75 36.34 2.11
CA LEU D 45 -3.61 35.10 2.87
C LEU D 45 -4.99 34.57 3.15
N GLU D 46 -5.21 33.26 2.90
CA GLU D 46 -6.46 32.51 3.13
C GLU D 46 -6.14 31.38 4.10
N TYR D 47 -6.75 31.41 5.31
CA TYR D 47 -6.59 30.35 6.31
C TYR D 47 -7.46 29.22 5.82
N VAL D 48 -6.82 28.07 5.51
CA VAL D 48 -7.50 26.94 4.86
C VAL D 48 -7.79 25.76 5.80
N SER D 49 -6.81 25.28 6.56
CA SER D 49 -7.05 24.11 7.39
C SER D 49 -6.20 24.08 8.66
N ALA D 50 -6.63 23.29 9.64
CA ALA D 50 -5.87 23.13 10.87
C ALA D 50 -6.06 21.73 11.45
N ILE D 51 -5.06 21.29 12.22
CA ILE D 51 -5.03 19.99 12.87
C ILE D 51 -4.50 20.11 14.30
N THR D 52 -5.13 19.39 15.23
CA THR D 52 -4.73 19.34 16.62
C THR D 52 -3.28 18.82 16.74
N GLY D 53 -2.63 19.15 17.87
CA GLY D 53 -1.29 18.71 18.17
C GLY D 53 -1.19 17.20 18.14
N GLU D 54 -2.23 16.52 18.67
CA GLU D 54 -2.26 15.05 18.70
C GLU D 54 -2.78 14.35 17.41
N GLY D 55 -3.24 15.10 16.41
CA GLY D 55 -3.80 14.54 15.17
C GLY D 55 -5.26 14.16 15.27
N ASP D 56 -5.83 14.15 16.49
CA ASP D 56 -7.20 13.82 16.87
C ASP D 56 -8.28 14.34 15.96
N SER D 57 -8.26 15.68 15.69
CA SER D 57 -9.32 16.48 15.06
C SER D 57 -8.74 17.41 14.00
N ALA D 58 -9.54 17.70 12.98
CA ALA D 58 -9.13 18.51 11.85
C ALA D 58 -10.19 19.53 11.51
N PHE D 59 -9.75 20.66 11.00
CA PHE D 59 -10.61 21.74 10.53
C PHE D 59 -10.26 22.04 9.06
N TYR D 60 -11.29 22.35 8.26
CA TYR D 60 -11.15 22.73 6.87
C TYR D 60 -12.15 23.84 6.59
N ALA D 61 -11.63 24.90 5.93
CA ALA D 61 -12.43 26.03 5.45
C ALA D 61 -13.28 25.51 4.29
N ASP D 62 -14.51 26.01 4.12
CA ASP D 62 -15.40 25.54 3.04
C ASP D 62 -14.70 25.48 1.66
N SER D 63 -13.86 26.49 1.35
CA SER D 63 -13.03 26.64 0.15
C SER D 63 -12.23 25.39 -0.23
N VAL D 64 -12.02 24.51 0.75
CA VAL D 64 -11.22 23.29 0.56
C VAL D 64 -11.92 22.04 1.09
N LYS D 65 -12.90 22.21 2.04
CA LYS D 65 -13.67 21.16 2.69
C LYS D 65 -14.21 20.25 1.64
N GLY D 66 -13.78 19.01 1.71
CA GLY D 66 -14.21 18.01 0.75
C GLY D 66 -13.04 17.49 -0.05
N ARG D 67 -12.30 18.38 -0.70
CA ARG D 67 -11.17 17.96 -1.52
C ARG D 67 -9.85 17.82 -0.79
N PHE D 68 -9.64 18.61 0.27
CA PHE D 68 -8.35 18.60 0.95
C PHE D 68 -8.41 17.89 2.30
N THR D 69 -7.35 17.11 2.60
CA THR D 69 -7.24 16.37 3.85
C THR D 69 -5.92 16.65 4.55
N ILE D 70 -6.01 17.26 5.76
CA ILE D 70 -4.85 17.56 6.61
C ILE D 70 -4.59 16.32 7.49
N SER D 71 -3.31 16.01 7.73
CA SER D 71 -2.86 14.86 8.53
C SER D 71 -1.47 15.14 9.09
N ARG D 72 -1.00 14.32 10.05
CA ARG D 72 0.32 14.54 10.64
C ARG D 72 0.96 13.28 11.23
N ASP D 73 2.32 13.19 11.16
CA ASP D 73 3.08 12.08 11.73
C ASP D 73 4.05 12.60 12.76
N ASN D 74 3.75 12.41 14.05
CA ASN D 74 4.60 12.91 15.14
C ASN D 74 5.89 12.11 15.36
N SER D 75 5.98 10.91 14.77
CA SER D 75 7.18 10.07 14.85
C SER D 75 8.16 10.63 13.79
N LYS D 76 7.63 10.89 12.59
CA LYS D 76 8.33 11.44 11.46
C LYS D 76 8.33 12.98 11.44
N ASN D 77 7.82 13.67 12.53
CA ASN D 77 7.72 15.15 12.63
C ASN D 77 7.25 15.81 11.32
N THR D 78 6.18 15.30 10.71
CA THR D 78 5.75 15.85 9.43
C THR D 78 4.24 16.11 9.34
N LEU D 79 3.89 17.25 8.73
CA LEU D 79 2.52 17.66 8.50
C LEU D 79 2.26 17.41 7.04
N TYR D 80 1.05 16.98 6.69
CA TYR D 80 0.73 16.74 5.28
C TYR D 80 -0.53 17.42 4.89
N PHE D 81 -0.56 17.87 3.65
CA PHE D 81 -1.75 18.38 3.03
C PHE D 81 -1.95 17.55 1.80
N GLU D 82 -2.43 16.32 2.03
CA GLU D 82 -2.77 15.38 0.98
C GLU D 82 -3.94 16.06 0.27
N MET D 83 -3.62 16.78 -0.83
CA MET D 83 -4.65 17.52 -1.54
C MET D 83 -5.00 16.88 -2.86
N ASN D 84 -6.26 16.41 -2.92
CA ASN D 84 -6.86 15.72 -4.06
C ASN D 84 -7.87 16.64 -4.71
N SER D 85 -8.35 16.28 -5.93
CA SER D 85 -9.37 17.01 -6.68
C SER D 85 -9.00 18.48 -6.98
N LEU D 86 -7.71 18.76 -7.15
CA LEU D 86 -7.14 20.06 -7.42
C LEU D 86 -7.78 20.77 -8.58
N ARG D 87 -8.05 22.07 -8.41
CA ARG D 87 -8.65 22.95 -9.43
C ARG D 87 -7.72 24.15 -9.68
N PRO D 88 -7.85 24.90 -10.81
CA PRO D 88 -6.98 26.05 -11.04
C PRO D 88 -6.95 27.09 -9.93
N GLU D 89 -8.09 27.26 -9.20
CA GLU D 89 -8.24 28.21 -8.08
C GLU D 89 -7.45 27.82 -6.84
N ASP D 90 -6.86 26.61 -6.80
CA ASP D 90 -6.03 26.20 -5.68
C ASP D 90 -4.56 26.51 -5.99
N THR D 91 -4.32 27.21 -7.13
CA THR D 91 -2.97 27.67 -7.52
C THR D 91 -2.58 28.75 -6.51
N ALA D 92 -1.50 28.50 -5.73
CA ALA D 92 -1.09 29.40 -4.66
C ALA D 92 0.21 28.94 -4.03
N VAL D 93 0.77 29.78 -3.15
CA VAL D 93 1.90 29.45 -2.32
C VAL D 93 1.24 28.93 -1.07
N TYR D 94 1.61 27.73 -0.66
CA TYR D 94 1.04 27.09 0.51
C TYR D 94 2.05 27.16 1.60
N TYR D 95 1.68 27.69 2.77
CA TYR D 95 2.55 27.82 3.93
C TYR D 95 2.03 26.96 5.04
N CYS D 96 2.95 26.34 5.79
CA CYS D 96 2.51 25.67 6.98
C CYS D 96 2.91 26.56 8.12
N VAL D 97 2.09 26.58 9.16
CA VAL D 97 2.27 27.43 10.30
C VAL D 97 2.06 26.54 11.47
N GLY D 98 2.70 26.84 12.56
CA GLY D 98 2.54 26.04 13.76
C GLY D 98 2.67 26.92 14.96
N GLY D 99 1.95 26.58 15.99
CA GLY D 99 2.02 27.30 17.24
C GLY D 99 1.81 26.39 18.41
N TYR D 100 2.56 26.62 19.51
CA TYR D 100 2.38 25.83 20.72
C TYR D 100 0.89 25.92 21.16
N SER D 101 0.25 24.77 21.16
CA SER D 101 -1.14 24.70 21.51
C SER D 101 -1.33 23.80 22.71
N ASN D 102 -2.17 24.27 23.63
CA ASN D 102 -2.61 23.63 24.87
C ASN D 102 -4.13 23.34 24.75
N PHE D 103 -4.80 23.79 23.63
CA PHE D 103 -6.23 23.57 23.44
C PHE D 103 -6.54 23.58 21.98
N TYR D 104 -6.81 22.39 21.43
CA TYR D 104 -7.18 22.12 20.06
C TYR D 104 -6.28 22.77 19.03
N TYR D 105 -6.82 23.76 18.29
CA TYR D 105 -6.15 24.46 17.20
C TYR D 105 -5.65 25.88 17.59
N TYR D 106 -5.96 26.35 18.81
CA TYR D 106 -5.59 27.68 19.28
C TYR D 106 -4.12 27.83 19.50
N TYR D 107 -3.60 29.02 19.17
CA TYR D 107 -2.20 29.38 19.33
C TYR D 107 -2.01 30.90 19.47
N THR D 108 -0.80 31.34 19.93
CA THR D 108 -0.49 32.77 20.07
C THR D 108 0.70 33.08 19.17
N MET D 109 1.90 32.66 19.59
CA MET D 109 3.09 32.82 18.80
C MET D 109 3.16 31.63 17.86
N ASP D 110 3.51 31.90 16.61
CA ASP D 110 3.61 30.90 15.57
C ASP D 110 5.04 30.74 15.01
N VAL D 111 5.15 29.88 13.96
CA VAL D 111 6.35 29.52 13.21
C VAL D 111 5.83 29.34 11.81
N TRP D 112 6.49 29.92 10.83
CA TRP D 112 6.08 29.75 9.44
C TRP D 112 7.20 29.14 8.60
N GLY D 113 6.79 28.34 7.63
CA GLY D 113 7.70 27.77 6.68
C GLY D 113 7.90 28.80 5.60
N GLN D 114 8.71 28.48 4.59
CA GLN D 114 9.04 29.40 3.50
C GLN D 114 8.00 29.43 2.35
N GLY D 115 7.10 28.45 2.32
CA GLY D 115 6.10 28.31 1.28
C GLY D 115 6.50 27.34 0.18
N THR D 116 5.48 26.78 -0.52
CA THR D 116 5.66 25.89 -1.66
C THR D 116 4.61 26.23 -2.71
N THR D 117 5.05 26.45 -3.94
CA THR D 117 4.12 26.84 -4.99
C THR D 117 3.44 25.64 -5.61
N VAL D 118 2.11 25.73 -5.70
CA VAL D 118 1.26 24.72 -6.31
C VAL D 118 0.61 25.37 -7.51
N THR D 119 0.86 24.79 -8.69
CA THR D 119 0.27 25.28 -9.94
C THR D 119 -0.69 24.26 -10.48
N VAL D 120 -1.96 24.65 -10.60
CA VAL D 120 -2.98 23.77 -11.15
C VAL D 120 -3.35 24.30 -12.51
N SER D 121 -2.83 23.66 -13.57
CA SER D 121 -3.08 24.11 -14.93
C SER D 121 -3.04 22.96 -15.89
N SER D 122 -3.75 23.12 -17.03
CA SER D 122 -3.80 22.14 -18.10
C SER D 122 -2.68 22.30 -19.16
N ALA D 123 -2.15 23.55 -19.36
CA ALA D 123 -1.07 23.88 -20.32
C ALA D 123 0.19 23.03 -20.16
N SER D 124 0.85 22.71 -21.29
CA SER D 124 2.07 21.91 -21.30
C SER D 124 3.28 22.81 -21.13
N THR D 125 4.37 22.26 -20.54
CA THR D 125 5.66 22.97 -20.37
C THR D 125 6.10 23.42 -21.75
N LYS D 126 6.38 24.72 -21.91
CA LYS D 126 6.75 25.31 -23.18
C LYS D 126 7.75 26.42 -22.97
N GLY D 127 8.79 26.42 -23.79
CA GLY D 127 9.83 27.44 -23.74
C GLY D 127 9.37 28.75 -24.36
N PRO D 128 9.98 29.88 -23.93
CA PRO D 128 9.59 31.18 -24.49
C PRO D 128 10.18 31.46 -25.87
N SER D 129 9.53 32.37 -26.60
CA SER D 129 10.02 32.87 -27.88
C SER D 129 10.54 34.24 -27.46
N VAL D 130 11.82 34.53 -27.74
CA VAL D 130 12.45 35.80 -27.33
C VAL D 130 12.65 36.74 -28.52
N PHE D 131 12.03 37.94 -28.45
CA PHE D 131 12.12 38.95 -29.51
C PHE D 131 12.76 40.24 -29.01
N PRO D 132 13.58 40.93 -29.85
CA PRO D 132 14.19 42.20 -29.38
C PRO D 132 13.21 43.36 -29.44
N LEU D 133 13.38 44.29 -28.50
CA LEU D 133 12.65 45.56 -28.42
C LEU D 133 13.76 46.55 -28.69
N ALA D 134 14.19 46.67 -29.97
CA ALA D 134 15.30 47.49 -30.45
C ALA D 134 15.21 48.96 -30.09
N THR D 144 19.25 59.52 -23.66
CA THR D 144 18.91 58.21 -23.14
C THR D 144 18.05 57.42 -24.13
N ALA D 145 18.42 56.18 -24.34
CA ALA D 145 17.73 55.23 -25.21
C ALA D 145 17.23 54.08 -24.36
N ALA D 146 16.16 53.42 -24.82
CA ALA D 146 15.58 52.26 -24.16
C ALA D 146 15.48 51.09 -25.12
N LEU D 147 15.84 49.90 -24.64
CA LEU D 147 15.76 48.66 -25.39
C LEU D 147 15.41 47.53 -24.45
N GLY D 148 15.05 46.39 -25.02
CA GLY D 148 14.68 45.23 -24.21
C GLY D 148 14.43 43.96 -24.97
N CYS D 149 13.78 43.01 -24.31
CA CYS D 149 13.41 41.71 -24.86
C CYS D 149 11.99 41.37 -24.45
N LEU D 150 11.22 40.84 -25.38
CA LEU D 150 9.90 40.35 -25.10
C LEU D 150 10.04 38.83 -25.01
N VAL D 151 9.65 38.26 -23.87
CA VAL D 151 9.76 36.85 -23.57
C VAL D 151 8.33 36.32 -23.58
N LYS D 152 7.87 35.85 -24.75
CA LYS D 152 6.49 35.46 -24.98
C LYS D 152 6.22 33.94 -25.08
N ASP D 153 5.05 33.52 -24.57
CA ASP D 153 4.46 32.17 -24.65
C ASP D 153 5.26 31.05 -23.99
N TYR D 154 5.49 31.16 -22.68
CA TYR D 154 6.18 30.12 -21.93
C TYR D 154 5.33 29.62 -20.78
N PHE D 155 5.60 28.39 -20.33
CA PHE D 155 4.89 27.77 -19.22
C PHE D 155 5.78 26.69 -18.63
N PRO D 156 5.88 26.58 -17.29
CA PRO D 156 5.26 27.42 -16.26
C PRO D 156 6.22 28.56 -15.87
N GLU D 157 5.97 29.18 -14.71
CA GLU D 157 6.89 30.14 -14.16
C GLU D 157 7.98 29.30 -13.50
N PRO D 158 9.20 29.84 -13.30
CA PRO D 158 9.65 31.19 -13.58
C PRO D 158 10.62 31.25 -14.77
N VAL D 159 10.93 32.47 -15.19
CA VAL D 159 11.92 32.70 -16.23
C VAL D 159 12.92 33.70 -15.66
N THR D 160 14.21 33.59 -15.99
CA THR D 160 15.20 34.55 -15.50
C THR D 160 15.81 35.27 -16.67
N VAL D 161 15.93 36.59 -16.54
CA VAL D 161 16.51 37.42 -17.57
C VAL D 161 17.66 38.20 -16.96
N SER D 162 18.79 38.22 -17.68
CA SER D 162 19.95 39.01 -17.34
C SER D 162 20.39 39.74 -18.61
N TRP D 163 21.26 40.73 -18.47
CA TRP D 163 21.75 41.52 -19.60
C TRP D 163 23.25 41.46 -19.68
N ASN D 164 23.79 41.16 -20.88
CA ASN D 164 25.23 40.98 -21.14
C ASN D 164 25.87 40.07 -20.10
N SER D 165 25.15 38.98 -19.76
CA SER D 165 25.52 37.97 -18.77
C SER D 165 25.85 38.59 -17.38
N GLY D 166 24.90 39.38 -16.85
CA GLY D 166 24.97 40.02 -15.55
C GLY D 166 25.81 41.28 -15.44
N ALA D 167 26.50 41.66 -16.53
CA ALA D 167 27.36 42.87 -16.55
C ALA D 167 26.53 44.14 -16.49
N LEU D 168 25.35 44.14 -17.13
CA LEU D 168 24.43 45.28 -17.17
C LEU D 168 23.32 45.08 -16.15
N THR D 169 23.36 45.87 -15.07
CA THR D 169 22.38 45.77 -13.98
C THR D 169 21.62 47.07 -13.80
N SER D 170 22.35 48.19 -13.86
CA SER D 170 21.81 49.52 -13.68
C SER D 170 20.83 49.86 -14.80
N GLY D 171 19.65 50.32 -14.41
CA GLY D 171 18.59 50.73 -15.33
C GLY D 171 17.76 49.61 -15.92
N VAL D 172 17.90 48.38 -15.37
CA VAL D 172 17.17 47.20 -15.82
C VAL D 172 15.84 47.08 -15.09
N HIS D 173 14.75 46.84 -15.86
CA HIS D 173 13.41 46.58 -15.36
C HIS D 173 12.82 45.34 -16.02
N THR D 174 12.78 44.23 -15.29
CA THR D 174 12.18 42.99 -15.77
C THR D 174 10.78 42.95 -15.16
N PHE D 175 9.78 43.09 -16.02
CA PHE D 175 8.39 43.13 -15.58
C PHE D 175 7.83 41.80 -15.17
N PRO D 176 6.99 41.78 -14.13
CA PRO D 176 6.33 40.53 -13.75
C PRO D 176 5.54 39.93 -14.91
N ALA D 177 5.59 38.60 -15.00
CA ALA D 177 4.90 37.85 -16.03
C ALA D 177 3.42 38.02 -15.95
N VAL D 178 2.75 37.96 -17.09
CA VAL D 178 1.31 38.06 -17.19
C VAL D 178 0.81 36.82 -17.91
N LEU D 179 -0.23 36.22 -17.36
CA LEU D 179 -0.86 35.06 -17.97
C LEU D 179 -1.77 35.50 -19.13
N GLN D 180 -1.51 34.96 -20.33
CA GLN D 180 -2.33 35.25 -21.52
C GLN D 180 -3.57 34.35 -21.48
N SER D 181 -4.59 34.68 -22.33
CA SER D 181 -5.83 33.90 -22.45
C SER D 181 -5.51 32.50 -22.99
N SER D 182 -4.30 32.36 -23.59
CA SER D 182 -3.71 31.14 -24.14
C SER D 182 -3.35 30.16 -23.02
N GLY D 183 -3.15 30.69 -21.82
CA GLY D 183 -2.71 29.93 -20.66
C GLY D 183 -1.20 29.95 -20.54
N LEU D 184 -0.54 30.74 -21.39
CA LEU D 184 0.92 30.88 -21.39
C LEU D 184 1.31 32.26 -20.88
N TYR D 185 2.47 32.34 -20.25
CA TYR D 185 2.98 33.60 -19.72
C TYR D 185 3.71 34.37 -20.78
N SER D 186 3.89 35.68 -20.53
CA SER D 186 4.63 36.62 -21.36
C SER D 186 5.11 37.79 -20.51
N LEU D 187 6.36 38.22 -20.71
CA LEU D 187 6.91 39.37 -19.99
C LEU D 187 7.90 40.10 -20.84
N SER D 188 8.28 41.31 -20.42
CA SER D 188 9.31 42.10 -21.08
C SER D 188 10.37 42.52 -20.09
N SER D 189 11.63 42.55 -20.52
CA SER D 189 12.73 43.03 -19.69
C SER D 189 13.31 44.18 -20.47
N VAL D 190 13.44 45.35 -19.84
CA VAL D 190 13.97 46.55 -20.50
C VAL D 190 15.21 47.08 -19.79
N VAL D 191 15.89 48.04 -20.45
CA VAL D 191 17.06 48.77 -19.93
C VAL D 191 17.16 50.16 -20.60
N THR D 192 17.54 51.21 -19.84
CA THR D 192 17.80 52.54 -20.41
C THR D 192 19.30 52.75 -20.39
N VAL D 193 19.84 53.25 -21.51
CA VAL D 193 21.27 53.47 -21.77
C VAL D 193 21.52 54.80 -22.51
N PRO D 194 22.74 55.39 -22.49
CA PRO D 194 22.98 56.59 -23.31
C PRO D 194 22.87 56.24 -24.80
N SER D 195 22.29 57.17 -25.59
CA SER D 195 22.13 56.99 -27.04
C SER D 195 23.52 56.72 -27.70
N SER D 196 24.56 57.39 -27.18
CA SER D 196 25.96 57.29 -27.60
C SER D 196 26.54 55.88 -27.48
N SER D 197 26.05 55.10 -26.51
CA SER D 197 26.51 53.75 -26.24
C SER D 197 25.98 52.71 -27.24
N LEU D 198 24.92 53.05 -28.00
CA LEU D 198 24.31 52.12 -28.95
C LEU D 198 25.26 51.70 -30.05
N GLY D 199 26.19 52.57 -30.40
CA GLY D 199 27.18 52.27 -31.42
C GLY D 199 28.45 51.66 -30.88
N THR D 200 28.66 51.76 -29.54
CA THR D 200 29.89 51.31 -28.89
C THR D 200 29.74 50.07 -27.98
N GLN D 201 28.50 49.73 -27.59
CA GLN D 201 28.24 48.58 -26.73
C GLN D 201 27.15 47.68 -27.29
N THR D 202 27.43 46.38 -27.30
CA THR D 202 26.50 45.35 -27.74
C THR D 202 25.58 45.02 -26.56
N TYR D 203 24.27 44.86 -26.83
CA TYR D 203 23.28 44.54 -25.80
C TYR D 203 22.59 43.24 -26.11
N ILE D 204 22.78 42.27 -25.21
CA ILE D 204 22.23 40.92 -25.34
C ILE D 204 21.49 40.53 -24.07
N CYS D 205 20.21 40.15 -24.19
CA CYS D 205 19.52 39.65 -23.01
C CYS D 205 19.70 38.13 -22.99
N ASN D 206 19.93 37.59 -21.80
CA ASN D 206 20.13 36.16 -21.60
C ASN D 206 18.92 35.64 -20.85
N VAL D 207 18.06 34.91 -21.55
CA VAL D 207 16.83 34.34 -21.02
C VAL D 207 17.02 32.86 -20.74
N ASN D 208 16.55 32.41 -19.57
CA ASN D 208 16.65 31.02 -19.17
C ASN D 208 15.35 30.54 -18.53
N HIS D 209 14.67 29.60 -19.21
CA HIS D 209 13.43 28.99 -18.73
C HIS D 209 13.75 27.54 -18.43
N LYS D 210 14.38 27.33 -17.27
CA LYS D 210 14.82 26.03 -16.78
C LYS D 210 13.76 24.91 -16.89
N PRO D 211 12.44 25.14 -16.62
CA PRO D 211 11.47 24.04 -16.78
C PRO D 211 11.40 23.39 -18.17
N SER D 212 11.74 24.12 -19.25
CA SER D 212 11.69 23.61 -20.62
C SER D 212 13.10 23.47 -21.25
N ASN D 213 14.17 23.65 -20.44
CA ASN D 213 15.56 23.63 -20.88
C ASN D 213 15.81 24.63 -22.00
N THR D 214 15.14 25.80 -21.93
CA THR D 214 15.30 26.85 -22.94
C THR D 214 16.28 27.92 -22.45
N LYS D 215 17.41 28.06 -23.14
CA LYS D 215 18.38 29.11 -22.87
C LYS D 215 18.55 29.89 -24.18
N VAL D 216 18.26 31.19 -24.16
CA VAL D 216 18.30 32.04 -25.35
C VAL D 216 18.99 33.36 -25.04
N ASP D 217 19.88 33.78 -25.95
CA ASP D 217 20.60 35.06 -25.89
C ASP D 217 20.19 35.87 -27.13
N LYS D 218 19.53 37.02 -26.94
CA LYS D 218 19.10 37.86 -28.06
C LYS D 218 19.78 39.20 -28.03
N ARG D 219 20.26 39.65 -29.20
CA ARG D 219 20.89 40.95 -29.36
C ARG D 219 19.84 42.00 -29.73
N VAL D 220 19.84 43.10 -28.96
CA VAL D 220 18.90 44.22 -29.13
C VAL D 220 19.70 45.38 -29.71
N GLU D 221 19.42 45.72 -30.97
CA GLU D 221 20.17 46.74 -31.71
C GLU D 221 19.27 47.57 -32.64
N SER E 2 12.44 -42.12 0.90
CA SER E 2 11.58 -40.96 1.12
C SER E 2 11.36 -40.07 -0.16
N GLU E 3 12.44 -39.76 -0.94
CA GLU E 3 12.34 -38.96 -2.18
C GLU E 3 12.26 -39.83 -3.43
N ILE E 4 11.29 -39.56 -4.32
CA ILE E 4 11.19 -40.37 -5.50
C ILE E 4 11.97 -39.81 -6.62
N VAL E 5 12.91 -40.62 -7.09
CA VAL E 5 13.68 -40.27 -8.26
C VAL E 5 13.24 -41.15 -9.42
N LEU E 6 13.09 -40.49 -10.55
CA LEU E 6 12.77 -41.12 -11.80
C LEU E 6 14.02 -41.13 -12.65
N THR E 7 14.35 -42.29 -13.20
CA THR E 7 15.54 -42.43 -14.04
C THR E 7 15.16 -42.83 -15.46
N GLN E 8 15.54 -42.00 -16.43
CA GLN E 8 15.22 -42.25 -17.83
C GLN E 8 16.36 -42.77 -18.62
N SER E 9 16.08 -43.76 -19.43
CA SER E 9 17.08 -44.37 -20.28
C SER E 9 16.43 -44.77 -21.60
N PRO E 10 17.14 -44.54 -22.72
CA PRO E 10 18.50 -43.98 -22.81
C PRO E 10 18.45 -42.47 -22.77
N ALA E 11 19.60 -41.78 -22.74
CA ALA E 11 19.59 -40.31 -22.75
C ALA E 11 19.18 -39.84 -24.14
N THR E 12 19.72 -40.50 -25.16
CA THR E 12 19.41 -40.22 -26.55
C THR E 12 19.07 -41.49 -27.25
N LEU E 13 18.02 -41.43 -28.03
CA LEU E 13 17.52 -42.56 -28.79
C LEU E 13 17.51 -42.16 -30.25
N SER E 14 18.42 -42.78 -31.05
CA SER E 14 18.52 -42.47 -32.47
C SER E 14 17.88 -43.51 -33.33
N LEU E 15 16.77 -43.13 -33.95
CA LEU E 15 15.97 -43.99 -34.80
C LEU E 15 15.51 -43.31 -36.06
N SER E 16 15.04 -44.14 -36.96
CA SER E 16 14.51 -43.73 -38.24
C SER E 16 13.00 -43.73 -38.19
N PRO E 17 12.36 -42.83 -38.97
CA PRO E 17 10.88 -42.82 -39.01
C PRO E 17 10.39 -44.18 -39.50
N GLY E 18 9.42 -44.71 -38.81
CA GLY E 18 8.89 -46.02 -39.15
C GLY E 18 9.32 -47.08 -38.15
N GLU E 19 10.41 -46.80 -37.39
CA GLU E 19 10.85 -47.75 -36.38
C GLU E 19 10.03 -47.63 -35.09
N ARG E 20 10.25 -48.58 -34.21
CA ARG E 20 9.59 -48.63 -32.93
C ARG E 20 10.56 -48.12 -31.92
N ALA E 21 10.07 -47.15 -31.10
CA ALA E 21 10.84 -46.55 -30.04
C ALA E 21 10.31 -47.09 -28.73
N THR E 22 11.24 -47.40 -27.84
CA THR E 22 10.97 -47.95 -26.54
C THR E 22 11.77 -47.07 -25.58
N LEU E 23 11.06 -46.38 -24.68
CA LEU E 23 11.66 -45.50 -23.69
C LEU E 23 11.35 -45.99 -22.31
N SER E 24 12.35 -46.01 -21.44
CA SER E 24 12.12 -46.45 -20.06
C SER E 24 12.34 -45.39 -19.01
N CYS E 25 11.57 -45.53 -17.93
CA CYS E 25 11.56 -44.67 -16.77
C CYS E 25 11.53 -45.57 -15.54
N ARG E 26 12.51 -45.44 -14.66
CA ARG E 26 12.61 -46.25 -13.44
C ARG E 26 12.40 -45.38 -12.22
N ALA E 27 11.41 -45.76 -11.37
CA ALA E 27 11.11 -45.07 -10.12
C ALA E 27 12.03 -45.63 -9.02
N SER E 28 12.40 -44.78 -8.04
CA SER E 28 13.28 -45.20 -6.94
C SER E 28 12.57 -46.13 -5.94
N GLN E 29 11.25 -46.19 -5.99
CA GLN E 29 10.39 -47.01 -5.15
C GLN E 29 9.10 -47.19 -5.88
N SER E 30 8.23 -48.13 -5.45
CA SER E 30 6.94 -48.28 -6.13
C SER E 30 6.15 -46.98 -6.02
N ILE E 31 5.61 -46.53 -7.17
CA ILE E 31 4.81 -45.34 -7.28
C ILE E 31 3.51 -45.83 -7.81
N SER E 32 3.27 -47.14 -7.58
CA SER E 32 2.11 -47.84 -8.10
C SER E 32 2.14 -47.66 -9.64
N THR E 33 1.04 -47.13 -10.15
CA THR E 33 0.73 -46.91 -11.53
C THR E 33 0.73 -45.42 -11.86
N PHE E 34 1.08 -44.56 -10.89
CA PHE E 34 0.98 -43.10 -11.06
C PHE E 34 2.14 -42.52 -11.81
N LEU E 35 2.16 -42.75 -13.10
CA LEU E 35 3.26 -42.27 -13.92
C LEU E 35 2.76 -41.64 -15.19
N ALA E 36 3.26 -40.46 -15.49
CA ALA E 36 2.82 -39.77 -16.67
C ALA E 36 3.96 -39.50 -17.64
N TRP E 37 3.63 -39.41 -18.92
CA TRP E 37 4.61 -39.14 -19.99
C TRP E 37 4.25 -37.90 -20.75
N TYR E 38 5.29 -37.10 -21.04
CA TYR E 38 5.15 -35.85 -21.77
C TYR E 38 6.04 -35.81 -22.97
N GLN E 39 5.61 -35.08 -24.00
CA GLN E 39 6.41 -34.83 -25.20
C GLN E 39 6.80 -33.37 -25.18
N HIS E 40 8.08 -33.08 -25.31
CA HIS E 40 8.54 -31.71 -25.31
C HIS E 40 9.36 -31.31 -26.55
N LYS E 41 8.75 -30.39 -27.30
CA LYS E 41 9.34 -29.80 -28.48
C LYS E 41 9.81 -28.40 -28.13
N PRO E 42 10.99 -27.95 -28.66
CA PRO E 42 11.45 -26.59 -28.36
C PRO E 42 10.49 -25.57 -28.95
N GLY E 43 10.26 -24.53 -28.16
CA GLY E 43 9.31 -23.48 -28.51
C GLY E 43 7.88 -23.98 -28.46
N GLN E 44 7.63 -24.99 -27.62
CA GLN E 44 6.31 -25.53 -27.35
C GLN E 44 6.24 -25.86 -25.88
N ALA E 45 5.04 -25.81 -25.35
CA ALA E 45 4.87 -26.14 -23.95
C ALA E 45 4.89 -27.66 -23.89
N PRO E 46 5.47 -28.32 -22.87
CA PRO E 46 5.42 -29.78 -22.79
C PRO E 46 3.99 -30.28 -22.88
N ARG E 47 3.80 -31.35 -23.61
CA ARG E 47 2.50 -31.90 -23.89
C ARG E 47 2.27 -33.25 -23.24
N LEU E 48 1.15 -33.36 -22.47
CA LEU E 48 0.81 -34.62 -21.82
C LEU E 48 0.35 -35.62 -22.88
N LEU E 49 0.93 -36.81 -22.82
CA LEU E 49 0.65 -37.90 -23.74
C LEU E 49 -0.08 -39.00 -23.02
N ILE E 50 0.56 -39.52 -21.96
CA ILE E 50 0.02 -40.64 -21.19
C ILE E 50 0.03 -40.36 -19.72
N TYR E 51 -1.06 -40.74 -19.07
CA TYR E 51 -1.15 -40.66 -17.63
C TYR E 51 -1.57 -42.01 -17.06
N ASP E 52 -1.36 -42.20 -15.77
CA ASP E 52 -1.66 -43.44 -15.07
C ASP E 52 -0.99 -44.63 -15.74
N ALA E 53 0.26 -44.42 -16.17
CA ALA E 53 1.13 -45.38 -16.85
C ALA E 53 0.67 -45.80 -18.24
N SER E 54 -0.63 -46.05 -18.42
CA SER E 54 -1.14 -46.63 -19.65
C SER E 54 -2.30 -45.91 -20.34
N THR E 55 -2.79 -44.79 -19.77
CA THR E 55 -3.94 -44.09 -20.33
C THR E 55 -3.56 -42.96 -21.25
N ARG E 56 -4.06 -43.02 -22.45
CA ARG E 56 -3.83 -42.01 -23.45
C ARG E 56 -4.66 -40.79 -23.12
N ALA E 57 -4.01 -39.62 -23.16
CA ALA E 57 -4.69 -38.35 -22.97
C ALA E 57 -5.56 -38.10 -24.20
N THR E 58 -6.43 -37.10 -24.10
CA THR E 58 -7.38 -36.79 -25.15
C THR E 58 -6.70 -36.33 -26.43
N GLY E 59 -7.06 -37.00 -27.54
CA GLY E 59 -6.57 -36.69 -28.87
C GLY E 59 -5.15 -37.18 -29.18
N VAL E 60 -4.50 -37.78 -28.19
CA VAL E 60 -3.16 -38.34 -28.37
C VAL E 60 -3.31 -39.59 -29.25
N PRO E 61 -2.56 -39.65 -30.39
CA PRO E 61 -2.70 -40.82 -31.28
C PRO E 61 -2.28 -42.13 -30.66
N ALA E 62 -2.84 -43.21 -31.21
CA ALA E 62 -2.68 -44.58 -30.77
C ALA E 62 -1.29 -45.17 -30.92
N ARG E 63 -0.41 -44.59 -31.74
CA ARG E 63 0.97 -45.11 -31.83
C ARG E 63 1.71 -44.98 -30.48
N PHE E 64 1.16 -44.14 -29.54
CA PHE E 64 1.74 -43.93 -28.22
C PHE E 64 1.15 -44.91 -27.23
N SER E 65 2.00 -45.72 -26.61
CA SER E 65 1.59 -46.73 -25.66
C SER E 65 2.39 -46.64 -24.39
N GLY E 66 1.72 -46.88 -23.27
CA GLY E 66 2.38 -46.90 -21.99
C GLY E 66 2.18 -48.21 -21.24
N SER E 67 3.23 -48.70 -20.58
CA SER E 67 3.12 -49.90 -19.76
C SER E 67 4.02 -49.81 -18.52
N ARG E 68 3.66 -50.58 -17.46
CA ARG E 68 4.31 -50.67 -16.16
C ARG E 68 4.64 -52.13 -15.85
N SER E 69 5.64 -52.32 -14.98
CA SER E 69 6.15 -53.57 -14.44
C SER E 69 6.89 -53.20 -13.17
N GLY E 70 6.14 -53.04 -12.09
CA GLY E 70 6.70 -52.66 -10.80
C GLY E 70 7.15 -51.21 -10.78
N THR E 71 8.48 -50.99 -10.72
CA THR E 71 9.11 -49.64 -10.72
C THR E 71 9.60 -49.19 -12.10
N ASP E 72 9.49 -50.11 -13.07
CA ASP E 72 9.97 -49.96 -14.45
C ASP E 72 8.79 -49.70 -15.37
N PHE E 73 8.81 -48.53 -16.02
CA PHE E 73 7.80 -48.05 -16.90
C PHE E 73 8.32 -47.91 -18.32
N THR E 74 7.43 -48.14 -19.28
CA THR E 74 7.81 -48.09 -20.66
C THR E 74 6.87 -47.24 -21.49
N LEU E 75 7.48 -46.42 -22.35
CA LEU E 75 6.76 -45.64 -23.34
C LEU E 75 7.16 -46.21 -24.65
N THR E 76 6.16 -46.62 -25.43
CA THR E 76 6.35 -47.21 -26.73
C THR E 76 5.69 -46.38 -27.77
N ILE E 77 6.39 -46.17 -28.87
CA ILE E 77 5.89 -45.48 -30.05
C ILE E 77 6.20 -46.43 -31.17
N SER E 78 5.15 -47.02 -31.75
CA SER E 78 5.25 -48.02 -32.79
C SER E 78 5.79 -47.52 -34.14
N THR E 79 5.05 -46.68 -34.82
CA THR E 79 5.55 -46.25 -36.09
C THR E 79 5.92 -44.82 -35.90
N LEU E 80 7.21 -44.59 -35.65
CA LEU E 80 7.72 -43.24 -35.47
C LEU E 80 7.41 -42.38 -36.68
N GLU E 81 6.87 -41.20 -36.45
CA GLU E 81 6.62 -40.24 -37.52
C GLU E 81 7.57 -39.08 -37.27
N PRO E 82 7.88 -38.24 -38.29
CA PRO E 82 8.81 -37.11 -38.09
C PRO E 82 8.46 -36.15 -36.95
N GLU E 83 7.16 -35.90 -36.73
CA GLU E 83 6.80 -35.02 -35.64
C GLU E 83 6.95 -35.68 -34.27
N ASP E 84 7.33 -36.97 -34.18
CA ASP E 84 7.54 -37.62 -32.88
C ASP E 84 8.97 -37.44 -32.41
N PHE E 85 9.77 -36.75 -33.21
CA PHE E 85 11.16 -36.50 -32.84
C PHE E 85 11.19 -35.30 -31.96
N ALA E 86 11.35 -35.56 -30.64
CA ALA E 86 11.30 -34.57 -29.57
C ALA E 86 12.01 -35.11 -28.33
N VAL E 87 11.78 -34.43 -27.17
CA VAL E 87 12.30 -34.88 -25.88
C VAL E 87 11.11 -35.42 -25.10
N TYR E 88 11.27 -36.59 -24.51
CA TYR E 88 10.21 -37.25 -23.75
C TYR E 88 10.56 -37.35 -22.30
N TYR E 89 9.63 -36.90 -21.45
CA TYR E 89 9.85 -36.91 -20.00
C TYR E 89 8.84 -37.78 -19.29
N CYS E 90 9.27 -38.40 -18.20
CA CYS E 90 8.32 -39.09 -17.38
C CYS E 90 8.15 -38.26 -16.12
N GLN E 91 6.99 -38.38 -15.48
CA GLN E 91 6.62 -37.61 -14.31
C GLN E 91 5.83 -38.47 -13.37
N GLN E 92 6.14 -38.37 -12.09
CA GLN E 92 5.47 -39.11 -11.04
C GLN E 92 4.39 -38.28 -10.43
N ARG E 93 3.20 -38.88 -10.24
CA ARG E 93 2.08 -38.22 -9.60
C ARG E 93 1.63 -39.05 -8.41
N TYR E 94 2.60 -39.78 -7.80
CA TYR E 94 2.36 -40.63 -6.66
C TYR E 94 2.22 -39.86 -5.36
N ASN E 95 1.09 -40.14 -4.67
CA ASN E 95 0.74 -39.61 -3.36
C ASN E 95 0.66 -38.09 -3.32
N TRP E 96 1.71 -37.49 -2.74
CA TRP E 96 1.91 -36.10 -2.41
C TRP E 96 3.07 -35.49 -3.17
N PRO E 97 3.08 -34.16 -3.48
CA PRO E 97 4.23 -33.55 -4.15
C PRO E 97 5.54 -33.78 -3.41
N PRO E 98 6.71 -33.65 -4.05
CA PRO E 98 6.92 -33.24 -5.43
C PRO E 98 6.59 -34.34 -6.45
N TYR E 99 5.99 -33.88 -7.55
CA TYR E 99 5.59 -34.67 -8.70
C TYR E 99 6.73 -34.48 -9.71
N THR E 100 7.92 -34.98 -9.34
CA THR E 100 9.20 -34.84 -10.01
C THR E 100 9.25 -35.46 -11.39
N PHE E 101 10.23 -35.04 -12.17
CA PHE E 101 10.42 -35.50 -13.53
C PHE E 101 11.68 -36.31 -13.70
N GLY E 102 11.69 -37.05 -14.80
CA GLY E 102 12.86 -37.78 -15.25
C GLY E 102 13.72 -36.74 -15.95
N GLN E 103 14.97 -37.10 -16.20
CA GLN E 103 15.96 -36.23 -16.81
C GLN E 103 15.74 -36.02 -18.30
N GLY E 104 14.84 -36.81 -18.89
CA GLY E 104 14.49 -36.75 -20.30
C GLY E 104 15.28 -37.68 -21.20
N THR E 105 14.61 -38.12 -22.26
CA THR E 105 15.18 -38.93 -23.33
C THR E 105 14.96 -38.15 -24.61
N LYS E 106 16.02 -37.99 -25.38
CA LYS E 106 15.91 -37.29 -26.63
C LYS E 106 15.78 -38.31 -27.77
N VAL E 107 14.72 -38.19 -28.54
CA VAL E 107 14.46 -39.06 -29.69
C VAL E 107 14.90 -38.29 -30.95
N GLU E 108 15.98 -38.77 -31.55
CA GLU E 108 16.67 -38.12 -32.65
C GLU E 108 16.64 -38.93 -33.92
N ILE E 109 16.72 -38.25 -35.07
CA ILE E 109 16.72 -38.92 -36.36
C ILE E 109 18.04 -39.58 -36.69
N LYS E 110 17.96 -40.89 -36.96
CA LYS E 110 19.09 -41.69 -37.41
C LYS E 110 19.13 -41.42 -38.89
N ARG E 111 20.30 -40.89 -39.29
CA ARG E 111 20.68 -40.46 -40.63
C ARG E 111 22.05 -41.11 -40.96
N THR E 112 22.43 -41.09 -42.25
CA THR E 112 23.73 -41.55 -42.71
C THR E 112 24.84 -40.67 -42.10
N VAL E 113 26.01 -41.26 -41.79
CA VAL E 113 27.15 -40.49 -41.27
C VAL E 113 27.54 -39.42 -42.32
N ALA E 114 27.80 -38.18 -41.83
CA ALA E 114 28.22 -37.06 -42.66
C ALA E 114 29.32 -36.30 -41.94
N ALA E 115 30.50 -36.26 -42.54
CA ALA E 115 31.64 -35.57 -41.96
C ALA E 115 31.38 -34.06 -41.97
N PRO E 116 31.90 -33.36 -40.94
CA PRO E 116 31.77 -31.89 -40.94
C PRO E 116 32.62 -31.19 -41.98
N SER E 117 32.05 -30.22 -42.71
CA SER E 117 32.87 -29.35 -43.57
C SER E 117 33.35 -28.22 -42.61
N VAL E 118 34.65 -27.97 -42.53
CA VAL E 118 35.27 -27.08 -41.54
C VAL E 118 35.80 -25.77 -42.12
N PHE E 119 35.58 -24.67 -41.39
CA PHE E 119 36.04 -23.33 -41.78
C PHE E 119 36.65 -22.60 -40.56
N ILE E 120 37.73 -21.84 -40.78
CA ILE E 120 38.35 -21.02 -39.74
C ILE E 120 38.24 -19.54 -40.14
N PHE E 121 37.88 -18.70 -39.19
CA PHE E 121 37.77 -17.27 -39.41
C PHE E 121 38.67 -16.53 -38.47
N PRO E 122 39.53 -15.66 -39.00
CA PRO E 122 40.39 -14.86 -38.12
C PRO E 122 39.57 -13.75 -37.47
N PRO E 123 40.10 -13.12 -36.40
CA PRO E 123 39.39 -11.95 -35.84
C PRO E 123 39.35 -10.85 -36.89
N SER E 124 38.26 -10.08 -36.92
CA SER E 124 38.14 -9.01 -37.91
C SER E 124 39.10 -7.88 -37.55
N ASP E 125 39.53 -7.11 -38.56
CA ASP E 125 40.38 -5.95 -38.32
C ASP E 125 39.62 -4.99 -37.41
N GLU E 126 38.32 -4.85 -37.69
CA GLU E 126 37.35 -4.09 -36.93
C GLU E 126 37.41 -4.43 -35.41
N GLN E 127 37.38 -5.74 -35.07
CA GLN E 127 37.41 -6.21 -33.68
C GLN E 127 38.73 -5.94 -32.94
N LEU E 128 39.86 -6.19 -33.57
CA LEU E 128 41.15 -5.99 -32.88
C LEU E 128 41.29 -4.61 -32.24
N LYS E 129 40.69 -3.57 -32.86
CA LYS E 129 40.72 -2.20 -32.36
C LYS E 129 40.19 -2.12 -30.93
N SER E 130 39.40 -3.14 -30.50
CA SER E 130 38.76 -3.23 -29.20
C SER E 130 39.63 -3.87 -28.09
N GLY E 131 40.80 -4.40 -28.45
CA GLY E 131 41.69 -5.01 -27.49
C GLY E 131 41.38 -6.48 -27.17
N THR E 132 40.51 -7.08 -27.99
CA THR E 132 40.12 -8.48 -27.88
C THR E 132 40.08 -9.09 -29.26
N ALA E 133 40.49 -10.35 -29.37
CA ALA E 133 40.43 -11.12 -30.59
C ALA E 133 39.58 -12.37 -30.42
N SER E 134 38.68 -12.62 -31.38
CA SER E 134 37.87 -13.81 -31.41
C SER E 134 38.20 -14.56 -32.69
N VAL E 135 38.59 -15.83 -32.56
CA VAL E 135 38.89 -16.71 -33.68
C VAL E 135 37.78 -17.74 -33.66
N VAL E 136 37.11 -17.91 -34.80
CA VAL E 136 35.96 -18.79 -34.87
C VAL E 136 36.22 -19.98 -35.79
N CYS E 137 35.82 -21.15 -35.34
CA CYS E 137 35.86 -22.36 -36.12
C CYS E 137 34.44 -22.88 -36.32
N LEU E 138 34.04 -23.10 -37.58
CA LEU E 138 32.74 -23.60 -37.94
C LEU E 138 32.85 -25.05 -38.44
N LEU E 139 32.07 -25.96 -37.83
CA LEU E 139 31.94 -27.37 -38.22
C LEU E 139 30.54 -27.45 -38.83
N ASN E 140 30.43 -27.60 -40.15
CA ASN E 140 29.13 -27.55 -40.79
C ASN E 140 28.54 -28.87 -41.24
N ASN E 141 27.23 -29.02 -40.99
CA ASN E 141 26.37 -30.13 -41.41
C ASN E 141 26.96 -31.54 -41.24
N PHE E 142 27.26 -31.92 -40.00
CA PHE E 142 27.76 -33.24 -39.68
C PHE E 142 26.69 -34.14 -39.02
N TYR E 143 26.92 -35.44 -39.00
CA TYR E 143 26.09 -36.43 -38.34
C TYR E 143 26.93 -37.69 -38.05
N PRO E 144 26.93 -38.29 -36.83
CA PRO E 144 26.17 -37.98 -35.62
C PRO E 144 26.58 -36.69 -34.92
N ARG E 145 25.86 -36.35 -33.83
CA ARG E 145 26.11 -35.12 -33.08
C ARG E 145 27.48 -35.01 -32.45
N GLU E 146 28.03 -36.13 -32.01
CA GLU E 146 29.32 -36.16 -31.34
C GLU E 146 30.44 -35.62 -32.20
N ALA E 147 31.14 -34.62 -31.68
CA ALA E 147 32.29 -34.00 -32.33
C ALA E 147 33.26 -33.47 -31.27
N LYS E 148 34.55 -33.38 -31.63
CA LYS E 148 35.58 -32.74 -30.78
C LYS E 148 36.39 -31.77 -31.59
N VAL E 149 36.65 -30.61 -31.01
CA VAL E 149 37.42 -29.54 -31.65
C VAL E 149 38.40 -28.97 -30.65
N GLN E 150 39.67 -28.92 -31.03
CA GLN E 150 40.67 -28.40 -30.13
C GLN E 150 41.46 -27.27 -30.82
N TRP E 151 41.92 -26.30 -30.03
CA TRP E 151 42.61 -25.15 -30.60
C TRP E 151 44.10 -25.24 -30.38
N LYS E 152 44.88 -24.86 -31.39
CA LYS E 152 46.33 -24.86 -31.24
C LYS E 152 46.87 -23.54 -31.71
N VAL E 153 47.62 -22.87 -30.84
CA VAL E 153 48.23 -21.57 -31.14
C VAL E 153 49.74 -21.77 -31.10
N ASP E 154 50.38 -21.59 -32.28
CA ASP E 154 51.83 -21.86 -32.44
C ASP E 154 52.10 -23.35 -32.11
N ASN E 155 51.09 -24.21 -32.42
CA ASN E 155 51.08 -25.66 -32.23
C ASN E 155 50.88 -26.12 -30.77
N ALA E 156 50.61 -25.18 -29.83
CA ALA E 156 50.39 -25.50 -28.42
C ALA E 156 48.88 -25.59 -28.13
N LEU E 157 48.42 -26.78 -27.71
CA LEU E 157 47.01 -26.99 -27.40
C LEU E 157 46.49 -26.00 -26.37
N GLN E 158 45.36 -25.39 -26.68
CA GLN E 158 44.72 -24.40 -25.83
C GLN E 158 43.72 -25.03 -24.89
N SER E 159 43.67 -24.49 -23.68
CA SER E 159 42.72 -24.97 -22.69
C SER E 159 41.98 -23.80 -22.12
N GLY E 160 40.68 -24.01 -21.92
CA GLY E 160 39.78 -23.07 -21.27
C GLY E 160 39.61 -21.67 -21.83
N ASN E 161 40.02 -21.44 -23.07
CA ASN E 161 39.83 -20.14 -23.72
C ASN E 161 38.86 -20.24 -24.91
N SER E 162 38.06 -21.32 -24.95
CA SER E 162 37.12 -21.56 -26.02
C SER E 162 35.75 -21.98 -25.50
N GLN E 163 34.72 -21.62 -26.26
CA GLN E 163 33.34 -22.01 -25.99
C GLN E 163 32.68 -22.51 -27.27
N GLU E 164 31.83 -23.53 -27.13
CA GLU E 164 31.19 -24.19 -28.25
C GLU E 164 29.69 -24.06 -28.18
N SER E 165 29.05 -24.04 -29.36
CA SER E 165 27.60 -24.00 -29.46
C SER E 165 27.18 -24.84 -30.65
N VAL E 166 26.14 -25.68 -30.46
CA VAL E 166 25.58 -26.57 -31.48
C VAL E 166 24.16 -26.19 -31.82
N THR E 167 23.79 -26.32 -33.10
CA THR E 167 22.44 -26.06 -33.58
C THR E 167 21.59 -27.28 -33.29
N GLU E 168 20.26 -27.10 -33.35
CA GLU E 168 19.33 -28.20 -33.19
C GLU E 168 19.40 -29.03 -34.45
N GLN E 169 19.03 -30.32 -34.38
CA GLN E 169 19.05 -31.17 -35.58
C GLN E 169 18.27 -30.51 -36.70
N ASP E 170 18.88 -30.39 -37.87
CA ASP E 170 18.22 -29.72 -38.99
C ASP E 170 16.93 -30.41 -39.37
N SER E 171 15.85 -29.64 -39.50
CA SER E 171 14.51 -30.12 -39.84
C SER E 171 14.45 -30.87 -41.16
N LYS E 172 15.30 -30.49 -42.13
CA LYS E 172 15.23 -31.15 -43.43
C LYS E 172 16.40 -32.14 -43.71
N ASP E 173 17.66 -31.81 -43.38
CA ASP E 173 18.76 -32.74 -43.69
C ASP E 173 19.23 -33.56 -42.49
N SER E 174 18.64 -33.32 -41.30
CA SER E 174 18.90 -34.07 -40.07
C SER E 174 20.37 -33.96 -39.57
N THR E 175 21.08 -32.90 -39.97
CA THR E 175 22.46 -32.70 -39.54
C THR E 175 22.59 -31.65 -38.43
N TYR E 176 23.80 -31.51 -37.90
CA TYR E 176 24.13 -30.52 -36.89
C TYR E 176 25.27 -29.66 -37.40
N SER E 177 25.43 -28.48 -36.79
CA SER E 177 26.55 -27.60 -37.05
C SER E 177 27.06 -27.11 -35.71
N LEU E 178 28.37 -26.81 -35.62
CA LEU E 178 28.99 -26.38 -34.38
C LEU E 178 29.88 -25.18 -34.58
N SER E 179 29.83 -24.21 -33.64
CA SER E 179 30.76 -23.08 -33.63
C SER E 179 31.71 -23.25 -32.45
N SER E 180 32.97 -22.99 -32.65
CA SER E 180 33.95 -23.01 -31.57
C SER E 180 34.60 -21.65 -31.60
N THR E 181 34.53 -20.93 -30.50
CA THR E 181 35.09 -19.58 -30.44
C THR E 181 36.25 -19.48 -29.46
N LEU E 182 37.41 -19.06 -29.98
CA LEU E 182 38.63 -18.86 -29.21
C LEU E 182 38.78 -17.38 -28.87
N THR E 183 38.85 -17.07 -27.58
CA THR E 183 38.95 -15.68 -27.14
C THR E 183 40.32 -15.41 -26.56
N LEU E 184 40.98 -14.34 -27.07
CA LEU E 184 42.28 -13.86 -26.63
C LEU E 184 42.30 -12.33 -26.56
N SER E 185 43.16 -11.78 -25.70
CA SER E 185 43.44 -10.35 -25.70
C SER E 185 44.17 -10.06 -27.02
N LYS E 186 44.05 -8.83 -27.55
CA LYS E 186 44.78 -8.49 -28.77
C LYS E 186 46.26 -8.72 -28.50
N ALA E 187 46.74 -8.33 -27.31
CA ALA E 187 48.13 -8.51 -26.89
C ALA E 187 48.59 -9.96 -27.07
N ASP E 188 47.89 -10.91 -26.45
CA ASP E 188 48.23 -12.33 -26.57
C ASP E 188 48.08 -12.81 -27.97
N TYR E 189 47.07 -12.29 -28.69
CA TYR E 189 46.82 -12.64 -30.08
C TYR E 189 48.00 -12.23 -31.00
N GLU E 190 48.52 -11.01 -30.80
CA GLU E 190 49.59 -10.46 -31.60
C GLU E 190 50.96 -11.13 -31.33
N LYS E 191 51.13 -11.76 -30.17
CA LYS E 191 52.40 -12.41 -29.85
C LYS E 191 52.47 -13.90 -30.31
N HIS E 192 51.65 -14.28 -31.31
CA HIS E 192 51.65 -15.63 -31.90
C HIS E 192 51.34 -15.57 -33.36
N LYS E 193 51.73 -16.58 -34.13
CA LYS E 193 51.56 -16.54 -35.57
C LYS E 193 50.51 -17.50 -36.15
N VAL E 194 50.65 -18.82 -35.93
CA VAL E 194 49.74 -19.84 -36.48
C VAL E 194 48.53 -20.14 -35.59
N TYR E 195 47.33 -20.11 -36.19
CA TYR E 195 46.08 -20.38 -35.50
C TYR E 195 45.37 -21.53 -36.17
N ALA E 196 45.20 -22.64 -35.45
CA ALA E 196 44.59 -23.82 -36.02
C ALA E 196 43.47 -24.43 -35.22
N CYS E 197 42.47 -24.93 -35.95
CA CYS E 197 41.31 -25.63 -35.44
C CYS E 197 41.42 -27.08 -35.94
N GLU E 198 41.55 -28.07 -35.03
CA GLU E 198 41.64 -29.48 -35.40
C GLU E 198 40.34 -30.22 -34.98
N VAL E 199 39.62 -30.76 -35.98
CA VAL E 199 38.34 -31.42 -35.77
C VAL E 199 38.45 -32.94 -35.82
N THR E 200 37.76 -33.61 -34.91
CA THR E 200 37.70 -35.07 -34.86
C THR E 200 36.24 -35.52 -34.94
N HIS E 201 35.92 -36.36 -35.92
CA HIS E 201 34.55 -36.83 -36.14
C HIS E 201 34.54 -38.19 -36.80
N GLN E 202 33.50 -38.98 -36.47
CA GLN E 202 33.20 -40.30 -37.02
C GLN E 202 33.38 -40.37 -38.53
N GLY E 203 32.78 -39.43 -39.28
CA GLY E 203 32.83 -39.36 -40.74
C GLY E 203 34.17 -38.98 -41.35
N LEU E 204 35.19 -38.74 -40.52
CA LEU E 204 36.54 -38.37 -40.94
C LEU E 204 37.57 -39.42 -40.48
N SER E 205 38.29 -40.02 -41.46
CA SER E 205 39.30 -41.05 -41.20
C SER E 205 40.27 -40.60 -40.10
N SER E 206 40.90 -39.42 -40.30
CA SER E 206 41.83 -38.77 -39.37
C SER E 206 41.42 -37.30 -39.16
N PRO E 207 41.86 -36.65 -38.04
CA PRO E 207 41.55 -35.23 -37.84
C PRO E 207 41.74 -34.33 -39.07
N VAL E 208 40.83 -33.38 -39.22
CA VAL E 208 40.90 -32.33 -40.23
C VAL E 208 41.38 -31.06 -39.51
N THR E 209 42.41 -30.39 -40.05
CA THR E 209 42.87 -29.13 -39.49
C THR E 209 42.65 -28.02 -40.52
N LYS E 210 42.25 -26.84 -40.02
CA LYS E 210 42.14 -25.60 -40.79
C LYS E 210 42.91 -24.56 -39.97
N SER E 211 43.81 -23.84 -40.62
CA SER E 211 44.57 -22.82 -39.93
C SER E 211 44.85 -21.62 -40.80
N PHE E 212 45.36 -20.57 -40.18
CA PHE E 212 45.81 -19.37 -40.85
C PHE E 212 47.02 -18.86 -40.08
N ASN E 213 47.77 -17.97 -40.69
CA ASN E 213 48.92 -17.30 -40.11
C ASN E 213 48.53 -15.85 -39.89
N ARG E 214 48.73 -15.32 -38.68
CA ARG E 214 48.39 -13.95 -38.35
C ARG E 214 49.26 -13.03 -39.18
N GLY E 215 48.62 -12.30 -40.09
CA GLY E 215 49.29 -11.40 -41.02
C GLY E 215 49.44 -12.01 -42.41
N GLU E 216 48.71 -13.11 -42.70
CA GLU E 216 48.73 -13.79 -43.99
C GLU E 216 47.45 -13.47 -44.78
N SER F 2 -21.40 32.71 14.25
CA SER F 2 -21.38 33.38 12.95
C SER F 2 -19.93 33.68 12.47
N GLU F 3 -19.77 33.89 11.12
CA GLU F 3 -18.47 34.14 10.43
C GLU F 3 -17.84 35.50 10.71
N ILE F 4 -16.58 35.47 11.14
CA ILE F 4 -15.91 36.72 11.44
C ILE F 4 -15.14 37.23 10.27
N VAL F 5 -15.47 38.45 9.87
CA VAL F 5 -14.75 39.14 8.81
C VAL F 5 -13.94 40.28 9.41
N LEU F 6 -12.71 40.39 8.94
CA LEU F 6 -11.79 41.44 9.32
C LEU F 6 -11.67 42.38 8.18
N THR F 7 -11.83 43.69 8.44
CA THR F 7 -11.74 44.71 7.40
C THR F 7 -10.58 45.65 7.66
N GLN F 8 -9.64 45.70 6.71
CA GLN F 8 -8.45 46.55 6.82
C GLN F 8 -8.55 47.80 6.02
N SER F 9 -8.15 48.90 6.64
CA SER F 9 -8.16 50.20 6.01
C SER F 9 -6.94 51.00 6.48
N PRO F 10 -6.28 51.72 5.55
CA PRO F 10 -6.60 51.86 4.12
C PRO F 10 -6.06 50.68 3.31
N ALA F 11 -6.36 50.59 2.00
CA ALA F 11 -5.79 49.53 1.19
C ALA F 11 -4.29 49.78 0.98
N THR F 12 -3.95 51.06 0.72
CA THR F 12 -2.57 51.51 0.56
C THR F 12 -2.34 52.73 1.42
N LEU F 13 -1.21 52.73 2.12
CA LEU F 13 -0.79 53.79 2.98
C LEU F 13 0.56 54.29 2.51
N SER F 14 0.58 55.53 1.96
CA SER F 14 1.80 56.15 1.42
C SER F 14 2.39 57.13 2.41
N LEU F 15 3.56 56.77 2.98
CA LEU F 15 4.27 57.61 3.95
C LEU F 15 5.76 57.65 3.72
N SER F 16 6.40 58.59 4.39
CA SER F 16 7.83 58.78 4.33
C SER F 16 8.50 58.19 5.56
N PRO F 17 9.75 57.68 5.42
CA PRO F 17 10.47 57.15 6.60
C PRO F 17 10.60 58.23 7.67
N GLY F 18 10.30 57.86 8.89
CA GLY F 18 10.31 58.80 10.00
C GLY F 18 8.92 59.18 10.44
N GLU F 19 7.91 59.03 9.55
CA GLU F 19 6.51 59.33 9.89
C GLU F 19 5.90 58.23 10.75
N ARG F 20 4.73 58.54 11.30
CA ARG F 20 3.95 57.62 12.10
C ARG F 20 2.88 57.02 11.18
N ALA F 21 2.80 55.68 11.17
CA ALA F 21 1.82 54.93 10.41
C ALA F 21 0.78 54.39 11.36
N THR F 22 -0.47 54.47 10.93
CA THR F 22 -1.63 54.05 11.69
C THR F 22 -2.46 53.19 10.75
N LEU F 23 -2.61 51.91 11.11
CA LEU F 23 -3.34 50.92 10.32
C LEU F 23 -4.50 50.40 11.13
N SER F 24 -5.69 50.33 10.51
CA SER F 24 -6.85 49.83 11.22
C SER F 24 -7.42 48.52 10.65
N CYS F 25 -8.00 47.72 11.57
CA CYS F 25 -8.60 46.42 11.33
C CYS F 25 -9.89 46.38 12.09
N ARG F 26 -11.02 46.15 11.40
CA ARG F 26 -12.37 46.09 11.99
C ARG F 26 -12.94 44.68 11.92
N ALA F 27 -13.31 44.13 13.10
CA ALA F 27 -13.90 42.80 13.21
C ALA F 27 -15.41 42.90 13.02
N SER F 28 -16.04 41.87 12.39
CA SER F 28 -17.49 41.86 12.12
C SER F 28 -18.36 41.73 13.38
N GLN F 29 -17.74 41.34 14.50
CA GLN F 29 -18.34 41.13 15.81
C GLN F 29 -17.21 41.19 16.81
N SER F 30 -17.51 41.31 18.12
CA SER F 30 -16.43 41.38 19.09
C SER F 30 -15.64 40.09 19.02
N ILE F 31 -14.31 40.22 18.98
CA ILE F 31 -13.39 39.09 18.95
C ILE F 31 -12.54 39.26 20.17
N SER F 32 -13.10 40.01 21.12
CA SER F 32 -12.44 40.39 22.35
C SER F 32 -11.13 41.09 21.93
N THR F 33 -10.04 40.59 22.48
CA THR F 33 -8.68 41.09 22.35
C THR F 33 -7.82 40.16 21.44
N PHE F 34 -8.45 39.10 20.88
CA PHE F 34 -7.75 38.08 20.10
C PHE F 34 -7.46 38.49 18.67
N LEU F 35 -6.51 39.43 18.53
CA LEU F 35 -6.15 39.95 17.22
C LEU F 35 -4.66 39.99 17.04
N ALA F 36 -4.20 39.50 15.89
CA ALA F 36 -2.79 39.46 15.61
C ALA F 36 -2.45 40.22 14.36
N TRP F 37 -1.22 40.76 14.33
CA TRP F 37 -0.70 41.53 13.21
C TRP F 37 0.53 40.90 12.64
N TYR F 38 0.58 40.87 11.30
CA TYR F 38 1.69 40.30 10.56
C TYR F 38 2.25 41.29 9.58
N GLN F 39 3.55 41.17 9.34
CA GLN F 39 4.29 41.93 8.33
C GLN F 39 4.62 40.96 7.21
N HIS F 40 4.23 41.28 5.98
CA HIS F 40 4.52 40.42 4.86
C HIS F 40 5.28 41.11 3.76
N LYS F 41 6.51 40.65 3.56
CA LYS F 41 7.37 41.13 2.48
C LYS F 41 7.32 40.12 1.33
N PRO F 42 7.23 40.55 0.04
CA PRO F 42 7.21 39.57 -1.05
C PRO F 42 8.53 38.80 -1.07
N GLY F 43 8.42 37.50 -1.35
CA GLY F 43 9.55 36.59 -1.34
C GLY F 43 10.07 36.34 0.07
N GLN F 44 9.16 36.44 1.08
CA GLN F 44 9.42 36.17 2.48
C GLN F 44 8.17 35.58 3.09
N ALA F 45 8.35 34.79 4.15
CA ALA F 45 7.23 34.24 4.87
C ALA F 45 6.62 35.35 5.72
N PRO F 46 5.27 35.42 5.89
CA PRO F 46 4.68 36.43 6.78
C PRO F 46 5.23 36.34 8.19
N ARG F 47 5.47 37.49 8.78
CA ARG F 47 6.08 37.57 10.10
C ARG F 47 5.14 38.11 11.16
N LEU F 48 4.99 37.34 12.26
CA LEU F 48 4.16 37.77 13.38
C LEU F 48 4.85 38.90 14.12
N LEU F 49 4.10 40.00 14.31
CA LEU F 49 4.56 41.20 14.98
C LEU F 49 3.90 41.33 16.35
N ILE F 50 2.55 41.38 16.33
CA ILE F 50 1.77 41.56 17.53
C ILE F 50 0.70 40.53 17.64
N TYR F 51 0.52 40.00 18.85
CA TYR F 51 -0.59 39.11 19.14
C TYR F 51 -1.33 39.62 20.35
N ASP F 52 -2.57 39.12 20.56
CA ASP F 52 -3.45 39.53 21.67
C ASP F 52 -3.66 41.05 21.66
N ALA F 53 -3.81 41.61 20.45
CA ALA F 53 -4.00 43.02 20.13
C ALA F 53 -2.83 43.95 20.48
N SER F 54 -2.18 43.75 21.63
CA SER F 54 -1.16 44.66 22.12
C SER F 54 0.16 44.04 22.53
N THR F 55 0.35 42.71 22.42
CA THR F 55 1.58 42.05 22.84
C THR F 55 2.56 41.89 21.71
N ARG F 56 3.76 42.41 21.94
CA ARG F 56 4.84 42.30 20.98
C ARG F 56 5.42 40.90 21.03
N ALA F 57 5.57 40.30 19.84
CA ALA F 57 6.17 38.98 19.69
C ALA F 57 7.66 39.09 20.04
N THR F 58 8.30 37.94 20.19
CA THR F 58 9.72 37.82 20.52
C THR F 58 10.60 38.49 19.46
N GLY F 59 11.46 39.42 19.90
CA GLY F 59 12.41 40.14 19.05
C GLY F 59 11.85 41.27 18.22
N VAL F 60 10.52 41.45 18.25
CA VAL F 60 9.87 42.52 17.50
C VAL F 60 10.22 43.88 18.14
N PRO F 61 10.76 44.84 17.33
CA PRO F 61 11.12 46.15 17.89
C PRO F 61 9.92 46.96 18.40
N ALA F 62 10.22 47.85 19.35
CA ALA F 62 9.28 48.69 20.08
C ALA F 62 8.52 49.74 19.26
N ARG F 63 8.99 50.07 18.04
CA ARG F 63 8.26 51.04 17.21
C ARG F 63 6.88 50.50 16.80
N PHE F 64 6.69 49.17 16.94
CA PHE F 64 5.44 48.50 16.62
C PHE F 64 4.53 48.45 17.85
N SER F 65 3.35 49.04 17.73
CA SER F 65 2.39 49.11 18.82
C SER F 65 1.01 48.67 18.36
N GLY F 66 0.31 48.01 19.28
CA GLY F 66 -1.04 47.54 19.00
C GLY F 66 -2.03 48.02 20.05
N SER F 67 -3.23 48.39 19.61
CA SER F 67 -4.31 48.81 20.50
C SER F 67 -5.69 48.37 19.96
N ARG F 68 -6.66 48.24 20.88
CA ARG F 68 -8.03 47.81 20.65
C ARG F 68 -8.99 48.84 21.25
N SER F 69 -10.23 48.85 20.72
CA SER F 69 -11.37 49.68 21.09
C SER F 69 -12.59 48.96 20.53
N GLY F 70 -13.02 47.94 21.25
CA GLY F 70 -14.16 47.13 20.84
C GLY F 70 -13.81 46.23 19.67
N THR F 71 -14.41 46.52 18.49
CA THR F 71 -14.20 45.75 17.26
C THR F 71 -13.16 46.40 16.34
N ASP F 72 -12.68 47.59 16.73
CA ASP F 72 -11.72 48.43 15.99
C ASP F 72 -10.34 48.33 16.62
N PHE F 73 -9.40 47.82 15.82
CA PHE F 73 -8.02 47.56 16.20
C PHE F 73 -7.07 48.45 15.43
N THR F 74 -5.97 48.81 16.07
CA THR F 74 -5.00 49.70 15.49
C THR F 74 -3.58 49.18 15.62
N LEU F 75 -2.84 49.26 14.50
CA LEU F 75 -1.43 48.96 14.45
C LEU F 75 -0.76 50.27 14.20
N THR F 76 0.16 50.63 15.09
CA THR F 76 0.91 51.87 15.01
C THR F 76 2.39 51.58 14.89
N ILE F 77 3.04 52.30 13.99
CA ILE F 77 4.48 52.27 13.79
C ILE F 77 4.89 53.70 13.89
N SER F 78 5.59 54.04 14.96
CA SER F 78 6.04 55.40 15.30
C SER F 78 7.06 56.00 14.33
N THR F 79 8.28 55.46 14.31
CA THR F 79 9.26 56.00 13.40
C THR F 79 9.46 54.99 12.33
N LEU F 80 8.76 55.19 11.20
CA LEU F 80 8.88 54.29 10.05
C LEU F 80 10.32 54.20 9.59
N GLU F 81 10.81 52.99 9.40
CA GLU F 81 12.17 52.77 8.89
C GLU F 81 11.99 52.16 7.48
N PRO F 82 13.00 52.23 6.60
CA PRO F 82 12.84 51.67 5.24
C PRO F 82 12.42 50.19 5.19
N GLU F 83 12.92 49.35 6.13
CA GLU F 83 12.53 47.93 6.12
C GLU F 83 11.10 47.70 6.64
N ASP F 84 10.38 48.75 7.08
CA ASP F 84 8.99 48.60 7.52
C ASP F 84 8.03 48.78 6.35
N PHE F 85 8.58 49.03 5.16
CA PHE F 85 7.73 49.18 3.99
C PHE F 85 7.44 47.80 3.44
N ALA F 86 6.19 47.33 3.74
CA ALA F 86 5.71 45.98 3.43
C ALA F 86 4.17 45.94 3.37
N VAL F 87 3.59 44.73 3.40
CA VAL F 87 2.14 44.53 3.46
C VAL F 87 1.84 44.06 4.88
N TYR F 88 0.83 44.65 5.51
CA TYR F 88 0.47 44.32 6.88
C TYR F 88 -0.90 43.69 6.94
N TYR F 89 -0.99 42.53 7.59
CA TYR F 89 -2.26 41.82 7.70
C TYR F 89 -2.69 41.67 9.14
N CYS F 90 -4.00 41.70 9.37
CA CYS F 90 -4.48 41.39 10.69
C CYS F 90 -5.12 39.99 10.61
N GLN F 91 -5.14 39.29 11.74
CA GLN F 91 -5.64 37.93 11.84
C GLN F 91 -6.37 37.75 13.17
N GLN F 92 -7.51 37.09 13.11
CA GLN F 92 -8.35 36.79 14.27
C GLN F 92 -8.01 35.43 14.80
N ARG F 93 -7.85 35.33 16.12
CA ARG F 93 -7.59 34.04 16.77
C ARG F 93 -8.65 33.83 17.85
N TYR F 94 -9.86 34.38 17.58
CA TYR F 94 -10.98 34.30 18.48
C TYR F 94 -11.68 32.94 18.47
N ASN F 95 -11.83 32.37 19.66
CA ASN F 95 -12.53 31.12 19.92
C ASN F 95 -11.95 29.92 19.18
N TRP F 96 -12.67 29.52 18.12
CA TRP F 96 -12.52 28.38 17.23
C TRP F 96 -12.19 28.80 15.79
N PRO F 97 -11.47 27.96 14.98
CA PRO F 97 -11.21 28.31 13.57
C PRO F 97 -12.51 28.55 12.78
N PRO F 98 -12.47 29.24 11.62
CA PRO F 98 -11.28 29.80 10.94
C PRO F 98 -10.72 31.05 11.62
N TYR F 99 -9.38 31.10 11.66
CA TYR F 99 -8.62 32.19 12.19
C TYR F 99 -8.25 33.06 10.97
N THR F 100 -9.29 33.69 10.38
CA THR F 100 -9.27 34.43 9.11
C THR F 100 -8.41 35.70 9.14
N PHE F 101 -8.05 36.18 7.94
CA PHE F 101 -7.22 37.36 7.79
C PHE F 101 -7.96 38.52 7.20
N GLY F 102 -7.36 39.70 7.36
CA GLY F 102 -7.80 40.92 6.72
C GLY F 102 -7.25 40.87 5.30
N GLN F 103 -7.79 41.72 4.42
CA GLN F 103 -7.41 41.80 3.02
C GLN F 103 -6.01 42.42 2.79
N GLY F 104 -5.44 43.00 3.85
CA GLY F 104 -4.12 43.60 3.85
C GLY F 104 -4.07 45.08 3.53
N THR F 105 -3.05 45.75 4.11
CA THR F 105 -2.75 47.16 3.90
C THR F 105 -1.32 47.22 3.38
N LYS F 106 -1.11 47.92 2.27
CA LYS F 106 0.22 48.07 1.73
C LYS F 106 0.81 49.41 2.19
N VAL F 107 1.98 49.35 2.85
CA VAL F 107 2.69 50.54 3.33
C VAL F 107 3.80 50.84 2.32
N GLU F 108 3.60 51.92 1.57
CA GLU F 108 4.43 52.35 0.46
C GLU F 108 5.18 53.66 0.73
N ILE F 109 6.35 53.83 0.10
CA ILE F 109 7.14 55.05 0.25
C ILE F 109 6.54 56.22 -0.53
N LYS F 110 6.28 57.31 0.21
CA LYS F 110 5.83 58.57 -0.32
C LYS F 110 7.10 59.25 -0.82
N ARG F 111 7.05 59.70 -2.09
CA ARG F 111 8.10 60.34 -2.87
C ARG F 111 7.48 61.51 -3.65
N THR F 112 8.34 62.39 -4.18
CA THR F 112 7.96 63.51 -5.03
C THR F 112 7.30 62.96 -6.33
N VAL F 113 6.29 63.65 -6.88
CA VAL F 113 5.66 63.24 -8.14
C VAL F 113 6.74 63.24 -9.25
N ALA F 114 6.75 62.16 -10.08
CA ALA F 114 7.67 61.99 -11.20
C ALA F 114 6.89 61.46 -12.41
N ALA F 115 6.89 62.22 -13.49
CA ALA F 115 6.21 61.84 -14.72
C ALA F 115 6.92 60.64 -15.39
N PRO F 116 6.15 59.75 -16.06
CA PRO F 116 6.79 58.62 -16.77
C PRO F 116 7.50 59.01 -18.05
N SER F 117 8.72 58.51 -18.26
CA SER F 117 9.41 58.70 -19.54
C SER F 117 8.89 57.51 -20.40
N VAL F 118 8.34 57.81 -21.59
CA VAL F 118 7.63 56.83 -22.43
C VAL F 118 8.40 56.41 -23.69
N PHE F 119 8.34 55.11 -24.00
CA PHE F 119 8.98 54.51 -25.17
C PHE F 119 8.04 53.53 -25.87
N ILE F 120 8.04 53.52 -27.22
CA ILE F 120 7.25 52.58 -28.01
C ILE F 120 8.20 51.69 -28.83
N PHE F 121 7.92 50.37 -28.83
CA PHE F 121 8.73 49.40 -29.58
C PHE F 121 7.86 48.69 -30.58
N PRO F 122 8.26 48.69 -31.85
CA PRO F 122 7.49 47.96 -32.87
C PRO F 122 7.75 46.47 -32.74
N PRO F 123 6.90 45.60 -33.34
CA PRO F 123 7.21 44.16 -33.33
C PRO F 123 8.52 43.93 -34.07
N SER F 124 9.32 42.97 -33.62
CA SER F 124 10.59 42.69 -34.29
C SER F 124 10.32 42.05 -35.65
N ASP F 125 11.28 42.22 -36.58
CA ASP F 125 11.21 41.62 -37.91
C ASP F 125 11.13 40.11 -37.71
N GLU F 126 11.95 39.61 -36.75
CA GLU F 126 12.03 38.23 -36.29
C GLU F 126 10.63 37.68 -35.95
N GLN F 127 9.86 38.42 -35.14
CA GLN F 127 8.51 38.01 -34.70
C GLN F 127 7.47 37.94 -35.80
N LEU F 128 7.41 38.94 -36.67
CA LEU F 128 6.38 38.93 -37.73
C LEU F 128 6.34 37.66 -38.55
N LYS F 129 7.52 37.03 -38.79
CA LYS F 129 7.65 35.78 -39.53
C LYS F 129 6.72 34.69 -38.97
N SER F 130 6.35 34.81 -37.67
CA SER F 130 5.52 33.87 -36.89
C SER F 130 3.99 34.05 -37.05
N GLY F 131 3.56 35.11 -37.71
CA GLY F 131 2.13 35.39 -37.91
C GLY F 131 1.46 36.11 -36.76
N THR F 132 2.26 36.65 -35.83
CA THR F 132 1.80 37.41 -34.69
C THR F 132 2.71 38.62 -34.51
N ALA F 133 2.11 39.76 -34.13
CA ALA F 133 2.80 41.00 -33.83
C ALA F 133 2.54 41.47 -32.40
N SER F 134 3.61 41.86 -31.71
CA SER F 134 3.53 42.43 -30.37
C SER F 134 4.16 43.83 -30.38
N VAL F 135 3.37 44.82 -29.96
CA VAL F 135 3.81 46.21 -29.88
C VAL F 135 3.87 46.52 -28.40
N VAL F 136 5.03 47.02 -27.95
CA VAL F 136 5.24 47.27 -26.54
C VAL F 136 5.40 48.74 -26.23
N CYS F 137 4.77 49.18 -25.14
CA CYS F 137 4.90 50.52 -24.62
C CYS F 137 5.47 50.46 -23.22
N LEU F 138 6.56 51.19 -22.99
CA LEU F 138 7.23 51.25 -21.69
C LEU F 138 7.03 52.63 -21.06
N LEU F 139 6.53 52.65 -19.81
CA LEU F 139 6.33 53.84 -18.99
C LEU F 139 7.41 53.70 -17.91
N ASN F 140 8.46 54.53 -17.96
CA ASN F 140 9.57 54.37 -17.04
C ASN F 140 9.66 55.37 -15.91
N ASN F 141 9.97 54.84 -14.72
CA ASN F 141 10.26 55.53 -13.47
C ASN F 141 9.30 56.69 -13.14
N PHE F 142 8.02 56.36 -12.92
CA PHE F 142 7.01 57.33 -12.52
C PHE F 142 6.60 57.17 -11.02
N TYR F 143 5.95 58.20 -10.46
CA TYR F 143 5.41 58.22 -9.11
C TYR F 143 4.29 59.28 -9.04
N PRO F 144 3.07 59.02 -8.50
CA PRO F 144 2.58 57.78 -7.85
C PRO F 144 2.36 56.62 -8.82
N ARG F 145 1.98 55.45 -8.27
CA ARG F 145 1.76 54.21 -9.02
C ARG F 145 0.67 54.29 -10.08
N GLU F 146 -0.37 55.07 -9.80
CA GLU F 146 -1.52 55.23 -10.68
C GLU F 146 -1.13 55.79 -12.05
N ALA F 147 -1.47 55.04 -13.11
CA ALA F 147 -1.20 55.42 -14.50
C ALA F 147 -2.24 54.81 -15.43
N LYS F 148 -2.51 55.46 -16.58
CA LYS F 148 -3.39 54.94 -17.63
C LYS F 148 -2.73 55.02 -18.99
N VAL F 149 -2.83 53.94 -19.75
CA VAL F 149 -2.24 53.83 -21.07
C VAL F 149 -3.24 53.21 -22.02
N GLN F 150 -3.51 53.88 -23.14
CA GLN F 150 -4.47 53.33 -24.08
C GLN F 150 -3.86 53.24 -25.47
N TRP F 151 -4.28 52.25 -26.25
CA TRP F 151 -3.71 52.03 -27.56
C TRP F 151 -4.59 52.52 -28.67
N LYS F 152 -3.98 53.13 -29.69
CA LYS F 152 -4.72 53.64 -30.84
C LYS F 152 -4.04 53.19 -32.11
N VAL F 153 -4.79 52.49 -32.94
CA VAL F 153 -4.31 51.98 -34.23
C VAL F 153 -5.08 52.72 -35.32
N ASP F 154 -4.36 53.54 -36.12
CA ASP F 154 -4.95 54.40 -37.15
C ASP F 154 -5.96 55.37 -36.47
N ASN F 155 -5.64 55.79 -35.22
CA ASN F 155 -6.39 56.68 -34.33
C ASN F 155 -7.65 56.04 -33.67
N ALA F 156 -7.90 54.72 -33.89
CA ALA F 156 -9.04 54.01 -33.31
C ALA F 156 -8.65 53.35 -32.00
N LEU F 157 -9.27 53.76 -30.87
CA LEU F 157 -8.96 53.18 -29.56
C LEU F 157 -9.16 51.67 -29.55
N GLN F 158 -8.16 50.98 -29.01
CA GLN F 158 -8.15 49.53 -28.92
C GLN F 158 -8.72 49.03 -27.60
N ASN F 161 -7.14 43.92 -26.32
CA ASN F 161 -5.98 43.36 -27.03
C ASN F 161 -4.63 43.80 -26.41
N SER F 162 -4.70 44.29 -25.18
CA SER F 162 -3.53 44.75 -24.45
C SER F 162 -3.52 44.25 -23.01
N GLN F 163 -2.31 44.00 -22.49
CA GLN F 163 -2.07 43.59 -21.12
C GLN F 163 -0.95 44.41 -20.50
N GLU F 164 -1.11 44.76 -19.21
CA GLU F 164 -0.18 45.63 -18.48
C GLU F 164 0.44 44.92 -17.29
N SER F 165 1.69 45.29 -16.97
CA SER F 165 2.41 44.77 -15.81
C SER F 165 3.27 45.87 -15.21
N VAL F 166 3.28 45.95 -13.87
CA VAL F 166 4.01 46.97 -13.11
C VAL F 166 5.06 46.32 -12.23
N THR F 167 6.22 47.00 -12.10
CA THR F 167 7.30 46.58 -11.23
C THR F 167 6.98 46.94 -9.78
N GLU F 168 7.72 46.35 -8.84
CA GLU F 168 7.60 46.69 -7.44
C GLU F 168 8.30 48.03 -7.27
N GLN F 169 7.89 48.82 -6.27
CA GLN F 169 8.51 50.12 -6.02
C GLN F 169 10.02 50.01 -5.98
N ASP F 170 10.74 50.84 -6.75
CA ASP F 170 12.19 50.77 -6.80
C ASP F 170 12.80 50.98 -5.43
N SER F 171 13.70 50.05 -5.06
CA SER F 171 14.39 50.01 -3.78
C SER F 171 15.12 51.31 -3.43
N LYS F 172 15.68 51.98 -4.45
CA LYS F 172 16.46 53.18 -4.19
C LYS F 172 15.80 54.50 -4.66
N ASP F 173 15.13 54.55 -5.82
CA ASP F 173 14.52 55.83 -6.24
C ASP F 173 13.02 55.93 -5.94
N SER F 174 12.42 54.84 -5.40
CA SER F 174 11.00 54.75 -5.00
C SER F 174 9.98 54.97 -6.15
N THR F 175 10.39 54.69 -7.39
CA THR F 175 9.50 54.84 -8.55
C THR F 175 8.97 53.49 -9.05
N TYR F 176 8.06 53.55 -10.02
CA TYR F 176 7.50 52.36 -10.67
C TYR F 176 7.73 52.45 -12.16
N SER F 177 7.62 51.33 -12.86
CA SER F 177 7.68 51.26 -14.31
C SER F 177 6.57 50.33 -14.77
N LEU F 178 6.02 50.58 -15.95
CA LEU F 178 4.91 49.79 -16.48
C LEU F 178 5.15 49.37 -17.93
N SER F 179 4.78 48.12 -18.27
CA SER F 179 4.83 47.61 -19.66
C SER F 179 3.40 47.43 -20.13
N SER F 180 3.11 47.87 -21.34
CA SER F 180 1.81 47.68 -21.96
C SER F 180 2.06 46.96 -23.27
N THR F 181 1.48 45.77 -23.43
CA THR F 181 1.71 44.99 -24.64
C THR F 181 0.45 44.83 -25.47
N LEU F 182 0.53 45.26 -26.74
CA LEU F 182 -0.53 45.15 -27.73
C LEU F 182 -0.29 43.95 -28.62
N THR F 183 -1.24 43.01 -28.65
CA THR F 183 -1.10 41.81 -29.46
C THR F 183 -2.08 41.82 -30.63
N LEU F 184 -1.55 41.56 -31.85
CA LEU F 184 -2.31 41.45 -33.10
C LEU F 184 -1.79 40.32 -33.98
N SER F 185 -2.64 39.80 -34.89
CA SER F 185 -2.19 38.85 -35.91
C SER F 185 -1.36 39.68 -36.89
N LYS F 186 -0.38 39.06 -37.59
CA LYS F 186 0.41 39.79 -38.58
C LYS F 186 -0.56 40.40 -39.61
N ALA F 187 -1.60 39.64 -40.02
CA ALA F 187 -2.63 40.09 -40.96
C ALA F 187 -3.28 41.40 -40.52
N ASP F 188 -3.83 41.45 -39.30
CA ASP F 188 -4.45 42.67 -38.75
C ASP F 188 -3.42 43.77 -38.57
N TYR F 189 -2.18 43.40 -38.20
CA TYR F 189 -1.08 44.34 -38.04
C TYR F 189 -0.71 45.02 -39.37
N GLU F 190 -0.64 44.25 -40.45
CA GLU F 190 -0.27 44.73 -41.77
C GLU F 190 -1.35 45.60 -42.43
N LYS F 191 -2.64 45.47 -42.00
CA LYS F 191 -3.72 46.28 -42.57
C LYS F 191 -3.92 47.64 -41.85
N HIS F 192 -2.88 48.15 -41.15
CA HIS F 192 -2.91 49.45 -40.47
C HIS F 192 -1.53 50.10 -40.54
N LYS F 193 -1.46 51.42 -40.43
CA LYS F 193 -0.18 52.12 -40.55
C LYS F 193 0.38 52.73 -39.25
N VAL F 194 -0.37 53.63 -38.60
CA VAL F 194 0.08 54.33 -37.39
C VAL F 194 -0.26 53.59 -36.08
N TYR F 195 0.75 53.41 -35.23
CA TYR F 195 0.64 52.74 -33.94
C TYR F 195 1.03 53.67 -32.83
N ALA F 196 0.07 54.02 -31.96
CA ALA F 196 0.30 54.97 -30.89
C ALA F 196 -0.09 54.51 -29.48
N CYS F 197 0.75 54.90 -28.52
CA CYS F 197 0.60 54.66 -27.11
C CYS F 197 0.39 56.05 -26.45
N GLU F 198 -0.80 56.29 -25.84
CA GLU F 198 -1.10 57.56 -25.17
C GLU F 198 -1.15 57.34 -23.66
N VAL F 199 -0.25 58.02 -22.93
CA VAL F 199 -0.10 57.88 -21.47
C VAL F 199 -0.70 59.07 -20.72
N THR F 200 -1.40 58.78 -19.61
CA THR F 200 -2.00 59.78 -18.74
C THR F 200 -1.46 59.58 -17.32
N HIS F 201 -0.84 60.63 -16.75
CA HIS F 201 -0.27 60.59 -15.40
C HIS F 201 -0.29 61.94 -14.74
N GLN F 202 -0.38 61.93 -13.40
CA GLN F 202 -0.34 63.07 -12.49
C GLN F 202 0.77 64.07 -12.85
N GLY F 203 2.00 63.57 -13.00
CA GLY F 203 3.19 64.38 -13.34
C GLY F 203 3.26 64.94 -14.74
N LEU F 204 2.21 64.69 -15.58
CA LEU F 204 2.12 65.18 -16.97
C LEU F 204 0.92 66.11 -17.12
N SER F 205 1.19 67.37 -17.49
CA SER F 205 0.17 68.40 -17.71
C SER F 205 -0.93 67.88 -18.65
N SER F 206 -0.52 67.36 -19.82
CA SER F 206 -1.39 66.78 -20.83
C SER F 206 -0.87 65.39 -21.27
N PRO F 207 -1.75 64.46 -21.78
CA PRO F 207 -1.26 63.16 -22.25
C PRO F 207 -0.03 63.21 -23.16
N VAL F 208 0.86 62.23 -22.98
CA VAL F 208 2.06 62.06 -23.80
C VAL F 208 1.76 60.92 -24.78
N THR F 209 2.01 61.14 -26.08
CA THR F 209 1.84 60.11 -27.09
C THR F 209 3.19 59.80 -27.72
N LYS F 210 3.42 58.50 -27.97
CA LYS F 210 4.58 57.95 -28.67
C LYS F 210 4.00 57.03 -29.74
N SER F 211 4.42 57.24 -30.98
CA SER F 211 3.91 56.42 -32.08
C SER F 211 4.96 56.17 -33.15
N PHE F 212 4.66 55.23 -34.03
CA PHE F 212 5.49 54.91 -35.19
C PHE F 212 4.56 54.53 -36.33
N ASN F 213 5.13 54.47 -37.53
CA ASN F 213 4.41 54.09 -38.74
C ASN F 213 4.95 52.74 -39.16
N ARG F 214 4.08 51.79 -39.47
CA ARG F 214 4.50 50.46 -39.88
C ARG F 214 5.35 50.44 -41.20
N GLY F 215 5.52 51.58 -41.86
CA GLY F 215 6.31 51.65 -43.09
C GLY F 215 7.65 52.32 -42.88
N GLU F 216 8.42 51.88 -41.87
CA GLU F 216 9.74 52.47 -41.57
C GLU F 216 10.83 51.66 -42.27
#